data_7XJ3
#
_entry.id   7XJ3
#
_cell.length_a   1.00
_cell.length_b   1.00
_cell.length_c   1.00
_cell.angle_alpha   90.00
_cell.angle_beta   90.00
_cell.angle_gamma   90.00
#
_symmetry.space_group_name_H-M   'P 1'
#
loop_
_entity.id
_entity.type
_entity.pdbx_description
1 polymer 'fusion of transient receptor potential cation channel subfamily V member 3 and 3C-GFP'
2 non-polymer '[(2~{R})-1-[2-azanylethoxy(oxidanyl)phosphoryl]oxy-3-hexadecanoyloxy-propan-2-yl] (~{Z})-octadec-9-enoate'
#
_entity_poly.entity_id   1
_entity_poly.type   'polypeptide(L)'
_entity_poly.pdbx_seq_one_letter_code
;MKAHPKEMVPLMGKRVAAPSGNPAILPEKRPAEITPTKKSAHFFLEIEGFEPNPTVAKTSPPVFSKPMDSNIRQCISGNC
DDMDSPQSPQDDVTETPSNPNSPSAQLAKEEQRRKKRRLKKRIFAAVSEGCVEELVELLVELQELCRRRHDEDVPDFLMH
KLTASDTGKTCLMKALLNINPNTKEIVRILLAFAEENDILGRFINAEYTEEAYEGQTALNIAIERRQGDIAALLIAAGAD
VNAHAKGAFFNPKYQHEGFYFGETPLALAACTNQPEIVQLLMEHEQTDITSRDSRGNNILHALVTVAEDFKTQNDFVKRM
YDMILLRSGNWELETTRNNDGLTPLQLAAKMGKAEILKYILSREIKEKRLRSLSRKFTDWAYGPVSSSLYDLTNVDTTTD
NSVLEITVYNTNIDNRHEMLTLEPLHTLLHMKWKKFAKHMFFLSFCFYFFYNITLTLVSYYRPREEEAIPHPLALTHKMG
WLQLLGRMFVLIWAMCISVKEGIAIFLLRPSDLQSILSDAWFHFVFFIQAVLVILSVFLYLFAYKEYLACLVLAMALGWA
NMLYYTRGFQSMGMYSVMIQKVILHDVLKFLFVYIVFLLGFGVALASLIEKCPKDNKDCSSYGSFSDAVLELFKLTIGLG
DLNIQQNSKYPILFLFLLITYVILTFVLLLNMLIALMGETVENVSKESERIWRLQRARTILEFEKMLPEWLRSRFRMGEL
CKVAEDDFRLCLRINEVKWTEWKTHVSFLNEDPGPVRRTADFNKIQDSSRNNSKTTLNAFEEVEEFPETSVLEVLFQGPS
KGEELFTGVVPILVELDGDVNGHKFSVRGEGEGDATNGKLTLKFICTTGKLPVPWPTLVTTLTYGVQCFSRYPDHMKRHD
FFKSAMPEGYVQERTISFKDDGTYKTRAEVKFEGDTLVNRIELKGIDFKEDGNILGHKLEYNFNSHNVYITADKQKNGIK
ANFKIRHNVEDGSVQLADHYQQNTPIGDGPVLLPDNHYLSTQSVLSKDPNEKRDHMVLLEFVTAAGITHGMDEWSHPQFE
KGGGSGGGSGGSAWSHPQFEK
;
_entity_poly.pdbx_strand_id   B,C,A,D
#
loop_
_chem_comp.id
_chem_comp.type
_chem_comp.name
_chem_comp.formula
6OU non-polymer '[(2~{R})-1-[2-azanylethoxy(oxidanyl)phosphoryl]oxy-3-hexadecanoyloxy-propan-2-yl] (~{Z})-octadec-9-enoate' 'C39 H76 N O8 P'
#
# COMPACT_ATOMS: atom_id res chain seq x y z
N ARG A 118 -29.71 -58.72 29.88
CA ARG A 118 -28.65 -58.83 28.88
C ARG A 118 -29.23 -58.85 27.47
N LEU A 119 -30.49 -58.42 27.34
CA LEU A 119 -31.11 -58.32 26.03
C LEU A 119 -31.11 -56.90 25.52
N LYS A 120 -31.45 -55.94 26.38
CA LYS A 120 -31.43 -54.53 25.98
C LYS A 120 -30.03 -54.10 25.56
N LYS A 121 -29.03 -54.46 26.37
CA LYS A 121 -27.65 -54.10 26.03
C LYS A 121 -27.22 -54.73 24.72
N ARG A 122 -27.61 -55.99 24.48
CA ARG A 122 -27.25 -56.66 23.24
C ARG A 122 -27.90 -55.98 22.04
N ILE A 123 -29.17 -55.58 22.18
CA ILE A 123 -29.85 -54.88 21.09
C ILE A 123 -29.16 -53.56 20.80
N PHE A 124 -28.85 -52.80 21.86
CA PHE A 124 -28.19 -51.51 21.69
C PHE A 124 -26.85 -51.67 20.99
N ALA A 125 -26.06 -52.65 21.42
CA ALA A 125 -24.76 -52.87 20.81
C ALA A 125 -24.89 -53.27 19.35
N ALA A 126 -25.85 -54.15 19.05
CA ALA A 126 -26.02 -54.61 17.68
C ALA A 126 -26.48 -53.49 16.76
N VAL A 127 -27.28 -52.56 17.27
CA VAL A 127 -27.78 -51.49 16.41
C VAL A 127 -26.79 -50.33 16.31
N SER A 128 -25.96 -50.12 17.33
CA SER A 128 -24.98 -49.04 17.27
C SER A 128 -23.75 -49.46 16.48
N GLU A 129 -23.22 -50.65 16.76
CA GLU A 129 -21.99 -51.09 16.10
C GLU A 129 -22.17 -51.23 14.60
N GLY A 130 -23.38 -51.59 14.16
CA GLY A 130 -23.64 -51.77 12.75
C GLY A 130 -22.76 -52.78 12.07
N CYS A 131 -22.12 -53.67 12.85
CA CYS A 131 -21.26 -54.70 12.27
C CYS A 131 -22.04 -55.69 11.42
N VAL A 132 -23.33 -55.86 11.69
CA VAL A 132 -24.17 -56.76 10.90
C VAL A 132 -25.62 -56.44 11.21
N GLU A 133 -26.49 -56.64 10.22
CA GLU A 133 -27.92 -56.60 10.44
C GLU A 133 -28.48 -57.97 10.80
N GLU A 134 -27.75 -59.05 10.52
CA GLU A 134 -28.21 -60.38 10.89
C GLU A 134 -28.30 -60.55 12.40
N LEU A 135 -27.36 -59.94 13.13
CA LEU A 135 -27.39 -60.05 14.58
C LEU A 135 -28.62 -59.37 15.17
N VAL A 136 -28.92 -58.16 14.69
CA VAL A 136 -30.12 -57.49 15.20
C VAL A 136 -31.37 -58.20 14.73
N GLU A 137 -31.33 -58.83 13.55
CA GLU A 137 -32.46 -59.64 13.10
C GLU A 137 -32.74 -60.78 14.08
N LEU A 138 -31.69 -61.53 14.43
CA LEU A 138 -31.86 -62.64 15.37
C LEU A 138 -32.30 -62.13 16.74
N LEU A 139 -31.74 -61.01 17.19
CA LEU A 139 -32.11 -60.48 18.50
C LEU A 139 -33.56 -60.04 18.51
N VAL A 140 -34.04 -59.44 17.42
CA VAL A 140 -35.43 -59.01 17.36
C VAL A 140 -36.35 -60.23 17.29
N GLU A 141 -35.93 -61.27 16.59
CA GLU A 141 -36.70 -62.52 16.60
C GLU A 141 -36.83 -63.07 18.00
N LEU A 142 -35.72 -63.08 18.76
CA LEU A 142 -35.76 -63.58 20.13
C LEU A 142 -36.64 -62.69 21.01
N GLN A 143 -36.59 -61.37 20.79
CA GLN A 143 -37.41 -60.46 21.58
C GLN A 143 -38.89 -60.69 21.31
N GLU A 144 -39.25 -60.88 20.04
CA GLU A 144 -40.65 -61.16 19.71
C GLU A 144 -41.09 -62.49 20.29
N LEU A 145 -40.19 -63.49 20.27
CA LEU A 145 -40.52 -64.78 20.87
C LEU A 145 -40.76 -64.64 22.36
N CYS A 146 -39.93 -63.84 23.05
CA CYS A 146 -40.15 -63.59 24.46
C CYS A 146 -41.46 -62.86 24.70
N ARG A 147 -41.81 -61.92 23.81
CA ARG A 147 -43.05 -61.18 23.91
C ARG A 147 -44.27 -62.02 23.61
N ARG A 148 -44.12 -63.13 22.89
CA ARG A 148 -45.25 -63.97 22.53
C ARG A 148 -45.96 -64.58 23.73
N ARG A 149 -45.34 -64.56 24.91
CA ARG A 149 -46.00 -65.05 26.12
C ARG A 149 -46.74 -63.93 26.83
N VAL A 154 -48.97 -55.28 27.37
CA VAL A 154 -48.43 -56.01 26.23
C VAL A 154 -47.49 -55.15 25.37
N PRO A 155 -47.88 -53.91 25.03
CA PRO A 155 -46.90 -53.05 24.34
C PRO A 155 -45.98 -52.33 25.32
N ASP A 156 -46.45 -52.06 26.54
CA ASP A 156 -45.60 -51.41 27.54
C ASP A 156 -44.38 -52.27 27.85
N PHE A 157 -44.52 -53.58 27.78
CA PHE A 157 -43.37 -54.47 27.88
C PHE A 157 -42.34 -54.13 26.82
N LEU A 158 -42.77 -54.00 25.57
CA LEU A 158 -41.85 -53.68 24.49
C LEU A 158 -41.21 -52.31 24.69
N MET A 159 -42.00 -51.34 25.15
CA MET A 159 -41.45 -50.02 25.40
C MET A 159 -40.35 -50.07 26.46
N HIS A 160 -40.68 -50.58 27.65
CA HIS A 160 -39.72 -50.60 28.74
C HIS A 160 -38.51 -51.47 28.40
N LYS A 161 -38.66 -52.45 27.51
CA LYS A 161 -37.53 -53.27 27.11
C LYS A 161 -36.81 -52.74 25.89
N LEU A 162 -37.27 -51.64 25.29
CA LEU A 162 -36.64 -51.09 24.11
C LEU A 162 -35.96 -49.74 24.35
N THR A 163 -36.21 -49.10 25.48
CA THR A 163 -35.64 -47.79 25.74
C THR A 163 -34.82 -47.82 27.02
N ALA A 164 -34.01 -46.79 27.19
CA ALA A 164 -33.24 -46.59 28.41
C ALA A 164 -34.05 -45.71 29.34
N SER A 165 -34.33 -46.19 30.55
CA SER A 165 -35.16 -45.43 31.47
C SER A 165 -34.42 -44.25 32.08
N ASP A 166 -33.09 -44.33 32.18
CA ASP A 166 -32.34 -43.27 32.84
C ASP A 166 -32.30 -42.00 32.00
N THR A 167 -32.27 -42.15 30.68
CA THR A 167 -32.20 -40.99 29.80
C THR A 167 -33.19 -41.03 28.63
N GLY A 168 -34.27 -41.80 28.73
CA GLY A 168 -35.35 -41.75 27.77
C GLY A 168 -35.01 -42.18 26.36
N LYS A 169 -33.73 -42.40 26.06
CA LYS A 169 -33.33 -42.63 24.67
C LYS A 169 -33.66 -44.05 24.23
N THR A 170 -34.29 -44.17 23.06
CA THR A 170 -34.66 -45.48 22.53
C THR A 170 -33.61 -45.98 21.54
N CYS A 171 -33.93 -47.07 20.86
CA CYS A 171 -32.98 -47.65 19.92
C CYS A 171 -32.90 -46.87 18.62
N LEU A 172 -33.97 -46.18 18.23
CA LEU A 172 -33.91 -45.42 16.98
C LEU A 172 -32.93 -44.27 17.09
N MET A 173 -32.89 -43.61 18.25
CA MET A 173 -31.93 -42.53 18.44
C MET A 173 -30.51 -43.07 18.52
N LYS A 174 -30.31 -44.18 19.24
CA LYS A 174 -28.99 -44.82 19.27
C LYS A 174 -28.60 -45.37 17.91
N ALA A 175 -29.55 -45.53 17.00
CA ALA A 175 -29.22 -45.97 15.65
C ALA A 175 -28.84 -44.81 14.76
N LEU A 176 -29.56 -43.70 14.87
CA LEU A 176 -29.30 -42.55 14.01
C LEU A 176 -28.13 -41.71 14.48
N LEU A 177 -27.73 -41.84 15.75
CA LEU A 177 -26.62 -41.04 16.25
C LEU A 177 -25.29 -41.45 15.64
N ASN A 178 -25.08 -42.76 15.44
CA ASN A 178 -23.83 -43.30 14.90
C ASN A 178 -24.16 -43.96 13.57
N ILE A 179 -24.08 -43.20 12.48
CA ILE A 179 -24.48 -43.71 11.17
C ILE A 179 -23.29 -44.41 10.54
N ASN A 180 -23.51 -45.66 10.13
CA ASN A 180 -22.59 -46.46 9.34
C ASN A 180 -23.21 -46.74 7.99
N PRO A 181 -22.41 -47.17 7.00
CA PRO A 181 -22.96 -47.34 5.64
C PRO A 181 -24.13 -48.30 5.53
N ASN A 182 -24.51 -48.96 6.63
CA ASN A 182 -25.61 -49.92 6.62
C ASN A 182 -26.71 -49.55 7.59
N THR A 183 -26.99 -48.26 7.76
CA THR A 183 -28.03 -47.82 8.70
C THR A 183 -29.40 -47.70 8.05
N LYS A 184 -29.47 -47.44 6.75
CA LYS A 184 -30.76 -47.33 6.08
C LYS A 184 -31.53 -48.64 6.12
N GLU A 185 -30.85 -49.75 6.39
CA GLU A 185 -31.53 -51.03 6.57
C GLU A 185 -31.96 -51.25 8.01
N ILE A 186 -31.14 -50.81 8.97
CA ILE A 186 -31.48 -51.00 10.37
C ILE A 186 -32.68 -50.15 10.76
N VAL A 187 -32.75 -48.91 10.25
CA VAL A 187 -33.92 -48.10 10.51
C VAL A 187 -35.17 -48.76 9.95
N ARG A 188 -35.08 -49.23 8.71
CA ARG A 188 -36.22 -49.90 8.08
C ARG A 188 -36.68 -51.08 8.90
N ILE A 189 -35.75 -51.97 9.27
CA ILE A 189 -36.11 -53.17 10.02
C ILE A 189 -36.70 -52.80 11.37
N LEU A 190 -36.13 -51.79 12.04
CA LEU A 190 -36.61 -51.43 13.36
C LEU A 190 -38.04 -50.91 13.31
N LEU A 191 -38.31 -49.94 12.44
CA LEU A 191 -39.67 -49.42 12.40
C LEU A 191 -40.65 -50.43 11.80
N ALA A 192 -40.18 -51.34 10.96
CA ALA A 192 -41.06 -52.40 10.46
C ALA A 192 -41.46 -53.34 11.59
N PHE A 193 -40.50 -53.72 12.43
CA PHE A 193 -40.84 -54.52 13.60
C PHE A 193 -41.79 -53.78 14.52
N ALA A 194 -41.56 -52.48 14.72
CA ALA A 194 -42.45 -51.72 15.58
C ALA A 194 -43.85 -51.61 14.99
N GLU A 195 -43.96 -51.61 13.67
CA GLU A 195 -45.28 -51.56 13.04
C GLU A 195 -45.98 -52.92 13.09
N GLU A 196 -45.22 -54.01 12.99
CA GLU A 196 -45.82 -55.34 13.04
C GLU A 196 -46.42 -55.67 14.39
N ASN A 197 -46.16 -54.86 15.41
CA ASN A 197 -46.75 -55.05 16.73
C ASN A 197 -47.67 -53.90 17.12
N ASP A 198 -47.91 -52.96 16.21
CA ASP A 198 -48.81 -51.81 16.44
C ASP A 198 -48.36 -51.00 17.65
N ILE A 199 -47.13 -50.49 17.57
CA ILE A 199 -46.60 -49.60 18.59
C ILE A 199 -45.95 -48.39 17.92
N LEU A 200 -45.98 -48.37 16.58
CA LEU A 200 -45.22 -47.37 15.82
C LEU A 200 -45.44 -45.95 16.31
N GLY A 201 -46.66 -45.63 16.72
CA GLY A 201 -46.98 -44.30 17.20
C GLY A 201 -46.12 -43.88 18.38
N ARG A 202 -46.31 -44.53 19.53
CA ARG A 202 -45.56 -44.16 20.72
C ARG A 202 -44.07 -44.48 20.61
N PHE A 203 -43.64 -45.12 19.52
CA PHE A 203 -42.24 -45.50 19.36
C PHE A 203 -41.46 -44.49 18.54
N ILE A 204 -41.92 -44.20 17.31
CA ILE A 204 -41.22 -43.25 16.47
C ILE A 204 -41.33 -41.82 16.98
N ASN A 205 -42.25 -41.57 17.90
CA ASN A 205 -42.49 -40.24 18.45
C ASN A 205 -41.92 -40.09 19.86
N ALA A 206 -41.04 -41.01 20.25
CA ALA A 206 -40.47 -40.96 21.58
C ALA A 206 -39.55 -39.76 21.71
N GLU A 207 -39.47 -39.22 22.92
CA GLU A 207 -38.70 -38.02 23.19
C GLU A 207 -37.81 -38.25 24.41
N TYR A 208 -36.71 -37.52 24.46
CA TYR A 208 -35.85 -37.57 25.64
C TYR A 208 -36.63 -37.13 26.87
N THR A 209 -36.04 -37.39 28.03
CA THR A 209 -36.58 -36.93 29.30
C THR A 209 -35.56 -36.25 30.19
N GLU A 210 -34.27 -36.33 29.87
CA GLU A 210 -33.26 -35.64 30.67
C GLU A 210 -33.50 -34.15 30.63
N GLU A 211 -33.30 -33.49 31.77
CA GLU A 211 -33.60 -32.06 31.86
C GLU A 211 -32.69 -31.20 31.01
N ALA A 212 -31.77 -31.81 30.23
CA ALA A 212 -30.82 -31.05 29.44
C ALA A 212 -31.14 -31.05 27.95
N TYR A 213 -31.64 -32.15 27.40
CA TYR A 213 -32.00 -32.19 25.99
C TYR A 213 -33.47 -32.54 25.82
N GLU A 214 -34.34 -31.93 26.61
CA GLU A 214 -35.75 -32.29 26.58
C GLU A 214 -36.31 -32.17 25.18
N GLY A 215 -37.34 -32.96 24.90
CA GLY A 215 -38.11 -32.81 23.69
C GLY A 215 -37.45 -33.31 22.41
N GLN A 216 -36.16 -33.60 22.43
CA GLN A 216 -35.49 -34.08 21.23
C GLN A 216 -36.13 -35.39 20.76
N THR A 217 -36.25 -35.55 19.45
CA THR A 217 -36.85 -36.75 18.86
C THR A 217 -35.90 -37.35 17.83
N ALA A 218 -36.41 -38.33 17.09
CA ALA A 218 -35.59 -38.96 16.04
C ALA A 218 -35.38 -38.05 14.85
N LEU A 219 -36.29 -37.09 14.63
CA LEU A 219 -36.18 -36.24 13.47
C LEU A 219 -35.04 -35.24 13.61
N ASN A 220 -34.86 -34.67 14.81
CA ASN A 220 -33.74 -33.76 15.01
C ASN A 220 -32.42 -34.47 14.79
N ILE A 221 -32.31 -35.73 15.19
CA ILE A 221 -31.06 -36.44 15.02
C ILE A 221 -30.87 -36.82 13.56
N ALA A 222 -31.96 -37.11 12.85
CA ALA A 222 -31.83 -37.46 11.46
C ALA A 222 -31.57 -36.25 10.58
N ILE A 223 -31.82 -35.05 11.09
CA ILE A 223 -31.51 -33.84 10.31
C ILE A 223 -30.16 -33.26 10.69
N GLU A 224 -29.79 -33.29 11.97
CA GLU A 224 -28.49 -32.73 12.38
C GLU A 224 -27.34 -33.52 11.77
N ARG A 225 -27.55 -34.79 11.44
CA ARG A 225 -26.56 -35.61 10.77
C ARG A 225 -26.69 -35.56 9.25
N ARG A 226 -27.48 -34.63 8.73
CA ARG A 226 -27.55 -34.34 7.30
C ARG A 226 -28.04 -35.53 6.50
N GLN A 227 -28.85 -36.39 7.11
CA GLN A 227 -29.44 -37.53 6.41
C GLN A 227 -30.79 -37.13 5.83
N GLY A 228 -30.89 -37.17 4.50
CA GLY A 228 -32.13 -36.79 3.85
C GLY A 228 -33.09 -37.95 3.61
N ASP A 229 -32.54 -39.06 3.10
CA ASP A 229 -33.38 -40.22 2.81
C ASP A 229 -34.08 -40.74 4.05
N ILE A 230 -33.32 -40.96 5.12
CA ILE A 230 -33.94 -41.40 6.37
C ILE A 230 -34.87 -40.31 6.91
N ALA A 231 -34.55 -39.05 6.66
CA ALA A 231 -35.42 -37.97 7.11
C ALA A 231 -36.81 -38.11 6.49
N ALA A 232 -36.86 -38.29 5.17
CA ALA A 232 -38.16 -38.51 4.52
C ALA A 232 -38.79 -39.81 4.99
N LEU A 233 -37.97 -40.82 5.25
CA LEU A 233 -38.49 -42.11 5.69
C LEU A 233 -39.23 -41.98 7.02
N LEU A 234 -38.71 -41.16 7.93
CA LEU A 234 -39.40 -40.96 9.20
C LEU A 234 -40.54 -39.97 9.08
N ILE A 235 -40.39 -38.96 8.23
CA ILE A 235 -41.49 -38.01 8.02
C ILE A 235 -42.72 -38.73 7.50
N ALA A 236 -42.54 -39.65 6.56
CA ALA A 236 -43.67 -40.33 5.95
C ALA A 236 -44.31 -41.36 6.89
N ALA A 237 -43.59 -41.82 7.91
CA ALA A 237 -44.07 -42.90 8.75
C ALA A 237 -44.94 -42.43 9.90
N GLY A 238 -45.08 -41.13 10.10
CA GLY A 238 -45.92 -40.63 11.17
C GLY A 238 -45.17 -39.95 12.28
N ALA A 239 -44.05 -39.32 11.95
CA ALA A 239 -43.27 -38.58 12.93
C ALA A 239 -43.89 -37.21 13.17
N ASP A 240 -43.72 -36.69 14.37
CA ASP A 240 -44.23 -35.36 14.68
C ASP A 240 -43.31 -34.31 14.09
N VAL A 241 -43.86 -33.46 13.22
CA VAL A 241 -43.06 -32.42 12.57
C VAL A 241 -43.05 -31.12 13.35
N ASN A 242 -43.78 -31.02 14.45
CA ASN A 242 -43.77 -29.85 15.30
C ASN A 242 -43.03 -30.09 16.61
N ALA A 243 -42.06 -30.99 16.58
CA ALA A 243 -41.35 -31.38 17.80
C ALA A 243 -40.55 -30.21 18.34
N HIS A 244 -40.93 -29.71 19.51
CA HIS A 244 -40.23 -28.60 20.15
C HIS A 244 -39.14 -29.13 21.05
N ALA A 245 -37.89 -28.85 20.68
CA ALA A 245 -36.74 -29.33 21.45
C ALA A 245 -36.41 -28.34 22.57
N LYS A 246 -37.39 -28.13 23.44
CA LYS A 246 -37.31 -27.11 24.50
C LYS A 246 -36.38 -27.61 25.60
N GLY A 247 -35.08 -27.67 25.27
CA GLY A 247 -34.11 -28.23 26.18
C GLY A 247 -33.22 -27.15 26.76
N ALA A 248 -32.27 -27.58 27.59
CA ALA A 248 -31.29 -26.66 28.14
C ALA A 248 -30.03 -26.59 27.29
N PHE A 249 -29.85 -27.51 26.37
CA PHE A 249 -28.76 -27.43 25.40
C PHE A 249 -29.18 -26.71 24.13
N PHE A 250 -30.48 -26.54 23.91
CA PHE A 250 -30.97 -25.87 22.71
C PHE A 250 -31.50 -24.48 22.99
N ASN A 251 -31.52 -24.03 24.24
CA ASN A 251 -31.88 -22.67 24.61
C ASN A 251 -30.89 -22.21 25.68
N PRO A 252 -29.63 -22.02 25.30
CA PRO A 252 -28.57 -21.83 26.30
C PRO A 252 -28.56 -20.41 26.86
N LYS A 253 -27.68 -20.23 27.85
CA LYS A 253 -27.49 -18.90 28.44
C LYS A 253 -26.25 -18.23 27.86
N TYR A 254 -25.11 -18.90 27.93
CA TYR A 254 -23.85 -18.40 27.38
C TYR A 254 -23.47 -19.25 26.17
N GLN A 255 -22.98 -18.59 25.12
CA GLN A 255 -22.69 -19.29 23.87
C GLN A 255 -21.52 -20.24 24.05
N HIS A 256 -21.21 -20.96 22.97
CA HIS A 256 -20.10 -21.91 22.89
C HIS A 256 -20.37 -23.17 23.69
N GLU A 257 -21.45 -23.17 24.47
CA GLU A 257 -21.97 -24.38 25.11
C GLU A 257 -23.47 -24.38 24.85
N GLY A 258 -23.85 -24.89 23.68
CA GLY A 258 -25.23 -24.82 23.27
C GLY A 258 -25.42 -24.28 21.87
N PHE A 259 -26.48 -24.72 21.20
CA PHE A 259 -26.78 -24.29 19.84
C PHE A 259 -28.25 -23.93 19.81
N TYR A 260 -28.56 -22.66 19.60
CA TYR A 260 -29.94 -22.19 19.48
C TYR A 260 -30.28 -22.02 18.01
N PHE A 261 -31.26 -22.78 17.54
CA PHE A 261 -31.59 -22.81 16.13
C PHE A 261 -33.05 -22.51 15.82
N GLY A 262 -33.94 -22.55 16.80
CA GLY A 262 -35.34 -22.27 16.55
C GLY A 262 -36.24 -23.29 17.19
N GLU A 263 -35.67 -24.41 17.61
CA GLU A 263 -36.37 -25.44 18.35
C GLU A 263 -37.49 -26.09 17.54
N THR A 264 -37.34 -26.16 16.22
CA THR A 264 -38.30 -26.89 15.39
C THR A 264 -37.54 -27.52 14.25
N PRO A 265 -37.87 -28.75 13.88
CA PRO A 265 -37.18 -29.40 12.76
C PRO A 265 -37.10 -28.53 11.51
N LEU A 266 -38.10 -27.70 11.25
CA LEU A 266 -38.00 -26.77 10.14
C LEU A 266 -36.85 -25.79 10.34
N ALA A 267 -36.77 -25.19 11.53
CA ALA A 267 -35.72 -24.22 11.77
C ALA A 267 -34.35 -24.87 11.86
N LEU A 268 -34.30 -26.14 12.27
CA LEU A 268 -33.01 -26.83 12.32
C LEU A 268 -32.55 -27.21 10.92
N ALA A 269 -33.49 -27.55 10.04
CA ALA A 269 -33.12 -27.84 8.66
C ALA A 269 -32.80 -26.57 7.89
N ALA A 270 -33.28 -25.42 8.36
CA ALA A 270 -33.00 -24.17 7.69
C ALA A 270 -31.74 -23.48 8.20
N CYS A 271 -31.36 -23.68 9.46
CA CYS A 271 -30.17 -23.05 10.01
C CYS A 271 -28.88 -23.78 9.67
N THR A 272 -28.93 -25.09 9.44
CA THR A 272 -27.75 -25.84 9.02
C THR A 272 -27.71 -26.05 7.51
N ASN A 273 -28.37 -25.17 6.75
CA ASN A 273 -28.21 -25.09 5.30
C ASN A 273 -28.51 -26.43 4.61
N GLN A 274 -29.77 -26.83 4.70
CA GLN A 274 -30.29 -27.97 3.96
C GLN A 274 -31.55 -27.55 3.27
N PRO A 275 -31.46 -27.05 2.04
CA PRO A 275 -32.68 -26.59 1.37
C PRO A 275 -33.62 -27.72 1.00
N GLU A 276 -33.09 -28.90 0.68
CA GLU A 276 -33.94 -30.02 0.28
C GLU A 276 -34.90 -30.40 1.39
N ILE A 277 -34.41 -30.51 2.62
CA ILE A 277 -35.28 -30.88 3.73
C ILE A 277 -36.25 -29.76 4.05
N VAL A 278 -35.87 -28.50 3.81
CA VAL A 278 -36.84 -27.43 4.01
C VAL A 278 -37.98 -27.55 3.01
N GLN A 279 -37.66 -27.82 1.74
CA GLN A 279 -38.72 -28.00 0.76
C GLN A 279 -39.60 -29.18 1.13
N LEU A 280 -38.99 -30.29 1.52
CA LEU A 280 -39.77 -31.48 1.86
C LEU A 280 -40.63 -31.24 3.10
N LEU A 281 -40.18 -30.36 4.00
CA LEU A 281 -40.94 -30.11 5.22
C LEU A 281 -42.08 -29.13 4.97
N MET A 282 -41.87 -28.15 4.10
CA MET A 282 -42.93 -27.19 3.83
C MET A 282 -43.99 -27.76 2.90
N GLU A 283 -43.60 -28.63 1.97
CA GLU A 283 -44.57 -29.27 1.10
C GLU A 283 -45.53 -30.17 1.87
N HIS A 284 -45.19 -30.50 3.11
CA HIS A 284 -46.08 -31.31 3.95
C HIS A 284 -47.35 -30.53 4.28
N GLU A 285 -48.25 -31.18 5.00
CA GLU A 285 -49.52 -30.56 5.37
C GLU A 285 -49.63 -30.32 6.86
N GLN A 286 -49.30 -31.33 7.67
CA GLN A 286 -49.43 -31.21 9.12
C GLN A 286 -48.44 -30.24 9.73
N THR A 287 -47.41 -29.82 9.00
CA THR A 287 -46.45 -28.88 9.54
C THR A 287 -47.11 -27.52 9.77
N ASP A 288 -46.44 -26.70 10.57
CA ASP A 288 -46.96 -25.39 10.97
C ASP A 288 -45.84 -24.38 10.83
N ILE A 289 -45.98 -23.45 9.88
CA ILE A 289 -44.91 -22.51 9.61
C ILE A 289 -44.91 -21.34 10.57
N THR A 290 -46.07 -20.93 11.09
CA THR A 290 -46.13 -19.79 11.98
C THR A 290 -45.97 -20.15 13.45
N SER A 291 -45.46 -21.34 13.76
CA SER A 291 -45.31 -21.72 15.16
C SER A 291 -44.27 -20.86 15.84
N ARG A 292 -44.51 -20.54 17.10
CA ARG A 292 -43.59 -19.76 17.90
C ARG A 292 -43.06 -20.60 19.05
N ASP A 293 -41.75 -20.52 19.27
CA ASP A 293 -41.09 -21.37 20.25
C ASP A 293 -41.06 -20.68 21.60
N SER A 294 -40.27 -21.23 22.53
CA SER A 294 -40.31 -20.80 23.92
C SER A 294 -39.84 -19.37 24.08
N ARG A 295 -38.75 -19.00 23.42
CA ARG A 295 -38.24 -17.64 23.55
C ARG A 295 -39.12 -16.61 22.87
N GLY A 296 -40.14 -17.05 22.13
CA GLY A 296 -41.02 -16.16 21.40
C GLY A 296 -40.82 -16.17 19.91
N ASN A 297 -39.62 -16.52 19.45
CA ASN A 297 -39.28 -16.46 18.03
C ASN A 297 -40.11 -17.43 17.21
N ASN A 298 -40.38 -17.05 15.97
CA ASN A 298 -40.79 -17.99 14.95
C ASN A 298 -39.58 -18.26 14.06
N ILE A 299 -39.79 -18.92 12.93
CA ILE A 299 -38.65 -19.36 12.13
C ILE A 299 -37.85 -18.17 11.62
N LEU A 300 -38.51 -17.04 11.38
CA LEU A 300 -37.79 -15.89 10.82
C LEU A 300 -36.96 -15.17 11.88
N HIS A 301 -37.45 -15.07 13.11
CA HIS A 301 -36.59 -14.56 14.18
C HIS A 301 -35.39 -15.45 14.38
N ALA A 302 -35.55 -16.76 14.15
CA ALA A 302 -34.43 -17.68 14.31
C ALA A 302 -33.37 -17.43 13.24
N LEU A 303 -33.79 -17.35 11.98
CA LEU A 303 -32.85 -17.06 10.91
C LEU A 303 -32.20 -15.69 11.07
N VAL A 304 -32.85 -14.77 11.78
CA VAL A 304 -32.20 -13.49 12.02
C VAL A 304 -31.21 -13.58 13.17
N THR A 305 -31.51 -14.38 14.20
CA THR A 305 -30.57 -14.52 15.31
C THR A 305 -29.35 -15.33 14.93
N VAL A 306 -29.40 -16.11 13.85
CA VAL A 306 -28.28 -16.98 13.53
C VAL A 306 -27.40 -16.38 12.43
N ALA A 307 -27.95 -15.51 11.60
CA ALA A 307 -27.21 -14.94 10.47
C ALA A 307 -25.97 -14.20 10.95
N GLU A 308 -24.81 -14.54 10.38
CA GLU A 308 -23.57 -13.94 10.89
C GLU A 308 -22.98 -12.84 10.01
N ASP A 309 -22.55 -13.16 8.81
CA ASP A 309 -21.73 -12.25 8.01
C ASP A 309 -21.58 -12.87 6.62
N PHE A 310 -20.69 -12.29 5.82
CA PHE A 310 -20.29 -12.98 4.59
C PHE A 310 -18.95 -13.68 4.75
N LYS A 311 -17.97 -13.00 5.34
CA LYS A 311 -16.64 -13.57 5.45
C LYS A 311 -16.62 -14.86 6.26
N THR A 312 -17.64 -15.10 7.08
CA THR A 312 -17.68 -16.29 7.91
C THR A 312 -18.93 -17.13 7.74
N GLN A 313 -19.79 -16.82 6.78
CA GLN A 313 -20.98 -17.65 6.60
C GLN A 313 -21.34 -17.94 5.15
N ASN A 314 -20.75 -17.28 4.17
CA ASN A 314 -20.99 -17.50 2.75
C ASN A 314 -22.41 -17.15 2.32
N ASP A 315 -23.18 -16.46 3.17
CA ASP A 315 -24.46 -15.88 2.79
C ASP A 315 -25.44 -16.93 2.29
N PHE A 316 -25.79 -17.87 3.19
CA PHE A 316 -26.83 -18.82 2.92
C PHE A 316 -28.10 -18.56 3.71
N VAL A 317 -28.05 -17.71 4.72
CA VAL A 317 -29.24 -17.49 5.55
C VAL A 317 -30.20 -16.55 4.85
N LYS A 318 -29.69 -15.54 4.14
CA LYS A 318 -30.56 -14.65 3.39
C LYS A 318 -31.40 -15.42 2.39
N ARG A 319 -30.83 -16.43 1.74
CA ARG A 319 -31.58 -17.18 0.75
C ARG A 319 -32.68 -18.02 1.40
N MET A 320 -32.40 -18.63 2.55
CA MET A 320 -33.43 -19.39 3.24
C MET A 320 -34.53 -18.47 3.73
N TYR A 321 -34.16 -17.26 4.15
CA TYR A 321 -35.16 -16.25 4.50
C TYR A 321 -36.09 -16.01 3.32
N ASP A 322 -35.51 -15.73 2.16
CA ASP A 322 -36.34 -15.44 0.99
C ASP A 322 -37.24 -16.61 0.62
N MET A 323 -36.69 -17.83 0.63
CA MET A 323 -37.49 -18.99 0.23
C MET A 323 -38.63 -19.23 1.20
N ILE A 324 -38.34 -19.24 2.50
CA ILE A 324 -39.39 -19.50 3.48
C ILE A 324 -40.45 -18.41 3.42
N LEU A 325 -40.04 -17.16 3.20
CA LEU A 325 -41.03 -16.09 3.11
C LEU A 325 -41.93 -16.27 1.90
N LEU A 326 -41.36 -16.57 0.73
CA LEU A 326 -42.18 -16.71 -0.47
C LEU A 326 -43.10 -17.92 -0.38
N ARG A 327 -42.64 -19.01 0.22
CA ARG A 327 -43.47 -20.22 0.29
C ARG A 327 -44.72 -20.04 1.14
N SER A 328 -44.86 -18.93 1.85
CA SER A 328 -46.09 -18.60 2.57
C SER A 328 -46.30 -17.11 2.37
N GLY A 329 -47.05 -16.75 1.33
CA GLY A 329 -47.10 -15.36 0.92
C GLY A 329 -48.13 -14.52 1.64
N ASN A 330 -47.70 -13.83 2.68
CA ASN A 330 -48.50 -12.84 3.41
C ASN A 330 -47.60 -12.24 4.48
N TRP A 331 -48.09 -11.19 5.13
CA TRP A 331 -47.37 -10.52 6.19
C TRP A 331 -47.55 -11.20 7.54
N GLU A 332 -47.92 -12.49 7.54
CA GLU A 332 -48.18 -13.17 8.80
C GLU A 332 -46.89 -13.40 9.58
N LEU A 333 -45.77 -13.59 8.87
CA LEU A 333 -44.53 -13.94 9.55
C LEU A 333 -43.71 -12.71 9.93
N GLU A 334 -43.81 -11.63 9.15
CA GLU A 334 -42.98 -10.43 9.42
C GLU A 334 -43.72 -9.41 10.26
N THR A 335 -44.77 -9.81 10.98
CA THR A 335 -45.48 -8.88 11.83
C THR A 335 -45.58 -9.34 13.28
N THR A 336 -45.41 -10.62 13.57
CA THR A 336 -45.54 -11.12 14.93
C THR A 336 -44.38 -10.63 15.79
N ARG A 337 -44.59 -10.64 17.10
CA ARG A 337 -43.61 -10.14 18.05
C ARG A 337 -43.23 -11.23 19.03
N ASN A 338 -41.94 -11.35 19.31
CA ASN A 338 -41.47 -12.27 20.34
C ASN A 338 -41.65 -11.61 21.69
N ASN A 339 -41.10 -12.23 22.74
CA ASN A 339 -41.39 -11.80 24.10
C ASN A 339 -40.75 -10.48 24.47
N ASP A 340 -40.13 -9.77 23.52
CA ASP A 340 -39.69 -8.41 23.73
C ASP A 340 -40.49 -7.41 22.90
N GLY A 341 -41.42 -7.89 22.09
CA GLY A 341 -42.18 -7.01 21.21
C GLY A 341 -41.40 -6.53 20.02
N LEU A 342 -40.67 -7.43 19.37
CA LEU A 342 -39.86 -7.09 18.21
C LEU A 342 -40.23 -8.00 17.04
N THR A 343 -40.18 -7.45 15.86
CA THR A 343 -40.38 -8.18 14.63
C THR A 343 -39.04 -8.51 14.00
N PRO A 344 -38.98 -9.45 13.05
CA PRO A 344 -37.69 -9.75 12.42
C PRO A 344 -36.94 -8.54 11.92
N LEU A 345 -37.64 -7.46 11.59
CA LEU A 345 -36.96 -6.23 11.19
C LEU A 345 -36.28 -5.57 12.39
N GLN A 346 -37.04 -5.25 13.43
CA GLN A 346 -36.43 -4.65 14.60
C GLN A 346 -35.47 -5.62 15.28
N LEU A 347 -35.67 -6.92 15.10
CA LEU A 347 -34.73 -7.88 15.67
C LEU A 347 -33.44 -7.90 14.89
N ALA A 348 -33.49 -7.68 13.58
CA ALA A 348 -32.26 -7.55 12.82
C ALA A 348 -31.59 -6.22 13.06
N ALA A 349 -32.33 -5.22 13.53
CA ALA A 349 -31.72 -3.92 13.82
C ALA A 349 -31.11 -3.85 15.21
N LYS A 350 -31.76 -4.45 16.21
CA LYS A 350 -31.20 -4.45 17.56
C LYS A 350 -29.84 -5.14 17.58
N MET A 351 -29.80 -6.39 17.14
CA MET A 351 -28.51 -7.02 16.86
C MET A 351 -27.87 -6.35 15.66
N GLY A 352 -26.61 -6.67 15.42
CA GLY A 352 -25.90 -5.91 14.42
C GLY A 352 -26.01 -6.45 13.00
N LYS A 353 -27.02 -7.25 12.72
CA LYS A 353 -27.07 -8.01 11.47
C LYS A 353 -27.31 -7.05 10.32
N ALA A 354 -26.25 -6.66 9.63
CA ALA A 354 -26.33 -5.61 8.62
C ALA A 354 -26.50 -6.15 7.21
N GLU A 355 -26.46 -7.46 7.01
CA GLU A 355 -26.70 -8.01 5.67
C GLU A 355 -28.17 -8.33 5.48
N ILE A 356 -28.79 -8.98 6.46
CA ILE A 356 -30.22 -9.23 6.39
C ILE A 356 -31.01 -7.94 6.43
N LEU A 357 -30.52 -6.91 7.11
CA LEU A 357 -31.22 -5.63 7.10
C LEU A 357 -31.18 -5.01 5.71
N LYS A 358 -30.03 -5.04 5.07
CA LYS A 358 -29.92 -4.54 3.71
C LYS A 358 -30.82 -5.32 2.77
N TYR A 359 -30.98 -6.62 3.00
CA TYR A 359 -31.90 -7.39 2.19
C TYR A 359 -33.34 -6.94 2.41
N ILE A 360 -33.76 -6.87 3.67
CA ILE A 360 -35.18 -6.66 3.97
C ILE A 360 -35.62 -5.26 3.59
N LEU A 361 -34.77 -4.25 3.83
CA LEU A 361 -35.22 -2.88 3.59
C LEU A 361 -35.49 -2.63 2.11
N SER A 362 -34.73 -3.27 1.23
CA SER A 362 -34.91 -3.15 -0.21
C SER A 362 -35.09 -4.55 -0.79
N ARG A 363 -36.32 -5.05 -0.74
CA ARG A 363 -36.65 -6.39 -1.21
C ARG A 363 -37.64 -6.24 -2.36
N GLU A 364 -37.20 -6.52 -3.58
CA GLU A 364 -38.02 -6.38 -4.77
C GLU A 364 -38.40 -7.76 -5.30
N ILE A 365 -39.69 -8.01 -5.44
CA ILE A 365 -40.21 -9.29 -5.92
C ILE A 365 -40.84 -9.06 -7.28
N LYS A 366 -40.42 -9.84 -8.27
CA LYS A 366 -40.84 -9.61 -9.65
C LYS A 366 -42.04 -10.45 -10.07
N GLU A 367 -42.38 -11.49 -9.32
CA GLU A 367 -43.52 -12.32 -9.68
C GLU A 367 -44.81 -11.50 -9.66
N LYS A 368 -45.89 -12.10 -10.17
CA LYS A 368 -47.12 -11.33 -10.35
C LYS A 368 -48.01 -11.37 -9.11
N ARG A 369 -48.24 -12.56 -8.57
CA ARG A 369 -49.17 -12.71 -7.46
C ARG A 369 -48.57 -12.30 -6.12
N LEU A 370 -47.24 -12.30 -6.00
CA LEU A 370 -46.57 -12.01 -4.74
C LEU A 370 -45.82 -10.68 -4.80
N ARG A 371 -46.35 -9.72 -5.55
CA ARG A 371 -45.69 -8.42 -5.60
C ARG A 371 -46.04 -7.56 -4.39
N SER A 372 -47.17 -7.81 -3.73
CA SER A 372 -47.52 -7.05 -2.55
C SER A 372 -46.68 -7.44 -1.34
N LEU A 373 -45.67 -8.29 -1.52
CA LEU A 373 -44.80 -8.74 -0.44
C LEU A 373 -43.48 -7.99 -0.41
N SER A 374 -43.30 -7.01 -1.28
CA SER A 374 -42.02 -6.34 -1.45
C SER A 374 -41.99 -5.04 -0.67
N ARG A 375 -40.85 -4.36 -0.75
CA ARG A 375 -40.64 -3.11 -0.06
C ARG A 375 -39.93 -2.07 -0.94
N LYS A 376 -39.85 -2.31 -2.24
CA LYS A 376 -39.29 -1.33 -3.16
C LYS A 376 -39.89 -1.62 -4.53
N PHE A 377 -40.72 -0.72 -5.03
CA PHE A 377 -41.38 -0.92 -6.31
C PHE A 377 -40.86 0.09 -7.33
N THR A 378 -40.22 -0.40 -8.38
CA THR A 378 -39.89 0.46 -9.49
C THR A 378 -41.17 0.94 -10.13
N ASP A 379 -41.28 2.24 -10.37
CA ASP A 379 -42.55 2.76 -10.85
C ASP A 379 -42.46 3.78 -11.97
N TRP A 380 -41.31 3.99 -12.58
CA TRP A 380 -41.19 5.08 -13.52
C TRP A 380 -40.24 4.85 -14.67
N ALA A 381 -39.60 3.68 -14.76
CA ALA A 381 -38.38 3.55 -15.56
C ALA A 381 -38.62 3.85 -17.04
N TYR A 382 -37.70 4.62 -17.63
CA TYR A 382 -37.77 4.89 -19.07
C TYR A 382 -36.59 4.34 -19.86
N GLY A 383 -35.38 4.78 -19.57
CA GLY A 383 -34.24 4.35 -20.33
C GLY A 383 -33.22 3.74 -19.40
N PRO A 384 -32.05 4.36 -19.30
CA PRO A 384 -31.17 4.06 -18.17
C PRO A 384 -31.62 4.71 -16.89
N VAL A 385 -32.50 5.70 -16.96
CA VAL A 385 -32.98 6.38 -15.75
C VAL A 385 -34.22 5.67 -15.24
N SER A 386 -34.36 5.61 -13.91
CA SER A 386 -35.49 4.96 -13.28
C SER A 386 -35.68 5.55 -11.89
N SER A 387 -36.86 5.35 -11.33
CA SER A 387 -37.22 5.99 -10.06
C SER A 387 -37.85 4.98 -9.13
N SER A 388 -37.02 4.35 -8.30
CA SER A 388 -37.49 3.38 -7.33
C SER A 388 -38.19 4.08 -6.17
N LEU A 389 -39.15 3.39 -5.58
CA LEU A 389 -40.05 4.00 -4.59
C LEU A 389 -40.03 3.13 -3.33
N TYR A 390 -39.15 3.46 -2.39
CA TYR A 390 -38.94 2.64 -1.21
C TYR A 390 -40.18 2.68 -0.31
N ASP A 391 -40.12 1.91 0.77
CA ASP A 391 -41.21 1.85 1.73
C ASP A 391 -40.72 2.28 3.11
N LEU A 392 -41.60 2.94 3.85
CA LEU A 392 -41.30 3.59 5.11
C LEU A 392 -42.37 3.30 6.14
N THR A 393 -42.85 2.06 6.20
CA THR A 393 -43.97 1.79 7.10
C THR A 393 -43.49 1.61 8.55
N ASN A 394 -42.28 1.10 8.74
CA ASN A 394 -41.72 0.93 10.08
C ASN A 394 -40.27 1.35 10.13
N VAL A 395 -39.92 2.44 9.45
CA VAL A 395 -38.54 2.87 9.35
C VAL A 395 -38.42 4.37 9.65
N ASP A 396 -39.50 5.01 10.05
CA ASP A 396 -39.51 6.46 10.06
C ASP A 396 -40.02 7.04 11.39
N THR A 397 -39.48 6.55 12.50
CA THR A 397 -39.62 7.18 13.83
C THR A 397 -41.01 7.76 14.06
N THR A 398 -42.05 7.03 13.66
CA THR A 398 -43.42 7.45 13.90
C THR A 398 -44.17 6.45 14.77
N THR A 399 -43.48 5.44 15.29
CA THR A 399 -44.06 4.41 16.14
C THR A 399 -43.24 4.31 17.42
N ASP A 400 -43.51 3.25 18.20
CA ASP A 400 -42.85 3.08 19.49
C ASP A 400 -41.34 3.03 19.34
N ASN A 401 -40.83 2.00 18.66
CA ASN A 401 -39.41 1.88 18.38
C ASN A 401 -39.25 1.47 16.93
N SER A 402 -38.96 2.45 16.08
CA SER A 402 -38.77 2.23 14.66
C SER A 402 -37.43 1.56 14.43
N VAL A 403 -37.03 1.44 13.16
CA VAL A 403 -35.71 0.89 12.86
C VAL A 403 -34.67 1.98 12.83
N LEU A 404 -35.05 3.22 12.57
CA LEU A 404 -34.08 4.31 12.56
C LEU A 404 -33.60 4.61 13.97
N GLU A 405 -34.54 4.76 14.91
CA GLU A 405 -34.17 5.06 16.29
C GLU A 405 -33.41 3.90 16.92
N ILE A 406 -33.81 2.67 16.61
CA ILE A 406 -33.11 1.50 17.14
C ILE A 406 -31.70 1.42 16.59
N THR A 407 -31.54 1.72 15.30
CA THR A 407 -30.22 1.66 14.70
C THR A 407 -29.30 2.72 15.28
N VAL A 408 -29.83 3.92 15.52
CA VAL A 408 -28.97 5.03 15.92
C VAL A 408 -28.63 4.98 17.40
N TYR A 409 -29.63 4.75 18.26
CA TYR A 409 -29.39 4.79 19.69
C TYR A 409 -28.80 3.50 20.25
N ASN A 410 -28.58 2.49 19.42
CA ASN A 410 -27.98 1.26 19.88
C ASN A 410 -26.51 1.47 20.18
N THR A 411 -26.09 1.18 21.40
CA THR A 411 -24.71 1.36 21.82
C THR A 411 -24.05 0.04 22.24
N ASN A 412 -24.42 -1.06 21.60
CA ASN A 412 -23.92 -2.38 21.99
C ASN A 412 -23.60 -3.27 20.80
N ILE A 413 -23.30 -2.69 19.62
CA ILE A 413 -23.05 -3.48 18.42
C ILE A 413 -21.70 -3.15 17.78
N ASP A 414 -21.35 -1.87 17.70
CA ASP A 414 -20.09 -1.42 17.10
C ASP A 414 -20.02 -1.75 15.61
N ASN A 415 -21.16 -2.07 15.00
CA ASN A 415 -21.25 -2.27 13.56
C ASN A 415 -22.14 -1.24 12.90
N ARG A 416 -22.40 -0.12 13.58
CA ARG A 416 -23.21 0.97 13.04
C ARG A 416 -22.51 1.72 11.95
N HIS A 417 -21.31 1.27 11.59
CA HIS A 417 -20.63 1.82 10.42
C HIS A 417 -21.38 1.52 9.15
N GLU A 418 -21.96 0.33 9.05
CA GLU A 418 -22.58 -0.13 7.82
C GLU A 418 -24.10 -0.14 7.88
N MET A 419 -24.70 0.21 9.01
CA MET A 419 -26.15 0.15 9.11
C MET A 419 -26.81 1.51 8.92
N LEU A 420 -26.07 2.60 8.98
CA LEU A 420 -26.61 3.92 8.71
C LEU A 420 -26.25 4.43 7.33
N THR A 421 -25.93 3.52 6.40
CA THR A 421 -25.67 3.88 5.02
C THR A 421 -26.55 3.10 4.05
N LEU A 422 -27.59 2.43 4.55
CA LEU A 422 -28.42 1.60 3.71
C LEU A 422 -29.38 2.47 2.91
N GLU A 423 -30.37 1.82 2.28
CA GLU A 423 -31.08 2.50 1.21
C GLU A 423 -31.99 3.61 1.71
N PRO A 424 -33.00 3.36 2.57
CA PRO A 424 -33.86 4.46 2.98
C PRO A 424 -33.36 5.23 4.20
N LEU A 425 -32.51 4.61 5.02
CA LEU A 425 -32.04 5.29 6.22
C LEU A 425 -31.17 6.49 5.87
N HIS A 426 -30.27 6.33 4.91
CA HIS A 426 -29.40 7.43 4.51
C HIS A 426 -30.22 8.64 4.06
N THR A 427 -31.16 8.42 3.15
CA THR A 427 -31.89 9.56 2.61
C THR A 427 -32.89 10.11 3.62
N LEU A 428 -33.41 9.27 4.51
CA LEU A 428 -34.25 9.78 5.58
C LEU A 428 -33.49 10.74 6.46
N LEU A 429 -32.28 10.36 6.87
CA LEU A 429 -31.48 11.25 7.70
C LEU A 429 -31.15 12.53 6.94
N HIS A 430 -30.76 12.41 5.67
CA HIS A 430 -30.38 13.60 4.91
C HIS A 430 -31.55 14.56 4.76
N MET A 431 -32.75 14.02 4.52
CA MET A 431 -33.91 14.89 4.36
C MET A 431 -34.32 15.54 5.66
N LYS A 432 -34.34 14.78 6.76
CA LYS A 432 -34.62 15.40 8.06
C LYS A 432 -33.65 16.53 8.35
N TRP A 433 -32.37 16.28 8.10
CA TRP A 433 -31.34 17.28 8.37
C TRP A 433 -31.63 18.54 7.59
N LYS A 434 -31.56 18.46 6.25
CA LYS A 434 -31.74 19.66 5.45
C LYS A 434 -33.17 20.21 5.50
N LYS A 435 -34.09 19.56 6.20
CA LYS A 435 -35.40 20.16 6.37
C LYS A 435 -35.49 21.00 7.63
N PHE A 436 -35.10 20.47 8.79
CA PHE A 436 -35.16 21.32 9.99
C PHE A 436 -33.95 21.29 10.90
N ALA A 437 -33.08 20.28 10.82
CA ALA A 437 -32.02 20.22 11.81
C ALA A 437 -30.97 21.27 11.55
N LYS A 438 -30.77 21.66 10.30
CA LYS A 438 -29.86 22.76 10.01
C LYS A 438 -30.28 24.02 10.75
N HIS A 439 -31.55 24.42 10.60
CA HIS A 439 -32.05 25.61 11.26
C HIS A 439 -31.91 25.48 12.77
N MET A 440 -32.40 24.39 13.35
CA MET A 440 -32.39 24.30 14.80
C MET A 440 -30.96 24.27 15.35
N PHE A 441 -30.06 23.57 14.67
CA PHE A 441 -28.68 23.50 15.11
C PHE A 441 -28.02 24.87 15.11
N PHE A 442 -28.11 25.60 14.01
CA PHE A 442 -27.41 26.88 13.99
C PHE A 442 -28.09 27.93 14.84
N LEU A 443 -29.41 27.83 15.04
CA LEU A 443 -30.06 28.71 16.00
C LEU A 443 -29.54 28.46 17.42
N SER A 444 -29.41 27.19 17.81
CA SER A 444 -28.89 26.88 19.13
C SER A 444 -27.44 27.32 19.27
N PHE A 445 -26.66 27.21 18.19
CA PHE A 445 -25.28 27.69 18.26
C PHE A 445 -25.23 29.20 18.47
N CYS A 446 -26.09 29.95 17.78
CA CYS A 446 -26.11 31.40 17.97
C CYS A 446 -26.49 31.75 19.41
N PHE A 447 -27.50 31.06 19.95
CA PHE A 447 -27.87 31.29 21.34
C PHE A 447 -26.68 31.05 22.27
N TYR A 448 -25.96 29.95 22.07
CA TYR A 448 -24.83 29.67 22.95
C TYR A 448 -23.73 30.70 22.81
N PHE A 449 -23.47 31.16 21.59
CA PHE A 449 -22.42 32.14 21.38
C PHE A 449 -22.74 33.45 22.08
N PHE A 450 -23.99 33.90 21.99
CA PHE A 450 -24.32 35.14 22.68
C PHE A 450 -24.31 34.97 24.19
N TYR A 451 -24.77 33.82 24.68
CA TYR A 451 -24.67 33.56 26.11
C TYR A 451 -23.23 33.64 26.58
N ASN A 452 -22.30 33.07 25.82
CA ASN A 452 -20.91 33.06 26.25
C ASN A 452 -20.28 34.45 26.16
N ILE A 453 -20.61 35.23 25.13
CA ILE A 453 -20.04 36.56 25.06
C ILE A 453 -20.57 37.44 26.18
N THR A 454 -21.86 37.32 26.50
CA THR A 454 -22.39 38.04 27.65
C THR A 454 -21.64 37.66 28.92
N LEU A 455 -21.40 36.36 29.11
CA LEU A 455 -20.65 35.93 30.28
C LEU A 455 -19.26 36.56 30.31
N THR A 456 -18.54 36.50 29.19
CA THR A 456 -17.18 37.01 29.14
C THR A 456 -17.12 38.49 29.45
N LEU A 457 -18.05 39.27 28.88
CA LEU A 457 -18.04 40.71 29.11
C LEU A 457 -18.40 41.04 30.56
N VAL A 458 -19.46 40.41 31.08
CA VAL A 458 -19.83 40.68 32.46
C VAL A 458 -18.74 40.26 33.43
N SER A 459 -17.89 39.30 33.06
CA SER A 459 -16.80 38.96 33.94
C SER A 459 -15.62 39.93 33.81
N TYR A 460 -15.23 40.27 32.59
CA TYR A 460 -14.09 41.16 32.40
C TYR A 460 -14.37 42.55 32.98
N TYR A 461 -15.60 43.05 32.82
CA TYR A 461 -15.96 44.37 33.30
C TYR A 461 -16.49 44.36 34.73
N ARG A 462 -16.04 43.41 35.54
CA ARG A 462 -16.54 43.28 36.90
C ARG A 462 -16.24 44.52 37.72
N PRO A 463 -16.99 44.76 38.80
CA PRO A 463 -16.76 45.95 39.64
C PRO A 463 -15.64 45.80 40.66
N ARG A 464 -14.42 46.10 40.22
CA ARG A 464 -13.28 46.15 41.14
C ARG A 464 -12.78 47.57 41.30
N GLY A 480 -29.69 50.17 35.69
CA GLY A 480 -29.43 50.02 34.27
C GLY A 480 -30.57 49.35 33.54
N TRP A 481 -30.73 49.69 32.26
CA TRP A 481 -31.79 49.13 31.42
C TRP A 481 -31.35 47.88 30.67
N LEU A 482 -30.09 47.84 30.24
CA LEU A 482 -29.61 46.71 29.44
C LEU A 482 -28.86 45.68 30.27
N GLN A 483 -28.08 46.09 31.27
CA GLN A 483 -27.27 45.16 32.05
C GLN A 483 -28.12 44.12 32.78
N LEU A 484 -29.21 44.57 33.40
CA LEU A 484 -30.10 43.62 34.08
C LEU A 484 -30.62 42.58 33.10
N LEU A 485 -30.87 42.97 31.85
CA LEU A 485 -31.31 42.01 30.85
C LEU A 485 -30.24 40.95 30.60
N GLY A 486 -28.98 41.38 30.49
CA GLY A 486 -27.91 40.43 30.33
C GLY A 486 -27.80 39.46 31.49
N ARG A 487 -27.93 39.97 32.72
CA ARG A 487 -27.81 39.09 33.87
C ARG A 487 -28.97 38.10 33.93
N MET A 488 -30.20 38.54 33.67
CA MET A 488 -31.30 37.61 33.65
C MET A 488 -31.16 36.60 32.52
N PHE A 489 -30.62 37.02 31.38
CA PHE A 489 -30.37 36.10 30.28
C PHE A 489 -29.41 35.01 30.72
N VAL A 490 -28.28 35.39 31.32
CA VAL A 490 -27.32 34.39 31.77
C VAL A 490 -27.98 33.44 32.77
N LEU A 491 -28.74 33.98 33.72
CA LEU A 491 -29.39 33.14 34.71
C LEU A 491 -30.32 32.12 34.07
N ILE A 492 -31.26 32.60 33.25
CA ILE A 492 -32.28 31.71 32.71
C ILE A 492 -31.66 30.70 31.75
N TRP A 493 -30.64 31.09 30.98
CA TRP A 493 -30.08 30.13 30.04
C TRP A 493 -29.23 29.08 30.76
N ALA A 494 -28.53 29.48 31.83
CA ALA A 494 -27.85 28.48 32.63
C ALA A 494 -28.83 27.51 33.25
N MET A 495 -29.96 28.03 33.75
CA MET A 495 -30.98 27.16 34.32
C MET A 495 -31.52 26.18 33.26
N CYS A 496 -31.77 26.68 32.05
CA CYS A 496 -32.33 25.84 31.00
C CYS A 496 -31.34 24.75 30.59
N ILE A 497 -30.08 25.11 30.38
CA ILE A 497 -29.08 24.12 29.98
C ILE A 497 -28.90 23.09 31.07
N SER A 498 -28.87 23.52 32.34
CA SER A 498 -28.71 22.57 33.43
C SER A 498 -29.90 21.61 33.50
N VAL A 499 -31.11 22.13 33.32
CA VAL A 499 -32.29 21.27 33.34
C VAL A 499 -32.24 20.25 32.22
N LYS A 500 -31.95 20.71 30.99
CA LYS A 500 -31.93 19.80 29.85
C LYS A 500 -30.86 18.74 30.01
N GLU A 501 -29.68 19.13 30.50
CA GLU A 501 -28.62 18.15 30.66
C GLU A 501 -28.89 17.18 31.79
N GLY A 502 -29.51 17.64 32.88
CA GLY A 502 -29.89 16.72 33.94
C GLY A 502 -30.94 15.74 33.46
N ILE A 503 -31.83 16.18 32.58
CA ILE A 503 -32.83 15.28 32.02
C ILE A 503 -32.17 14.24 31.12
N ALA A 504 -31.30 14.70 30.21
CA ALA A 504 -30.71 13.79 29.23
C ALA A 504 -29.59 12.95 29.81
N ILE A 505 -29.12 13.24 31.03
CA ILE A 505 -27.94 12.55 31.53
C ILE A 505 -28.32 11.28 32.27
N PHE A 506 -29.56 11.19 32.75
CA PHE A 506 -30.00 10.04 33.52
C PHE A 506 -30.17 8.78 32.67
N LEU A 507 -29.99 8.85 31.36
CA LEU A 507 -30.36 7.79 30.44
C LEU A 507 -29.16 7.08 29.83
N LEU A 508 -28.11 6.84 30.62
CA LEU A 508 -26.98 6.09 30.11
C LEU A 508 -26.51 5.03 31.12
N SER A 518 -16.10 9.28 25.35
CA SER A 518 -16.91 8.18 24.85
C SER A 518 -17.87 8.62 23.77
N ASP A 519 -19.13 8.82 24.14
CA ASP A 519 -20.18 9.24 23.22
C ASP A 519 -20.95 10.46 23.70
N ALA A 520 -21.18 10.58 25.01
CA ALA A 520 -22.02 11.64 25.55
C ALA A 520 -21.41 12.23 26.81
N TRP A 521 -20.13 12.57 26.77
CA TRP A 521 -19.53 13.30 27.87
C TRP A 521 -19.74 14.81 27.75
N PHE A 522 -20.03 15.30 26.54
CA PHE A 522 -20.29 16.72 26.39
C PHE A 522 -21.52 17.15 27.18
N HIS A 523 -22.43 16.22 27.46
CA HIS A 523 -23.50 16.49 28.41
C HIS A 523 -22.92 16.82 29.78
N PHE A 524 -21.91 16.05 30.20
CA PHE A 524 -21.27 16.31 31.49
C PHE A 524 -20.60 17.68 31.49
N VAL A 525 -19.94 18.03 30.39
CA VAL A 525 -19.25 19.31 30.35
C VAL A 525 -20.24 20.47 30.39
N PHE A 526 -21.31 20.38 29.58
CA PHE A 526 -22.36 21.40 29.62
C PHE A 526 -22.93 21.55 31.02
N PHE A 527 -23.18 20.42 31.68
CA PHE A 527 -23.77 20.47 33.02
C PHE A 527 -22.83 21.14 34.01
N ILE A 528 -21.54 20.79 33.97
CA ILE A 528 -20.59 21.39 34.91
C ILE A 528 -20.49 22.88 34.68
N GLN A 529 -20.46 23.32 33.42
CA GLN A 529 -20.36 24.75 33.16
C GLN A 529 -21.60 25.48 33.66
N ALA A 530 -22.78 24.95 33.37
CA ALA A 530 -24.00 25.62 33.83
C ALA A 530 -24.05 25.68 35.36
N VAL A 531 -23.67 24.59 36.02
CA VAL A 531 -23.69 24.58 37.48
C VAL A 531 -22.71 25.60 38.03
N LEU A 532 -21.54 25.73 37.40
CA LEU A 532 -20.58 26.73 37.87
C LEU A 532 -21.15 28.14 37.74
N VAL A 533 -21.79 28.45 36.62
CA VAL A 533 -22.34 29.80 36.45
C VAL A 533 -23.40 30.08 37.50
N ILE A 534 -24.35 29.14 37.68
CA ILE A 534 -25.44 29.43 38.60
C ILE A 534 -24.95 29.48 40.04
N LEU A 535 -23.97 28.63 40.40
CA LEU A 535 -23.40 28.68 41.73
C LEU A 535 -22.67 29.99 41.96
N SER A 536 -21.95 30.48 40.96
CA SER A 536 -21.25 31.74 41.10
C SER A 536 -22.22 32.88 41.33
N VAL A 537 -23.30 32.93 40.55
CA VAL A 537 -24.23 34.05 40.71
C VAL A 537 -24.97 33.94 42.04
N PHE A 538 -25.23 32.73 42.50
CA PHE A 538 -25.80 32.56 43.83
C PHE A 538 -24.87 33.12 44.89
N LEU A 539 -23.60 32.70 44.88
CA LEU A 539 -22.63 33.20 45.86
C LEU A 539 -22.40 34.70 45.74
N TYR A 540 -22.63 35.27 44.56
CA TYR A 540 -22.48 36.71 44.39
C TYR A 540 -23.64 37.47 45.00
N LEU A 541 -24.86 36.96 44.83
CA LEU A 541 -26.00 37.62 45.47
C LEU A 541 -25.92 37.52 46.98
N PHE A 542 -25.03 36.68 47.51
CA PHE A 542 -24.82 36.55 48.93
C PHE A 542 -23.73 37.52 49.38
N ALA A 543 -23.24 37.34 50.62
CA ALA A 543 -22.15 38.14 51.15
C ALA A 543 -20.81 37.43 50.97
N TYR A 544 -20.45 37.18 49.71
CA TYR A 544 -19.20 36.49 49.39
C TYR A 544 -18.48 37.23 48.27
N LYS A 545 -17.16 37.09 48.25
CA LYS A 545 -16.33 37.62 47.18
C LYS A 545 -15.57 36.53 46.44
N GLU A 546 -15.71 35.27 46.84
CA GLU A 546 -15.04 34.14 46.20
C GLU A 546 -15.80 33.62 45.00
N TYR A 547 -16.66 34.45 44.40
CA TYR A 547 -17.38 34.06 43.20
C TYR A 547 -16.53 34.16 41.94
N LEU A 548 -15.46 34.95 41.98
CA LEU A 548 -14.66 35.17 40.77
C LEU A 548 -14.07 33.88 40.26
N ALA A 549 -13.69 32.98 41.17
CA ALA A 549 -13.13 31.69 40.75
C ALA A 549 -14.12 30.93 39.89
N CYS A 550 -15.34 30.75 40.40
CA CYS A 550 -16.36 30.04 39.65
C CYS A 550 -16.68 30.74 38.34
N LEU A 551 -16.77 32.06 38.37
CA LEU A 551 -17.11 32.78 37.14
C LEU A 551 -16.07 32.58 36.05
N VAL A 552 -14.78 32.80 36.37
CA VAL A 552 -13.77 32.73 35.32
C VAL A 552 -13.56 31.28 34.88
N LEU A 553 -13.68 30.33 35.81
CA LEU A 553 -13.61 28.93 35.41
C LEU A 553 -14.73 28.59 34.43
N ALA A 554 -15.94 29.08 34.70
CA ALA A 554 -17.05 28.81 33.79
C ALA A 554 -16.84 29.45 32.43
N MET A 555 -16.28 30.65 32.43
CA MET A 555 -16.01 31.34 31.18
C MET A 555 -15.05 30.53 30.33
N ALA A 556 -13.90 30.18 30.90
CA ALA A 556 -12.90 29.41 30.19
C ALA A 556 -13.47 28.09 29.71
N LEU A 557 -14.31 27.46 30.53
CA LEU A 557 -14.91 26.20 30.11
C LEU A 557 -15.84 26.38 28.92
N GLY A 558 -16.57 27.49 28.86
CA GLY A 558 -17.42 27.73 27.70
C GLY A 558 -16.63 27.94 26.42
N TRP A 559 -15.59 28.78 26.50
CA TRP A 559 -14.79 29.01 25.30
C TRP A 559 -14.11 27.73 24.84
N ALA A 560 -13.65 26.89 25.77
CA ALA A 560 -13.12 25.61 25.35
C ALA A 560 -14.21 24.61 25.00
N ASN A 561 -15.47 24.95 25.25
CA ASN A 561 -16.59 24.07 24.96
C ASN A 561 -17.17 24.27 23.58
N MET A 562 -16.88 25.38 22.92
CA MET A 562 -17.41 25.62 21.59
C MET A 562 -17.04 24.53 20.60
N LEU A 563 -16.10 23.67 20.95
CA LEU A 563 -15.69 22.64 20.01
C LEU A 563 -16.78 21.61 19.80
N TYR A 564 -17.84 21.63 20.60
CA TYR A 564 -18.96 20.73 20.31
C TYR A 564 -19.85 21.28 19.23
N TYR A 565 -20.03 22.60 19.16
CA TYR A 565 -20.74 23.19 18.04
C TYR A 565 -19.88 23.26 16.81
N THR A 566 -18.60 22.94 16.91
CA THR A 566 -17.95 22.83 15.60
C THR A 566 -18.25 21.51 14.89
N ARG A 567 -19.28 20.70 15.14
CA ARG A 567 -19.53 19.48 14.38
C ARG A 567 -20.55 19.66 13.27
N GLY A 568 -21.05 20.87 13.06
CA GLY A 568 -22.04 21.07 12.02
C GLY A 568 -21.47 21.10 10.63
N PHE A 569 -20.16 21.28 10.49
CA PHE A 569 -19.49 21.33 9.21
C PHE A 569 -18.66 20.08 9.01
N GLN A 570 -18.85 19.44 7.85
CA GLN A 570 -18.25 18.13 7.61
C GLN A 570 -16.75 18.15 7.84
N SER A 571 -16.04 19.09 7.21
CA SER A 571 -14.61 19.19 7.44
C SER A 571 -14.31 19.47 8.92
N MET A 572 -15.00 20.45 9.50
CA MET A 572 -14.76 20.78 10.90
C MET A 572 -15.23 19.66 11.82
N GLY A 573 -16.27 18.92 11.42
CA GLY A 573 -16.71 17.79 12.22
C GLY A 573 -15.65 16.70 12.28
N MET A 574 -15.12 16.31 11.12
CA MET A 574 -14.00 15.38 11.12
C MET A 574 -12.84 15.90 11.93
N TYR A 575 -12.58 17.21 11.86
CA TYR A 575 -11.50 17.80 12.64
C TYR A 575 -11.69 17.57 14.13
N SER A 576 -12.86 17.91 14.66
CA SER A 576 -13.10 17.73 16.08
C SER A 576 -13.07 16.25 16.46
N VAL A 577 -13.57 15.38 15.60
CA VAL A 577 -13.57 13.96 15.93
C VAL A 577 -12.14 13.43 16.02
N MET A 578 -11.25 13.88 15.12
CA MET A 578 -9.89 13.37 15.21
C MET A 578 -9.14 14.00 16.38
N ILE A 579 -9.49 15.23 16.77
CA ILE A 579 -8.92 15.79 17.99
C ILE A 579 -9.25 14.89 19.18
N GLN A 580 -10.53 14.52 19.32
CA GLN A 580 -10.92 13.69 20.45
C GLN A 580 -10.30 12.31 20.38
N LYS A 581 -10.23 11.73 19.17
CA LYS A 581 -9.56 10.45 19.00
C LYS A 581 -8.10 10.52 19.43
N VAL A 582 -7.44 11.64 19.15
CA VAL A 582 -6.04 11.80 19.51
C VAL A 582 -5.88 11.88 21.03
N ILE A 583 -6.69 12.73 21.66
CA ILE A 583 -6.59 12.88 23.12
C ILE A 583 -6.91 11.57 23.82
N LEU A 584 -7.76 10.75 23.22
CA LEU A 584 -8.03 9.44 23.80
C LEU A 584 -6.86 8.49 23.57
N HIS A 585 -6.32 8.47 22.35
CA HIS A 585 -5.31 7.50 21.98
C HIS A 585 -4.02 7.71 22.77
N ASP A 586 -3.41 8.88 22.63
CA ASP A 586 -2.00 9.04 22.97
C ASP A 586 -1.71 9.99 24.13
N VAL A 587 -2.25 11.21 24.07
CA VAL A 587 -1.86 12.23 25.03
C VAL A 587 -2.04 11.76 26.46
N LEU A 588 -2.97 10.84 26.70
CA LEU A 588 -3.18 10.37 28.07
C LEU A 588 -2.02 9.50 28.55
N LYS A 589 -1.62 8.51 27.75
CA LYS A 589 -0.45 7.71 28.10
C LYS A 589 0.78 8.60 28.26
N PHE A 590 1.05 9.45 27.28
CA PHE A 590 2.22 10.31 27.34
C PHE A 590 2.20 11.17 28.59
N LEU A 591 1.03 11.70 28.96
CA LEU A 591 0.97 12.57 30.12
C LEU A 591 1.19 11.79 31.40
N PHE A 592 0.67 10.57 31.49
CA PHE A 592 0.94 9.72 32.65
C PHE A 592 2.44 9.52 32.83
N VAL A 593 3.10 9.00 31.80
CA VAL A 593 4.54 8.74 31.88
C VAL A 593 5.30 10.02 32.22
N TYR A 594 4.98 11.12 31.53
CA TYR A 594 5.72 12.35 31.72
C TYR A 594 5.55 12.91 33.12
N ILE A 595 4.35 12.78 33.70
CA ILE A 595 4.17 13.26 35.06
C ILE A 595 4.97 12.41 36.03
N VAL A 596 5.04 11.10 35.80
CA VAL A 596 5.90 10.26 36.62
C VAL A 596 7.33 10.79 36.61
N PHE A 597 7.88 11.00 35.41
CA PHE A 597 9.26 11.46 35.31
C PHE A 597 9.45 12.82 35.97
N LEU A 598 8.53 13.74 35.69
CA LEU A 598 8.65 15.10 36.22
C LEU A 598 8.70 15.08 37.73
N LEU A 599 7.79 14.35 38.38
CA LEU A 599 7.74 14.37 39.83
C LEU A 599 8.93 13.64 40.45
N GLY A 600 9.34 12.52 39.85
CA GLY A 600 10.51 11.84 40.35
C GLY A 600 11.76 12.70 40.34
N PHE A 601 12.11 13.23 39.17
CA PHE A 601 13.31 14.05 39.11
C PHE A 601 13.15 15.34 39.90
N GLY A 602 11.92 15.81 40.07
CA GLY A 602 11.71 16.98 40.91
C GLY A 602 12.12 16.72 42.34
N VAL A 603 11.65 15.61 42.91
CA VAL A 603 12.03 15.33 44.29
C VAL A 603 13.51 15.03 44.40
N ALA A 604 14.10 14.38 43.39
CA ALA A 604 15.54 14.13 43.42
C ALA A 604 16.33 15.43 43.50
N LEU A 605 16.11 16.32 42.52
CA LEU A 605 16.85 17.58 42.51
C LEU A 605 16.59 18.40 43.75
N ALA A 606 15.34 18.43 44.23
CA ALA A 606 15.07 19.21 45.42
C ALA A 606 15.71 18.60 46.66
N SER A 607 16.01 17.30 46.64
CA SER A 607 16.75 16.74 47.77
C SER A 607 18.23 17.05 47.68
N LEU A 608 18.78 17.09 46.47
CA LEU A 608 20.22 17.31 46.34
C LEU A 608 20.64 18.71 46.77
N ILE A 609 19.69 19.63 46.98
CA ILE A 609 20.02 21.03 47.22
C ILE A 609 20.18 21.27 48.71
N GLU A 610 21.26 21.96 49.08
CA GLU A 610 21.45 22.38 50.45
C GLU A 610 20.61 23.62 50.75
N LYS A 611 20.16 23.74 52.00
CA LYS A 611 19.34 24.87 52.42
C LYS A 611 20.24 26.02 52.85
N CYS A 612 20.33 27.06 52.02
CA CYS A 612 21.25 28.16 52.25
C CYS A 612 20.56 29.26 53.03
N PRO A 613 21.20 29.80 54.08
CA PRO A 613 20.57 30.86 54.88
C PRO A 613 20.98 32.27 54.48
N ASN A 616 20.66 34.32 52.31
CA ASN A 616 20.88 34.72 50.93
C ASN A 616 19.90 33.99 50.02
N LYS A 617 18.62 34.04 50.38
CA LYS A 617 17.60 33.16 49.78
C LYS A 617 17.60 33.19 48.25
N ASP A 618 18.25 34.17 47.63
CA ASP A 618 18.40 34.18 46.18
C ASP A 618 19.58 33.32 45.74
N CYS A 619 20.10 32.48 46.64
CA CYS A 619 21.28 31.69 46.34
C CYS A 619 21.02 30.60 45.30
N SER A 620 19.92 29.87 45.41
CA SER A 620 19.65 28.77 44.49
C SER A 620 18.19 28.83 44.06
N SER A 621 17.91 28.24 42.91
CA SER A 621 16.58 28.29 42.33
C SER A 621 15.78 27.02 42.58
N TYR A 622 16.44 25.87 42.71
CA TYR A 622 15.76 24.63 43.05
C TYR A 622 15.71 24.51 44.57
N GLY A 623 14.73 25.18 45.15
CA GLY A 623 14.63 25.26 46.59
C GLY A 623 13.69 24.19 47.12
N SER A 624 12.46 24.58 47.44
CA SER A 624 11.48 23.60 47.86
C SER A 624 11.11 22.69 46.69
N PHE A 625 10.19 21.76 46.96
CA PHE A 625 9.79 20.81 45.93
C PHE A 625 9.02 21.50 44.81
N SER A 626 8.19 22.47 45.16
CA SER A 626 7.40 23.18 44.16
C SER A 626 8.30 23.89 43.16
N ASP A 627 9.32 24.61 43.65
CA ASP A 627 10.20 25.32 42.73
C ASP A 627 10.94 24.35 41.83
N ALA A 628 11.32 23.19 42.34
CA ALA A 628 12.02 22.22 41.51
C ALA A 628 11.13 21.71 40.39
N VAL A 629 9.91 21.27 40.71
CA VAL A 629 9.04 20.76 39.65
C VAL A 629 8.69 21.86 38.66
N LEU A 630 8.58 23.10 39.14
CA LEU A 630 8.26 24.19 38.21
C LEU A 630 9.42 24.47 37.26
N GLU A 631 10.65 24.50 37.78
CA GLU A 631 11.78 24.72 36.88
C GLU A 631 11.91 23.61 35.87
N LEU A 632 11.61 22.38 36.27
CA LEU A 632 11.64 21.30 35.29
C LEU A 632 10.58 21.50 34.22
N PHE A 633 9.38 21.92 34.61
CA PHE A 633 8.33 22.16 33.60
C PHE A 633 8.75 23.24 32.62
N LYS A 634 9.19 24.38 33.13
CA LYS A 634 9.65 25.45 32.25
C LYS A 634 10.73 24.95 31.31
N LEU A 635 11.76 24.31 31.84
CA LEU A 635 12.84 23.82 30.98
C LEU A 635 12.35 22.78 29.99
N THR A 636 11.18 22.18 30.23
CA THR A 636 10.60 21.29 29.23
C THR A 636 9.96 22.08 28.09
N ILE A 637 9.20 23.13 28.42
CA ILE A 637 8.56 23.88 27.33
C ILE A 637 9.49 24.96 26.79
N GLY A 638 10.74 24.95 27.23
CA GLY A 638 11.77 25.77 26.62
C GLY A 638 11.75 27.25 26.91
N LEU A 639 11.47 27.65 28.15
CA LEU A 639 11.41 29.05 28.52
C LEU A 639 12.49 29.47 29.51
N GLY A 640 12.99 28.56 30.32
CA GLY A 640 13.73 28.95 31.50
C GLY A 640 15.16 29.40 31.25
N ASP A 641 16.05 28.98 32.14
CA ASP A 641 17.48 29.17 31.93
C ASP A 641 18.22 28.11 32.72
N LEU A 642 19.12 27.41 32.04
CA LEU A 642 19.85 26.30 32.62
C LEU A 642 21.20 26.81 33.11
N ASN A 643 21.33 27.01 34.41
CA ASN A 643 22.60 27.37 35.02
C ASN A 643 23.05 26.23 35.92
N ILE A 644 24.36 26.20 36.21
CA ILE A 644 24.93 25.08 36.95
C ILE A 644 25.27 25.42 38.40
N GLN A 645 25.68 26.66 38.69
CA GLN A 645 26.09 27.03 40.03
C GLN A 645 24.82 27.11 40.87
N GLN A 646 24.37 25.96 41.35
CA GLN A 646 23.07 25.87 42.01
C GLN A 646 23.18 25.59 43.50
N ASN A 647 24.32 25.90 44.11
CA ASN A 647 24.50 25.79 45.55
C ASN A 647 24.40 24.33 46.02
N SER A 648 24.55 23.39 45.10
CA SER A 648 24.45 21.98 45.45
C SER A 648 25.71 21.54 46.18
N LYS A 649 25.78 20.25 46.51
CA LYS A 649 27.00 19.67 47.07
C LYS A 649 27.68 18.73 46.10
N TYR A 650 26.99 18.25 45.08
CA TYR A 650 27.56 17.36 44.07
C TYR A 650 27.13 17.89 42.72
N PRO A 651 27.71 19.01 42.29
CA PRO A 651 27.17 19.70 41.10
C PRO A 651 27.28 18.89 39.83
N ILE A 652 28.26 18.00 39.72
CA ILE A 652 28.32 17.14 38.54
C ILE A 652 27.13 16.20 38.52
N LEU A 653 26.73 15.69 39.68
CA LEU A 653 25.55 14.84 39.74
C LEU A 653 24.31 15.63 39.37
N PHE A 654 24.19 16.86 39.87
CA PHE A 654 23.10 17.72 39.47
C PHE A 654 23.03 17.86 37.96
N LEU A 655 24.16 18.14 37.34
CA LEU A 655 24.20 18.32 35.89
C LEU A 655 23.80 17.04 35.18
N PHE A 656 24.24 15.89 35.69
CA PHE A 656 23.92 14.62 35.05
C PHE A 656 22.42 14.36 35.11
N LEU A 657 21.81 14.63 36.26
CA LEU A 657 20.36 14.42 36.39
C LEU A 657 19.60 15.34 35.44
N LEU A 658 20.00 16.60 35.38
CA LEU A 658 19.29 17.55 34.53
C LEU A 658 19.42 17.19 33.06
N ILE A 659 20.63 16.82 32.63
CA ILE A 659 20.82 16.44 31.23
C ILE A 659 20.06 15.18 30.91
N THR A 660 19.97 14.23 31.85
CA THR A 660 19.23 13.00 31.56
C THR A 660 17.73 13.27 31.48
N TYR A 661 17.22 14.16 32.31
CA TYR A 661 15.80 14.51 32.20
C TYR A 661 15.52 15.17 30.87
N VAL A 662 16.37 16.12 30.47
CA VAL A 662 16.19 16.79 29.18
C VAL A 662 16.20 15.78 28.05
N ILE A 663 17.16 14.86 28.05
CA ILE A 663 17.18 13.82 27.02
C ILE A 663 15.88 13.04 27.04
N LEU A 664 15.61 12.37 28.16
CA LEU A 664 14.44 11.49 28.29
C LEU A 664 13.18 12.11 27.71
N THR A 665 12.87 13.34 28.12
CA THR A 665 11.65 13.89 27.54
C THR A 665 11.89 14.40 26.12
N PHE A 666 12.72 15.44 25.98
CA PHE A 666 12.70 16.25 24.78
C PHE A 666 13.13 15.45 23.55
N VAL A 667 14.14 14.60 23.68
CA VAL A 667 14.58 13.93 22.46
C VAL A 667 13.76 12.67 22.22
N LEU A 668 13.31 12.01 23.29
CA LEU A 668 12.70 10.69 23.15
C LEU A 668 11.19 10.71 23.06
N LEU A 669 10.50 11.21 24.10
CA LEU A 669 9.07 10.97 24.18
C LEU A 669 8.29 11.82 23.20
N LEU A 670 8.66 13.09 23.04
CA LEU A 670 7.95 13.95 22.11
C LEU A 670 8.03 13.41 20.70
N ASN A 671 9.23 13.05 20.25
CA ASN A 671 9.38 12.54 18.89
C ASN A 671 8.69 11.19 18.72
N MET A 672 8.78 10.32 19.74
CA MET A 672 8.09 9.03 19.65
C MET A 672 6.59 9.21 19.53
N LEU A 673 6.02 10.09 20.36
CA LEU A 673 4.59 10.35 20.27
C LEU A 673 4.22 10.96 18.93
N ILE A 674 5.08 11.82 18.37
CA ILE A 674 4.75 12.39 17.06
C ILE A 674 4.69 11.29 16.01
N ALA A 675 5.62 10.33 16.09
CA ALA A 675 5.57 9.23 15.14
C ALA A 675 4.31 8.38 15.34
N LEU A 676 3.94 8.13 16.60
CA LEU A 676 2.74 7.34 16.86
C LEU A 676 1.49 8.02 16.33
N MET A 677 1.36 9.33 16.58
CA MET A 677 0.21 10.05 16.06
C MET A 677 0.30 10.24 14.55
N GLY A 678 1.47 10.02 13.97
CA GLY A 678 1.52 9.86 12.53
C GLY A 678 0.93 8.54 12.10
N GLU A 679 1.12 7.50 12.92
CA GLU A 679 0.53 6.20 12.61
C GLU A 679 -0.98 6.21 12.77
N THR A 680 -1.50 6.87 13.81
CA THR A 680 -2.93 6.86 14.06
C THR A 680 -3.70 7.60 12.96
N VAL A 681 -3.19 8.74 12.51
CA VAL A 681 -3.92 9.56 11.56
C VAL A 681 -4.12 8.84 10.24
N GLU A 682 -3.13 8.06 9.81
CA GLU A 682 -3.28 7.29 8.58
C GLU A 682 -4.36 6.22 8.72
N ASN A 683 -4.72 5.87 9.96
CA ASN A 683 -5.71 4.83 10.19
C ASN A 683 -7.06 5.39 10.64
N VAL A 684 -7.12 6.66 11.05
CA VAL A 684 -8.37 7.23 11.54
C VAL A 684 -9.11 7.98 10.45
N SER A 685 -8.40 8.63 9.52
CA SER A 685 -9.05 9.46 8.51
C SER A 685 -10.09 8.69 7.71
N LYS A 686 -9.96 7.37 7.60
CA LYS A 686 -10.89 6.56 6.82
C LYS A 686 -12.17 6.25 7.58
N GLU A 687 -12.17 6.35 8.91
CA GLU A 687 -13.38 6.18 9.69
C GLU A 687 -13.89 7.48 10.27
N SER A 688 -13.17 8.58 10.09
CA SER A 688 -13.63 9.87 10.59
C SER A 688 -15.01 10.20 10.02
N GLU A 689 -15.20 10.01 8.73
CA GLU A 689 -16.49 10.34 8.13
C GLU A 689 -17.60 9.49 8.72
N ARG A 690 -17.32 8.21 8.97
CA ARG A 690 -18.34 7.34 9.55
C ARG A 690 -18.73 7.80 10.95
N ILE A 691 -17.73 8.05 11.79
CA ILE A 691 -18.05 8.42 13.17
C ILE A 691 -18.74 9.78 13.20
N TRP A 692 -18.32 10.70 12.33
CA TRP A 692 -18.98 11.99 12.28
C TRP A 692 -20.43 11.85 11.81
N ARG A 693 -20.67 10.99 10.82
CA ARG A 693 -22.02 10.77 10.31
C ARG A 693 -22.91 10.20 11.40
N LEU A 694 -22.37 9.28 12.20
CA LEU A 694 -23.15 8.71 13.28
C LEU A 694 -23.47 9.76 14.35
N GLN A 695 -22.52 10.66 14.62
CA GLN A 695 -22.80 11.71 15.59
C GLN A 695 -23.87 12.67 15.08
N ARG A 696 -23.78 13.06 13.81
CA ARG A 696 -24.80 13.92 13.25
C ARG A 696 -26.16 13.24 13.23
N ALA A 697 -26.20 11.93 13.04
CA ALA A 697 -27.47 11.22 13.12
C ALA A 697 -28.04 11.28 14.54
N ARG A 698 -27.19 11.08 15.54
CA ARG A 698 -27.65 11.23 16.92
C ARG A 698 -28.24 12.60 17.15
N THR A 699 -27.56 13.65 16.64
CA THR A 699 -28.05 15.01 16.85
C THR A 699 -29.39 15.24 16.16
N ILE A 700 -29.53 14.78 14.91
CA ILE A 700 -30.78 14.95 14.18
C ILE A 700 -31.93 14.31 14.95
N LEU A 701 -31.77 13.06 15.35
CA LEU A 701 -32.85 12.40 16.06
C LEU A 701 -33.07 12.97 17.44
N GLU A 702 -32.06 13.61 18.03
CA GLU A 702 -32.29 14.29 19.30
C GLU A 702 -33.14 15.54 19.10
N PHE A 703 -32.89 16.28 18.03
CA PHE A 703 -33.68 17.48 17.77
C PHE A 703 -35.11 17.13 17.41
N GLU A 704 -35.32 16.03 16.69
CA GLU A 704 -36.66 15.71 16.24
C GLU A 704 -37.63 15.46 17.39
N LYS A 705 -37.14 15.26 18.61
CA LYS A 705 -38.03 14.99 19.73
C LYS A 705 -38.45 16.25 20.47
N MET A 706 -37.74 17.36 20.29
CA MET A 706 -38.11 18.59 20.97
C MET A 706 -39.34 19.23 20.38
N LEU A 707 -39.59 19.04 19.08
CA LEU A 707 -40.72 19.66 18.42
C LEU A 707 -42.03 19.14 19.03
N PRO A 708 -43.08 19.95 18.97
CA PRO A 708 -44.38 19.48 19.47
C PRO A 708 -45.05 18.58 18.45
N GLU A 709 -46.26 18.14 18.79
CA GLU A 709 -46.94 17.13 17.98
C GLU A 709 -47.26 17.66 16.58
N TRP A 710 -47.91 18.81 16.49
CA TRP A 710 -48.44 19.26 15.20
C TRP A 710 -47.33 19.53 14.19
N LEU A 711 -46.19 20.04 14.64
CA LEU A 711 -45.07 20.25 13.71
C LEU A 711 -44.58 18.93 13.13
N ARG A 712 -44.41 17.92 13.99
CA ARG A 712 -43.98 16.61 13.50
C ARG A 712 -45.00 16.03 12.54
N SER A 713 -46.29 16.23 12.81
CA SER A 713 -47.30 15.80 11.85
C SER A 713 -47.25 16.64 10.58
N ARG A 714 -46.65 17.83 10.66
CA ARG A 714 -46.59 18.71 9.49
C ARG A 714 -45.44 18.36 8.58
N PHE A 715 -44.32 17.88 9.11
CA PHE A 715 -43.19 17.60 8.23
C PHE A 715 -43.38 16.29 7.47
N ARG A 716 -43.38 15.15 8.17
CA ARG A 716 -43.87 13.88 7.64
C ARG A 716 -43.26 13.54 6.28
N MET A 717 -41.95 13.25 6.30
CA MET A 717 -41.23 12.89 5.08
C MET A 717 -41.95 11.78 4.32
N GLY A 718 -41.98 11.92 3.01
CA GLY A 718 -42.53 10.88 2.15
C GLY A 718 -44.04 11.00 2.00
N GLU A 719 -44.53 10.57 0.83
CA GLU A 719 -45.93 10.73 0.47
C GLU A 719 -46.53 9.40 0.07
N LEU A 720 -47.84 9.28 0.22
CA LEU A 720 -48.55 8.04 -0.07
C LEU A 720 -48.39 7.63 -1.53
N CYS A 721 -48.63 6.35 -1.80
CA CYS A 721 -48.55 5.83 -3.16
C CYS A 721 -49.32 4.52 -3.23
N LYS A 722 -50.45 4.50 -3.92
CA LYS A 722 -51.21 3.27 -4.06
C LYS A 722 -50.37 2.22 -4.78
N VAL A 723 -50.08 1.13 -4.09
CA VAL A 723 -49.12 0.15 -4.58
C VAL A 723 -49.79 -1.09 -5.17
N ALA A 724 -50.97 -1.45 -4.70
CA ALA A 724 -51.61 -2.70 -5.13
C ALA A 724 -53.11 -2.45 -5.18
N GLU A 725 -53.89 -3.53 -5.16
CA GLU A 725 -55.35 -3.41 -5.12
C GLU A 725 -55.80 -2.36 -4.12
N ASP A 726 -55.42 -2.54 -2.85
CA ASP A 726 -55.64 -1.49 -1.84
C ASP A 726 -54.53 -1.64 -0.80
N ASP A 727 -53.44 -0.92 -1.01
CA ASP A 727 -52.31 -0.96 -0.08
C ASP A 727 -52.05 0.38 0.58
N PHE A 728 -51.80 1.43 -0.20
CA PHE A 728 -51.64 2.80 0.31
C PHE A 728 -50.60 2.87 1.42
N ARG A 729 -49.37 2.60 1.05
CA ARG A 729 -48.24 2.69 1.98
C ARG A 729 -47.45 3.96 1.73
N LEU A 730 -47.00 4.59 2.81
CA LEU A 730 -46.09 5.72 2.68
C LEU A 730 -44.81 5.28 2.00
N CYS A 731 -44.14 6.22 1.34
CA CYS A 731 -43.02 5.86 0.49
C CYS A 731 -42.06 7.02 0.38
N LEU A 732 -40.87 6.75 -0.17
CA LEU A 732 -39.82 7.74 -0.30
C LEU A 732 -39.10 7.52 -1.63
N ARG A 733 -39.34 8.39 -2.60
CA ARG A 733 -38.84 8.17 -3.96
C ARG A 733 -37.35 8.48 -4.06
N ILE A 734 -36.62 7.61 -4.77
CA ILE A 734 -35.17 7.75 -4.94
C ILE A 734 -34.83 7.40 -6.37
N ASN A 735 -34.56 8.42 -7.19
CA ASN A 735 -34.25 8.19 -8.60
C ASN A 735 -32.85 7.61 -8.76
N GLU A 736 -32.59 7.02 -9.93
CA GLU A 736 -31.35 6.31 -10.16
C GLU A 736 -31.06 6.22 -11.64
N VAL A 737 -29.79 6.02 -11.99
CA VAL A 737 -29.34 5.92 -13.38
C VAL A 737 -28.31 4.81 -13.48
N LYS A 738 -28.57 3.83 -14.36
CA LYS A 738 -27.69 2.68 -14.49
C LYS A 738 -27.49 2.34 -15.97
N TRP A 739 -26.24 2.39 -16.43
CA TRP A 739 -25.90 2.25 -17.84
C TRP A 739 -25.37 0.88 -18.20
N THR A 740 -25.54 -0.14 -17.37
CA THR A 740 -24.90 -1.42 -17.65
C THR A 740 -25.89 -2.57 -17.79
N GLU A 741 -26.93 -2.60 -16.96
CA GLU A 741 -27.90 -3.69 -16.98
C GLU A 741 -29.07 -3.27 -17.85
N TRP A 742 -28.99 -3.58 -19.13
CA TRP A 742 -30.05 -3.28 -20.07
C TRP A 742 -31.09 -4.39 -20.02
N LYS A 743 -32.38 -4.02 -19.96
CA LYS A 743 -33.44 -5.00 -19.84
C LYS A 743 -34.75 -4.38 -20.30
N THR A 744 -35.64 -5.23 -20.79
CA THR A 744 -36.98 -4.77 -21.13
C THR A 744 -37.80 -4.60 -19.86
N HIS A 745 -38.41 -3.44 -19.69
CA HIS A 745 -39.08 -3.11 -18.43
C HIS A 745 -40.48 -3.70 -18.43
N VAL A 746 -40.76 -4.56 -17.45
CA VAL A 746 -42.04 -5.23 -17.34
C VAL A 746 -42.79 -4.82 -16.08
N SER A 747 -42.09 -4.66 -14.97
CA SER A 747 -42.69 -4.35 -13.68
C SER A 747 -42.57 -2.87 -13.38
N PHE A 748 -43.70 -2.19 -13.27
CA PHE A 748 -43.73 -0.77 -12.94
C PHE A 748 -45.15 -0.41 -12.55
N LEU A 749 -45.28 0.71 -11.83
CA LEU A 749 -46.59 1.16 -11.39
C LEU A 749 -47.26 2.06 -12.41
N ASN A 750 -46.47 2.91 -13.07
CA ASN A 750 -46.98 3.86 -14.04
C ASN A 750 -46.33 3.64 -15.39
N GLU A 751 -47.15 3.56 -16.44
CA GLU A 751 -46.62 3.42 -17.79
C GLU A 751 -45.88 4.68 -18.20
N ASP A 752 -46.61 5.79 -18.29
CA ASP A 752 -46.02 7.07 -18.75
C ASP A 752 -45.16 7.70 -17.64
N PRO A 753 -43.83 7.79 -17.79
CA PRO A 753 -42.96 8.34 -16.75
C PRO A 753 -43.20 9.82 -16.51
N GLY A 754 -43.11 10.30 -15.27
CA GLY A 754 -43.34 11.73 -14.98
C GLY A 754 -42.09 12.41 -14.43
N ARG B 118 -68.36 2.07 -23.37
CA ARG B 118 -67.79 0.87 -22.77
C ARG B 118 -67.14 -0.01 -23.82
N LEU B 119 -66.83 0.58 -24.97
CA LEU B 119 -66.11 -0.15 -26.01
C LEU B 119 -64.64 0.23 -26.04
N LYS B 120 -64.33 1.52 -25.93
CA LYS B 120 -62.94 1.97 -25.92
C LYS B 120 -62.21 1.37 -24.72
N LYS B 121 -62.83 1.44 -23.54
CA LYS B 121 -62.19 0.88 -22.36
C LYS B 121 -61.98 -0.62 -22.49
N ARG B 122 -62.95 -1.33 -23.07
CA ARG B 122 -62.80 -2.77 -23.25
C ARG B 122 -61.66 -3.09 -24.21
N ILE B 123 -61.55 -2.32 -25.30
CA ILE B 123 -60.44 -2.53 -26.23
C ILE B 123 -59.10 -2.29 -25.55
N PHE B 124 -59.00 -1.18 -24.80
CA PHE B 124 -57.76 -0.86 -24.10
C PHE B 124 -57.39 -1.96 -23.13
N ALA B 125 -58.36 -2.44 -22.36
CA ALA B 125 -58.06 -3.49 -21.38
C ALA B 125 -57.64 -4.77 -22.09
N ALA B 126 -58.31 -5.12 -23.18
CA ALA B 126 -57.99 -6.37 -23.87
C ALA B 126 -56.60 -6.31 -24.50
N VAL B 127 -56.18 -5.14 -24.96
CA VAL B 127 -54.88 -5.04 -25.61
C VAL B 127 -53.74 -4.84 -24.60
N SER B 128 -54.02 -4.25 -23.43
CA SER B 128 -52.99 -4.07 -22.43
C SER B 128 -52.78 -5.33 -21.62
N GLU B 129 -53.88 -5.96 -21.16
CA GLU B 129 -53.75 -7.13 -20.30
C GLU B 129 -53.09 -8.29 -21.03
N GLY B 130 -53.28 -8.38 -22.34
CA GLY B 130 -52.69 -9.47 -23.09
C GLY B 130 -53.10 -10.85 -22.63
N CYS B 131 -54.21 -10.95 -21.89
CA CYS B 131 -54.68 -12.25 -21.42
C CYS B 131 -55.10 -13.16 -22.56
N VAL B 132 -55.52 -12.60 -23.68
CA VAL B 132 -55.90 -13.40 -24.84
C VAL B 132 -55.98 -12.46 -26.04
N GLU B 133 -55.71 -13.01 -27.22
CA GLU B 133 -55.96 -12.31 -28.47
C GLU B 133 -57.36 -12.56 -29.00
N GLU B 134 -58.03 -13.62 -28.54
CA GLU B 134 -59.39 -13.88 -28.98
C GLU B 134 -60.35 -12.78 -28.54
N LEU B 135 -60.13 -12.23 -27.34
CA LEU B 135 -61.01 -11.17 -26.85
C LEU B 135 -60.89 -9.91 -27.70
N VAL B 136 -59.65 -9.51 -28.03
CA VAL B 136 -59.49 -8.34 -28.88
C VAL B 136 -59.97 -8.64 -30.29
N GLU B 137 -59.86 -9.89 -30.74
CA GLU B 137 -60.40 -10.25 -32.05
C GLU B 137 -61.91 -10.02 -32.08
N LEU B 138 -62.62 -10.53 -31.06
CA LEU B 138 -64.06 -10.35 -31.00
C LEU B 138 -64.43 -8.87 -30.86
N LEU B 139 -63.68 -8.13 -30.05
CA LEU B 139 -63.97 -6.71 -29.87
C LEU B 139 -63.78 -5.94 -31.17
N VAL B 140 -62.74 -6.27 -31.93
CA VAL B 140 -62.49 -5.60 -33.20
C VAL B 140 -63.57 -5.97 -34.21
N GLU B 141 -64.02 -7.23 -34.19
CA GLU B 141 -65.15 -7.61 -35.03
C GLU B 141 -66.38 -6.78 -34.70
N LEU B 142 -66.68 -6.62 -33.42
CA LEU B 142 -67.83 -5.81 -33.02
C LEU B 142 -67.66 -4.35 -33.42
N GLN B 143 -66.43 -3.83 -33.30
CA GLN B 143 -66.18 -2.45 -33.68
C GLN B 143 -66.38 -2.24 -35.18
N GLU B 144 -65.90 -3.18 -35.99
CA GLU B 144 -66.10 -3.08 -37.44
C GLU B 144 -67.58 -3.20 -37.77
N LEU B 145 -68.31 -4.07 -37.07
CA LEU B 145 -69.75 -4.18 -37.30
C LEU B 145 -70.46 -2.87 -36.97
N CYS B 146 -70.06 -2.22 -35.88
CA CYS B 146 -70.63 -0.93 -35.54
C CYS B 146 -70.29 0.12 -36.59
N ARG B 147 -69.06 0.06 -37.12
CA ARG B 147 -68.63 0.99 -38.16
C ARG B 147 -69.30 0.74 -39.50
N ARG B 148 -69.84 -0.46 -39.72
CA ARG B 148 -70.47 -0.79 -41.00
C ARG B 148 -71.69 0.07 -41.30
N ARG B 149 -72.22 0.79 -40.32
CA ARG B 149 -73.35 1.68 -40.55
C ARG B 149 -72.85 3.09 -40.84
N VAL B 154 -66.17 8.92 -41.75
CA VAL B 154 -66.12 7.47 -41.75
C VAL B 154 -64.84 6.94 -41.08
N PRO B 155 -63.65 7.47 -41.43
CA PRO B 155 -62.47 7.07 -40.67
C PRO B 155 -62.28 7.86 -39.39
N ASP B 156 -62.77 9.11 -39.35
CA ASP B 156 -62.68 9.91 -38.14
C ASP B 156 -63.42 9.25 -37.00
N PHE B 157 -64.50 8.54 -37.29
CA PHE B 157 -65.18 7.73 -36.29
C PHE B 157 -64.21 6.73 -35.67
N LEU B 158 -63.48 5.99 -36.51
CA LEU B 158 -62.53 5.01 -36.01
C LEU B 158 -61.43 5.66 -35.20
N MET B 159 -60.94 6.81 -35.65
CA MET B 159 -59.91 7.53 -34.90
C MET B 159 -60.41 7.91 -33.51
N HIS B 160 -61.50 8.67 -33.46
CA HIS B 160 -62.01 9.14 -32.17
C HIS B 160 -62.42 7.98 -31.26
N LYS B 161 -62.78 6.83 -31.84
CA LYS B 161 -63.14 5.69 -31.01
C LYS B 161 -61.95 4.78 -30.73
N LEU B 162 -60.77 5.08 -31.25
CA LEU B 162 -59.60 4.23 -31.03
C LEU B 162 -58.54 4.91 -30.16
N THR B 163 -58.63 6.20 -29.91
CA THR B 163 -57.61 6.91 -29.15
C THR B 163 -58.24 7.57 -27.93
N ALA B 164 -57.39 7.95 -26.99
CA ALA B 164 -57.79 8.71 -25.82
C ALA B 164 -57.62 10.18 -26.13
N SER B 165 -58.70 10.95 -26.06
CA SER B 165 -58.63 12.36 -26.42
C SER B 165 -57.92 13.18 -25.36
N ASP B 166 -57.90 12.74 -24.11
CA ASP B 166 -57.31 13.53 -23.05
C ASP B 166 -55.78 13.57 -23.17
N THR B 167 -55.18 12.48 -23.64
CA THR B 167 -53.73 12.41 -23.76
C THR B 167 -53.25 11.84 -25.09
N GLY B 168 -54.06 11.90 -26.15
CA GLY B 168 -53.60 11.57 -27.49
C GLY B 168 -53.17 10.14 -27.71
N LYS B 169 -53.06 9.33 -26.67
CA LYS B 169 -52.47 8.01 -26.80
C LYS B 169 -53.45 7.03 -27.42
N THR B 170 -53.01 6.31 -28.45
CA THR B 170 -53.85 5.34 -29.13
C THR B 170 -53.63 3.93 -28.57
N CYS B 171 -54.19 2.93 -29.25
CA CYS B 171 -54.07 1.56 -28.75
C CYS B 171 -52.72 0.95 -29.07
N LEU B 172 -52.04 1.42 -30.12
CA LEU B 172 -50.73 0.86 -30.42
C LEU B 172 -49.72 1.20 -29.33
N MET B 173 -49.80 2.43 -28.80
CA MET B 173 -48.90 2.81 -27.72
C MET B 173 -49.25 2.06 -26.44
N LYS B 174 -50.54 1.94 -26.12
CA LYS B 174 -50.95 1.15 -24.97
C LYS B 174 -50.63 -0.32 -25.15
N ALA B 175 -50.38 -0.76 -26.37
CA ALA B 175 -50.00 -2.15 -26.61
C ALA B 175 -48.51 -2.34 -26.44
N LEU B 176 -47.70 -1.41 -26.96
CA LEU B 176 -46.26 -1.54 -26.89
C LEU B 176 -45.69 -1.15 -25.55
N LEU B 177 -46.44 -0.40 -24.73
CA LEU B 177 -45.92 0.01 -23.43
C LEU B 177 -45.81 -1.16 -22.46
N ASN B 178 -46.78 -2.09 -22.49
CA ASN B 178 -46.80 -3.24 -21.60
C ASN B 178 -46.67 -4.49 -22.44
N ILE B 179 -45.43 -4.93 -22.67
CA ILE B 179 -45.19 -6.06 -23.56
C ILE B 179 -45.31 -7.35 -22.77
N ASN B 180 -46.14 -8.25 -23.26
CA ASN B 180 -46.29 -9.61 -22.77
C ASN B 180 -45.87 -10.58 -23.86
N PRO B 181 -45.62 -11.85 -23.53
CA PRO B 181 -45.09 -12.78 -24.54
C PRO B 181 -45.97 -12.97 -25.77
N ASN B 182 -47.15 -12.33 -25.80
CA ASN B 182 -48.06 -12.47 -26.93
C ASN B 182 -48.41 -11.12 -27.57
N THR B 183 -47.44 -10.20 -27.61
CA THR B 183 -47.68 -8.88 -28.19
C THR B 183 -47.39 -8.81 -29.67
N LYS B 184 -46.48 -9.65 -30.19
CA LYS B 184 -46.16 -9.63 -31.60
C LYS B 184 -47.35 -10.03 -32.45
N GLU B 185 -48.36 -10.66 -31.85
CA GLU B 185 -49.60 -10.96 -32.56
C GLU B 185 -50.60 -9.82 -32.47
N ILE B 186 -50.65 -9.15 -31.32
CA ILE B 186 -51.62 -8.07 -31.15
C ILE B 186 -51.24 -6.88 -32.03
N VAL B 187 -49.94 -6.58 -32.14
CA VAL B 187 -49.51 -5.52 -33.04
C VAL B 187 -49.90 -5.86 -34.47
N ARG B 188 -49.63 -7.09 -34.88
CA ARG B 188 -49.96 -7.51 -36.25
C ARG B 188 -51.45 -7.36 -36.51
N ILE B 189 -52.29 -7.88 -35.61
CA ILE B 189 -53.74 -7.82 -35.81
C ILE B 189 -54.21 -6.38 -35.83
N LEU B 190 -53.67 -5.53 -34.95
CA LEU B 190 -54.13 -4.17 -34.87
C LEU B 190 -53.82 -3.40 -36.16
N LEU B 191 -52.57 -3.46 -36.63
CA LEU B 191 -52.27 -2.72 -37.84
C LEU B 191 -52.88 -3.37 -39.07
N ALA B 192 -53.14 -4.67 -39.05
CA ALA B 192 -53.87 -5.29 -40.16
C ALA B 192 -55.30 -4.79 -40.22
N PHE B 193 -55.97 -4.69 -39.07
CA PHE B 193 -57.30 -4.11 -39.04
C PHE B 193 -57.28 -2.67 -39.51
N ALA B 194 -56.27 -1.90 -39.09
CA ALA B 194 -56.19 -0.51 -39.52
C ALA B 194 -55.95 -0.41 -41.02
N GLU B 195 -55.25 -1.38 -41.61
CA GLU B 195 -55.04 -1.38 -43.05
C GLU B 195 -56.28 -1.81 -43.81
N GLU B 196 -57.07 -2.71 -43.23
CA GLU B 196 -58.29 -3.18 -43.90
C GLU B 196 -59.33 -2.09 -44.04
N ASN B 197 -59.17 -0.94 -43.38
CA ASN B 197 -60.07 0.18 -43.52
C ASN B 197 -59.39 1.42 -44.09
N ASP B 198 -58.14 1.30 -44.53
CA ASP B 198 -57.38 2.40 -45.13
C ASP B 198 -57.30 3.60 -44.19
N ILE B 199 -56.70 3.36 -43.02
CA ILE B 199 -56.44 4.42 -42.06
C ILE B 199 -55.01 4.30 -41.55
N LEU B 200 -54.28 3.31 -42.06
CA LEU B 200 -52.95 2.98 -41.53
C LEU B 200 -52.06 4.20 -41.40
N GLY B 201 -52.14 5.12 -42.35
CA GLY B 201 -51.31 6.31 -42.31
C GLY B 201 -51.50 7.14 -41.06
N ARG B 202 -52.69 7.72 -40.89
CA ARG B 202 -52.94 8.56 -39.74
C ARG B 202 -52.99 7.78 -38.43
N PHE B 203 -52.88 6.45 -38.49
CA PHE B 203 -52.97 5.62 -37.29
C PHE B 203 -51.61 5.25 -36.75
N ILE B 204 -50.76 4.64 -37.58
CA ILE B 204 -49.43 4.25 -37.13
C ILE B 204 -48.52 5.44 -36.90
N ASN B 205 -48.91 6.62 -37.37
CA ASN B 205 -48.11 7.83 -37.27
C ASN B 205 -48.68 8.78 -36.21
N ALA B 206 -49.57 8.28 -35.36
CA ALA B 206 -50.18 9.12 -34.35
C ALA B 206 -49.15 9.52 -33.30
N GLU B 207 -49.34 10.71 -32.75
CA GLU B 207 -48.39 11.27 -31.80
C GLU B 207 -49.14 11.77 -30.57
N TYR B 208 -48.44 11.80 -29.44
CA TYR B 208 -49.02 12.37 -28.24
C TYR B 208 -49.40 13.83 -28.47
N THR B 209 -50.17 14.35 -27.52
CA THR B 209 -50.53 15.77 -27.52
C THR B 209 -50.33 16.44 -26.18
N GLU B 210 -50.09 15.70 -25.12
CA GLU B 210 -49.85 16.31 -23.82
C GLU B 210 -48.59 17.16 -23.88
N GLU B 211 -48.64 18.32 -23.22
CA GLU B 211 -47.53 19.26 -23.30
C GLU B 211 -46.25 18.75 -22.67
N ALA B 212 -46.24 17.51 -22.17
CA ALA B 212 -45.07 16.96 -21.50
C ALA B 212 -44.31 15.94 -22.34
N TYR B 213 -45.01 15.12 -23.12
CA TYR B 213 -44.32 14.14 -23.95
C TYR B 213 -44.66 14.35 -25.41
N GLU B 214 -44.65 15.59 -25.88
CA GLU B 214 -45.10 15.89 -27.23
C GLU B 214 -44.30 15.07 -28.25
N GLY B 215 -44.92 14.81 -29.38
CA GLY B 215 -44.22 14.22 -30.51
C GLY B 215 -43.90 12.76 -30.41
N GLN B 216 -44.00 12.15 -29.23
CA GLN B 216 -43.70 10.73 -29.08
C GLN B 216 -44.61 9.91 -29.98
N THR B 217 -44.07 8.86 -30.61
CA THR B 217 -44.84 7.99 -31.49
C THR B 217 -44.67 6.54 -31.04
N ALA B 218 -45.14 5.63 -31.89
CA ALA B 218 -45.03 4.20 -31.58
C ALA B 218 -43.60 3.70 -31.71
N LEU B 219 -42.78 4.37 -32.53
CA LEU B 219 -41.43 3.89 -32.75
C LEU B 219 -40.55 4.14 -31.53
N ASN B 220 -40.71 5.29 -30.87
CA ASN B 220 -39.93 5.54 -29.66
C ASN B 220 -40.25 4.50 -28.60
N ILE B 221 -41.51 4.10 -28.49
CA ILE B 221 -41.88 3.13 -27.47
C ILE B 221 -41.40 1.75 -27.86
N ALA B 222 -41.37 1.45 -29.16
CA ALA B 222 -40.90 0.14 -29.57
C ALA B 222 -39.39 0.03 -29.52
N ILE B 223 -38.68 1.15 -29.43
CA ILE B 223 -37.22 1.10 -29.29
C ILE B 223 -36.80 1.20 -27.82
N GLU B 224 -37.47 2.04 -27.03
CA GLU B 224 -37.09 2.18 -25.62
C GLU B 224 -37.30 0.89 -24.85
N ARG B 225 -38.20 0.02 -25.32
CA ARG B 225 -38.42 -1.29 -24.73
C ARG B 225 -37.58 -2.37 -25.39
N ARG B 226 -36.60 -1.99 -26.20
CA ARG B 226 -35.60 -2.90 -26.75
C ARG B 226 -36.22 -3.98 -27.62
N GLN B 227 -37.35 -3.68 -28.25
CA GLN B 227 -38.00 -4.61 -29.17
C GLN B 227 -37.49 -4.35 -30.58
N GLY B 228 -36.82 -5.35 -31.17
CA GLY B 228 -36.29 -5.20 -32.50
C GLY B 228 -37.24 -5.67 -33.59
N ASP B 229 -37.84 -6.84 -33.40
CA ASP B 229 -38.73 -7.39 -34.41
C ASP B 229 -39.91 -6.46 -34.67
N ILE B 230 -40.60 -6.02 -33.61
CA ILE B 230 -41.69 -5.09 -33.79
C ILE B 230 -41.18 -3.76 -34.34
N ALA B 231 -39.95 -3.39 -33.99
CA ALA B 231 -39.38 -2.16 -34.52
C ALA B 231 -39.31 -2.20 -36.04
N ALA B 232 -38.76 -3.29 -36.58
CA ALA B 232 -38.74 -3.44 -38.04
C ALA B 232 -40.14 -3.55 -38.60
N LEU B 233 -41.05 -4.20 -37.86
CA LEU B 233 -42.42 -4.35 -38.34
C LEU B 233 -43.10 -3.00 -38.52
N LEU B 234 -42.84 -2.05 -37.63
CA LEU B 234 -43.44 -0.73 -37.79
C LEU B 234 -42.65 0.12 -38.77
N ILE B 235 -41.33 -0.05 -38.83
CA ILE B 235 -40.54 0.69 -39.81
C ILE B 235 -41.00 0.36 -41.22
N ALA B 236 -41.24 -0.92 -41.50
CA ALA B 236 -41.61 -1.33 -42.85
C ALA B 236 -43.03 -0.93 -43.23
N ALA B 237 -43.89 -0.69 -42.25
CA ALA B 237 -45.30 -0.45 -42.52
C ALA B 237 -45.63 1.00 -42.85
N GLY B 238 -44.65 1.89 -42.75
CA GLY B 238 -44.90 3.29 -43.10
C GLY B 238 -44.86 4.23 -41.92
N ALA B 239 -44.02 3.91 -40.93
CA ALA B 239 -43.86 4.78 -39.78
C ALA B 239 -42.90 5.92 -40.12
N ASP B 240 -43.08 7.05 -39.47
CA ASP B 240 -42.19 8.19 -39.69
C ASP B 240 -40.90 7.95 -38.94
N VAL B 241 -39.77 7.98 -39.65
CA VAL B 241 -38.48 7.73 -39.02
C VAL B 241 -37.79 9.02 -38.60
N ASN B 242 -38.36 10.18 -38.91
CA ASN B 242 -37.82 11.45 -38.46
C ASN B 242 -38.66 12.05 -37.34
N ALA B 243 -39.30 11.22 -36.55
CA ALA B 243 -40.22 11.70 -35.52
C ALA B 243 -39.45 12.42 -34.42
N HIS B 244 -39.69 13.72 -34.31
CA HIS B 244 -39.03 14.53 -33.29
C HIS B 244 -39.86 14.52 -32.02
N ALA B 245 -39.28 13.98 -30.94
CA ALA B 245 -39.95 13.90 -29.65
C ALA B 245 -39.71 15.16 -28.84
N LYS B 246 -40.10 16.30 -29.41
CA LYS B 246 -39.82 17.61 -28.83
C LYS B 246 -40.72 17.85 -27.63
N GLY B 247 -40.47 17.11 -26.57
CA GLY B 247 -41.31 17.16 -25.39
C GLY B 247 -40.63 17.88 -24.25
N ALA B 248 -41.34 17.92 -23.12
CA ALA B 248 -40.76 18.49 -21.90
C ALA B 248 -40.11 17.44 -21.04
N PHE B 249 -40.37 16.16 -21.29
CA PHE B 249 -39.66 15.09 -20.63
C PHE B 249 -38.42 14.66 -21.38
N PHE B 250 -38.29 15.02 -22.65
CA PHE B 250 -37.14 14.64 -23.45
C PHE B 250 -36.18 15.80 -23.70
N ASN B 251 -36.48 16.99 -23.22
CA ASN B 251 -35.59 18.14 -23.26
C ASN B 251 -35.66 18.83 -21.91
N PRO B 252 -35.16 18.20 -20.86
CA PRO B 252 -35.42 18.68 -19.50
C PRO B 252 -34.55 19.86 -19.13
N LYS B 253 -34.82 20.41 -17.94
CA LYS B 253 -34.01 21.49 -17.40
C LYS B 253 -33.00 20.97 -16.39
N TYR B 254 -33.48 20.26 -15.37
CA TYR B 254 -32.62 19.65 -14.36
C TYR B 254 -32.65 18.14 -14.53
N GLN B 255 -31.48 17.51 -14.38
CA GLN B 255 -31.37 16.08 -14.64
C GLN B 255 -32.14 15.28 -13.59
N HIS B 256 -32.13 13.96 -13.77
CA HIS B 256 -32.76 12.99 -12.88
C HIS B 256 -34.27 13.03 -12.98
N GLU B 257 -34.81 14.01 -13.70
CA GLU B 257 -36.22 14.04 -14.09
C GLU B 257 -36.24 14.36 -15.57
N GLY B 258 -36.07 13.35 -16.40
CA GLY B 258 -35.95 13.57 -17.82
C GLY B 258 -34.77 12.85 -18.43
N PHE B 259 -34.89 12.49 -19.70
CA PHE B 259 -33.84 11.78 -20.42
C PHE B 259 -33.68 12.48 -21.76
N TYR B 260 -32.53 13.12 -21.98
CA TYR B 260 -32.23 13.76 -23.25
C TYR B 260 -31.32 12.86 -24.07
N PHE B 261 -31.81 12.45 -25.23
CA PHE B 261 -31.11 11.48 -26.06
C PHE B 261 -30.85 11.92 -27.48
N GLY B 262 -31.50 12.97 -27.96
CA GLY B 262 -31.28 13.44 -29.30
C GLY B 262 -32.58 13.70 -30.03
N GLU B 263 -33.68 13.21 -29.47
CA GLU B 263 -35.02 13.47 -29.97
C GLU B 263 -35.25 12.91 -31.37
N THR B 264 -34.60 11.81 -31.72
CA THR B 264 -34.85 11.13 -32.97
C THR B 264 -34.69 9.65 -32.75
N PRO B 265 -35.56 8.83 -33.34
CA PRO B 265 -35.42 7.37 -33.17
C PRO B 265 -34.02 6.86 -33.45
N LEU B 266 -33.28 7.46 -34.37
CA LEU B 266 -31.90 7.08 -34.58
C LEU B 266 -31.08 7.35 -33.33
N ALA B 267 -31.20 8.55 -32.76
CA ALA B 267 -30.40 8.88 -31.59
C ALA B 267 -30.85 8.09 -30.37
N LEU B 268 -32.13 7.72 -30.31
CA LEU B 268 -32.58 6.92 -29.17
C LEU B 268 -32.11 5.48 -29.30
N ALA B 269 -32.02 4.96 -30.52
CA ALA B 269 -31.48 3.62 -30.70
C ALA B 269 -29.97 3.60 -30.54
N ALA B 270 -29.31 4.74 -30.69
CA ALA B 270 -27.87 4.80 -30.53
C ALA B 270 -27.43 5.11 -29.10
N CYS B 271 -28.25 5.82 -28.33
CA CYS B 271 -27.88 6.15 -26.96
C CYS B 271 -28.17 5.03 -25.96
N THR B 272 -29.16 4.18 -26.22
CA THR B 272 -29.44 3.04 -25.36
C THR B 272 -28.80 1.76 -25.90
N ASN B 273 -27.73 1.87 -26.69
CA ASN B 273 -26.86 0.76 -27.04
C ASN B 273 -27.65 -0.37 -27.72
N GLN B 274 -28.15 -0.06 -28.91
CA GLN B 274 -28.77 -1.06 -29.77
C GLN B 274 -28.18 -0.90 -31.16
N PRO B 275 -27.10 -1.61 -31.45
CA PRO B 275 -26.48 -1.44 -32.77
C PRO B 275 -27.33 -1.99 -33.90
N GLU B 276 -28.10 -3.05 -33.65
CA GLU B 276 -28.90 -3.65 -34.71
C GLU B 276 -29.92 -2.66 -35.25
N ILE B 277 -30.62 -1.95 -34.35
CA ILE B 277 -31.61 -0.99 -34.80
C ILE B 277 -30.96 0.20 -35.46
N VAL B 278 -29.74 0.55 -35.06
CA VAL B 278 -29.03 1.62 -35.75
C VAL B 278 -28.73 1.21 -37.18
N GLN B 279 -28.24 -0.02 -37.38
CA GLN B 279 -27.97 -0.49 -38.74
C GLN B 279 -29.25 -0.52 -39.56
N LEU B 280 -30.33 -1.03 -38.98
CA LEU B 280 -31.59 -1.12 -39.70
C LEU B 280 -32.14 0.25 -40.03
N LEU B 281 -31.85 1.25 -39.19
CA LEU B 281 -32.37 2.59 -39.44
C LEU B 281 -31.54 3.33 -40.47
N MET B 282 -30.22 3.11 -40.48
CA MET B 282 -29.39 3.81 -41.45
C MET B 282 -29.48 3.17 -42.83
N GLU B 283 -29.67 1.85 -42.90
CA GLU B 283 -29.84 1.20 -44.18
C GLU B 283 -31.10 1.65 -44.89
N HIS B 284 -32.01 2.31 -44.18
CA HIS B 284 -33.23 2.82 -44.79
C HIS B 284 -32.89 3.94 -45.77
N GLU B 285 -33.93 4.47 -46.40
CA GLU B 285 -33.74 5.54 -47.38
C GLU B 285 -34.35 6.86 -46.91
N GLN B 286 -35.59 6.83 -46.45
CA GLN B 286 -36.29 8.05 -46.03
C GLN B 286 -35.70 8.68 -44.79
N THR B 287 -34.84 7.97 -44.06
CA THR B 287 -34.25 8.54 -42.86
C THR B 287 -33.30 9.67 -43.23
N ASP B 288 -32.99 10.50 -42.24
CA ASP B 288 -32.16 11.69 -42.44
C ASP B 288 -31.12 11.71 -41.33
N ILE B 289 -29.85 11.53 -41.70
CA ILE B 289 -28.79 11.44 -40.70
C ILE B 289 -28.33 12.80 -40.22
N THR B 290 -28.39 13.83 -41.06
CA THR B 290 -27.90 15.14 -40.68
C THR B 290 -28.97 16.02 -40.05
N SER B 291 -30.09 15.45 -39.59
CA SER B 291 -31.14 16.24 -38.99
C SER B 291 -30.67 16.86 -37.68
N ARG B 292 -31.13 18.07 -37.40
CA ARG B 292 -30.79 18.76 -36.17
C ARG B 292 -32.06 19.00 -35.36
N ASP B 293 -31.98 18.74 -34.07
CA ASP B 293 -33.14 18.81 -33.20
C ASP B 293 -33.28 20.21 -32.61
N SER B 294 -34.15 20.34 -31.61
CA SER B 294 -34.54 21.66 -31.11
C SER B 294 -33.37 22.37 -30.46
N ARG B 295 -32.59 21.67 -29.65
CA ARG B 295 -31.47 22.30 -28.97
C ARG B 295 -30.33 22.64 -29.93
N GLY B 296 -30.41 22.21 -31.18
CA GLY B 296 -29.38 22.43 -32.16
C GLY B 296 -28.56 21.21 -32.50
N ASN B 297 -28.48 20.24 -31.59
CA ASN B 297 -27.64 19.08 -31.77
C ASN B 297 -28.10 18.21 -32.93
N ASN B 298 -27.14 17.57 -33.59
CA ASN B 298 -27.42 16.43 -34.45
C ASN B 298 -27.04 15.17 -33.68
N ILE B 299 -27.01 14.03 -34.37
CA ILE B 299 -26.79 12.77 -33.68
C ILE B 299 -25.45 12.75 -32.98
N LEU B 300 -24.44 13.42 -33.53
CA LEU B 300 -23.12 13.37 -32.93
C LEU B 300 -23.00 14.25 -31.70
N HIS B 301 -23.64 15.42 -31.70
CA HIS B 301 -23.69 16.20 -30.47
C HIS B 301 -24.42 15.43 -29.38
N ALA B 302 -25.42 14.63 -29.76
CA ALA B 302 -26.15 13.84 -28.77
C ALA B 302 -25.25 12.79 -28.15
N LEU B 303 -24.55 12.02 -28.98
CA LEU B 303 -23.63 11.01 -28.45
C LEU B 303 -22.50 11.63 -27.65
N VAL B 304 -22.19 12.90 -27.88
CA VAL B 304 -21.17 13.53 -27.06
C VAL B 304 -21.76 14.00 -25.73
N THR B 305 -23.01 14.48 -25.73
CA THR B 305 -23.62 14.91 -24.48
C THR B 305 -23.96 13.75 -23.56
N VAL B 306 -24.07 12.53 -24.11
CA VAL B 306 -24.50 11.42 -23.25
C VAL B 306 -23.32 10.58 -22.77
N ALA B 307 -22.19 10.61 -23.48
CA ALA B 307 -21.03 9.79 -23.13
C ALA B 307 -20.54 10.11 -21.73
N GLU B 308 -20.40 9.07 -20.89
CA GLU B 308 -20.03 9.33 -19.50
C GLU B 308 -18.57 9.04 -19.15
N ASP B 309 -18.15 7.79 -19.21
CA ASP B 309 -16.87 7.38 -18.64
C ASP B 309 -16.62 5.94 -19.07
N PHE B 310 -15.62 5.30 -18.46
CA PHE B 310 -15.51 3.85 -18.61
C PHE B 310 -16.02 3.12 -17.39
N LYS B 311 -15.66 3.58 -16.19
CA LYS B 311 -16.06 2.88 -14.98
C LYS B 311 -17.57 2.80 -14.82
N THR B 312 -18.32 3.67 -15.50
CA THR B 312 -19.77 3.68 -15.37
C THR B 312 -20.51 3.55 -16.68
N GLN B 313 -19.83 3.29 -17.79
CA GLN B 313 -20.55 3.13 -19.04
C GLN B 313 -20.07 2.00 -19.93
N ASN B 314 -18.92 1.39 -19.66
CA ASN B 314 -18.36 0.27 -20.43
C ASN B 314 -17.99 0.65 -21.85
N ASP B 315 -17.95 1.94 -22.18
CA ASP B 315 -17.40 2.43 -23.45
C ASP B 315 -18.12 1.84 -24.65
N PHE B 316 -19.42 2.14 -24.75
CA PHE B 316 -20.19 1.80 -25.94
C PHE B 316 -20.52 3.00 -26.79
N VAL B 317 -20.36 4.22 -26.28
CA VAL B 317 -20.74 5.39 -27.06
C VAL B 317 -19.66 5.70 -28.10
N LYS B 318 -18.40 5.51 -27.76
CA LYS B 318 -17.33 5.73 -28.73
C LYS B 318 -17.54 4.86 -29.97
N ARG B 319 -17.96 3.61 -29.78
CA ARG B 319 -18.15 2.72 -30.93
C ARG B 319 -19.32 3.17 -31.80
N MET B 320 -20.41 3.62 -31.19
CA MET B 320 -21.53 4.12 -31.98
C MET B 320 -21.14 5.38 -32.73
N TYR B 321 -20.24 6.15 -32.11
CA TYR B 321 -19.76 7.41 -32.74
C TYR B 321 -18.92 7.05 -33.98
N ASP B 322 -18.11 5.99 -33.90
CA ASP B 322 -17.32 5.56 -35.05
C ASP B 322 -18.21 4.97 -36.14
N MET B 323 -19.17 4.13 -35.77
CA MET B 323 -20.01 3.49 -36.77
C MET B 323 -20.87 4.52 -37.52
N ILE B 324 -21.54 5.40 -36.79
CA ILE B 324 -22.39 6.39 -37.43
C ILE B 324 -21.56 7.31 -38.33
N LEU B 325 -20.35 7.65 -37.88
CA LEU B 325 -19.51 8.52 -38.71
C LEU B 325 -19.11 7.82 -40.00
N LEU B 326 -18.69 6.56 -39.92
CA LEU B 326 -18.24 5.86 -41.12
C LEU B 326 -19.39 5.61 -42.09
N ARG B 327 -20.58 5.32 -41.57
CA ARG B 327 -21.72 5.02 -42.44
C ARG B 327 -22.16 6.22 -43.28
N SER B 328 -21.62 7.40 -43.03
CA SER B 328 -21.87 8.57 -43.87
C SER B 328 -20.53 9.30 -43.98
N GLY B 329 -19.75 8.96 -45.00
CA GLY B 329 -18.37 9.41 -45.04
C GLY B 329 -18.17 10.78 -45.65
N ASN B 330 -18.10 11.80 -44.80
CA ASN B 330 -17.75 13.16 -45.15
C ASN B 330 -17.73 13.98 -43.88
N TRP B 331 -17.25 15.21 -43.99
CA TRP B 331 -17.18 16.13 -42.86
C TRP B 331 -18.49 16.86 -42.61
N GLU B 332 -19.61 16.31 -43.11
CA GLU B 332 -20.88 16.99 -42.96
C GLU B 332 -21.35 17.01 -41.52
N LEU B 333 -21.00 15.96 -40.76
CA LEU B 333 -21.53 15.84 -39.40
C LEU B 333 -20.62 16.50 -38.37
N GLU B 334 -19.32 16.51 -38.62
CA GLU B 334 -18.37 17.06 -37.61
C GLU B 334 -18.04 18.53 -37.89
N THR B 335 -18.87 19.22 -38.65
CA THR B 335 -18.63 20.63 -38.91
C THR B 335 -19.80 21.53 -38.54
N THR B 336 -21.00 21.00 -38.42
CA THR B 336 -22.16 21.83 -38.10
C THR B 336 -22.10 22.33 -36.67
N ARG B 337 -22.82 23.40 -36.40
CA ARG B 337 -22.81 24.03 -35.09
C ARG B 337 -24.22 24.07 -34.51
N ASN B 338 -24.32 23.76 -33.22
CA ASN B 338 -25.60 23.88 -32.52
C ASN B 338 -25.79 25.33 -32.12
N ASN B 339 -26.82 25.61 -31.31
CA ASN B 339 -27.21 26.98 -31.05
C ASN B 339 -26.22 27.74 -30.18
N ASP B 340 -25.07 27.17 -29.86
CA ASP B 340 -24.00 27.91 -29.23
C ASP B 340 -22.81 28.09 -30.15
N GLY B 341 -22.86 27.55 -31.36
CA GLY B 341 -21.75 27.63 -32.28
C GLY B 341 -20.62 26.69 -31.93
N LEU B 342 -20.95 25.45 -31.59
CA LEU B 342 -19.96 24.46 -31.22
C LEU B 342 -20.12 23.21 -32.08
N THR B 343 -19.03 22.58 -32.39
CA THR B 343 -19.00 21.32 -33.10
C THR B 343 -18.81 20.18 -32.12
N PRO B 344 -19.06 18.93 -32.51
CA PRO B 344 -18.85 17.82 -31.57
C PRO B 344 -17.48 17.82 -30.92
N LEU B 345 -16.47 18.40 -31.57
CA LEU B 345 -15.17 18.51 -30.94
C LEU B 345 -15.18 19.53 -29.80
N GLN B 346 -15.55 20.77 -30.10
CA GLN B 346 -15.61 21.77 -29.05
C GLN B 346 -16.68 21.42 -28.03
N LEU B 347 -17.70 20.65 -28.42
CA LEU B 347 -18.70 20.25 -27.46
C LEU B 347 -18.17 19.17 -26.53
N ALA B 348 -17.28 18.32 -27.03
CA ALA B 348 -16.63 17.36 -26.15
C ALA B 348 -15.58 18.01 -25.29
N ALA B 349 -15.07 19.17 -25.70
CA ALA B 349 -14.07 19.87 -24.89
C ALA B 349 -14.69 20.76 -23.82
N LYS B 350 -15.81 21.42 -24.13
CA LYS B 350 -16.48 22.26 -23.12
C LYS B 350 -16.92 21.42 -21.94
N MET B 351 -17.71 20.39 -22.19
CA MET B 351 -17.96 19.39 -21.18
C MET B 351 -16.68 18.59 -20.92
N GLY B 352 -16.69 17.79 -19.88
CA GLY B 352 -15.45 17.16 -19.49
C GLY B 352 -15.15 15.83 -20.15
N LYS B 353 -15.78 15.55 -21.29
CA LYS B 353 -15.74 14.21 -21.88
C LYS B 353 -14.36 13.93 -22.41
N ALA B 354 -13.55 13.24 -21.62
CA ALA B 354 -12.14 13.05 -21.94
C ALA B 354 -11.84 11.75 -22.67
N GLU B 355 -12.82 10.87 -22.85
CA GLU B 355 -12.60 9.65 -23.61
C GLU B 355 -12.91 9.85 -25.08
N ILE B 356 -14.05 10.49 -25.37
CA ILE B 356 -14.38 10.81 -26.75
C ILE B 356 -13.40 11.81 -27.32
N LEU B 357 -12.86 12.71 -26.51
CA LEU B 357 -11.86 13.64 -27.02
C LEU B 357 -10.58 12.91 -27.42
N LYS B 358 -10.15 11.98 -26.59
CA LYS B 358 -8.98 11.16 -26.92
C LYS B 358 -9.23 10.34 -28.17
N TYR B 359 -10.45 9.88 -28.37
CA TYR B 359 -10.76 9.17 -29.61
C TYR B 359 -10.66 10.09 -30.80
N ILE B 360 -11.31 11.26 -30.75
CA ILE B 360 -11.45 12.10 -31.92
C ILE B 360 -10.12 12.72 -32.31
N LEU B 361 -9.32 13.17 -31.33
CA LEU B 361 -8.10 13.88 -31.67
C LEU B 361 -7.12 12.98 -32.43
N SER B 362 -7.10 11.69 -32.12
CA SER B 362 -6.25 10.72 -32.79
C SER B 362 -7.13 9.59 -33.31
N ARG B 363 -7.70 9.80 -34.49
CA ARG B 363 -8.59 8.83 -35.12
C ARG B 363 -7.95 8.39 -36.43
N GLU B 364 -7.51 7.15 -36.48
CA GLU B 364 -6.85 6.61 -37.67
C GLU B 364 -7.76 5.60 -38.35
N ILE B 365 -8.01 5.81 -39.64
CA ILE B 365 -8.87 4.95 -40.42
C ILE B 365 -8.03 4.27 -41.48
N LYS B 366 -8.11 2.94 -41.53
CA LYS B 366 -7.23 2.16 -42.40
C LYS B 366 -7.84 1.83 -43.75
N GLU B 367 -9.16 1.95 -43.90
CA GLU B 367 -9.79 1.66 -45.19
C GLU B 367 -9.23 2.59 -46.27
N LYS B 368 -9.56 2.26 -47.52
CA LYS B 368 -8.94 2.97 -48.64
C LYS B 368 -9.74 4.21 -49.03
N ARG B 369 -11.05 4.06 -49.17
CA ARG B 369 -11.88 5.17 -49.66
C ARG B 369 -12.18 6.20 -48.58
N LEU B 370 -12.11 5.82 -47.30
CA LEU B 370 -12.48 6.69 -46.20
C LEU B 370 -11.25 7.09 -45.38
N ARG B 371 -10.10 7.22 -46.02
CA ARG B 371 -8.91 7.65 -45.30
C ARG B 371 -8.88 9.15 -45.09
N SER B 372 -9.55 9.93 -45.93
CA SER B 372 -9.60 11.36 -45.74
C SER B 372 -10.48 11.78 -44.58
N LEU B 373 -10.98 10.83 -43.80
CA LEU B 373 -11.84 11.10 -42.66
C LEU B 373 -11.09 11.04 -41.34
N SER B 374 -9.78 10.84 -41.37
CA SER B 374 -9.00 10.60 -40.18
C SER B 374 -8.33 11.90 -39.71
N ARG B 375 -7.60 11.79 -38.62
CA ARG B 375 -6.89 12.92 -38.04
C ARG B 375 -5.48 12.56 -37.60
N LYS B 376 -4.99 11.38 -37.97
CA LYS B 376 -3.61 11.01 -37.68
C LYS B 376 -3.19 10.02 -38.76
N PHE B 377 -2.26 10.42 -39.61
CA PHE B 377 -1.80 9.58 -40.71
C PHE B 377 -0.36 9.16 -40.48
N THR B 378 -0.13 7.86 -40.34
CA THR B 378 1.22 7.34 -40.32
C THR B 378 1.82 7.58 -41.69
N ASP B 379 3.03 8.11 -41.73
CA ASP B 379 3.59 8.49 -43.02
C ASP B 379 5.05 8.15 -43.23
N TRP B 380 5.68 7.38 -42.36
CA TRP B 380 7.11 7.22 -42.48
C TRP B 380 7.63 5.86 -42.03
N ALA B 381 6.78 4.94 -41.58
CA ALA B 381 7.22 3.83 -40.76
C ALA B 381 8.24 2.94 -41.47
N TYR B 382 9.30 2.57 -40.75
CA TYR B 382 10.29 1.63 -41.30
C TYR B 382 10.38 0.32 -40.54
N GLY B 383 10.72 0.33 -39.28
CA GLY B 383 10.90 -0.89 -38.53
C GLY B 383 10.00 -0.87 -37.33
N PRO B 384 10.59 -0.89 -36.14
CA PRO B 384 9.84 -0.52 -34.95
C PRO B 384 9.66 0.98 -34.81
N VAL B 385 10.39 1.78 -35.57
CA VAL B 385 10.26 3.22 -35.51
C VAL B 385 9.26 3.70 -36.54
N SER B 386 8.50 4.73 -36.20
CA SER B 386 7.48 5.28 -37.11
C SER B 386 7.22 6.71 -36.71
N SER B 387 6.62 7.47 -37.62
CA SER B 387 6.45 8.90 -37.44
C SER B 387 5.02 9.30 -37.79
N SER B 388 4.13 9.29 -36.80
CA SER B 388 2.76 9.69 -37.00
C SER B 388 2.66 11.20 -37.15
N LEU B 389 1.65 11.63 -37.90
CA LEU B 389 1.53 13.03 -38.31
C LEU B 389 0.14 13.52 -37.95
N TYR B 390 0.00 14.10 -36.76
CA TYR B 390 -1.29 14.49 -36.23
C TYR B 390 -1.87 15.64 -37.05
N ASP B 391 -3.09 16.04 -36.70
CA ASP B 391 -3.77 17.13 -37.37
C ASP B 391 -4.10 18.23 -36.39
N LEU B 392 -4.03 19.47 -36.87
CA LEU B 392 -4.13 20.68 -36.05
C LEU B 392 -5.04 21.69 -36.71
N THR B 393 -6.17 21.26 -37.25
CA THR B 393 -7.01 22.19 -37.98
C THR B 393 -7.86 23.04 -37.04
N ASN B 394 -8.29 22.48 -35.92
CA ASN B 394 -9.09 23.21 -34.94
C ASN B 394 -8.60 22.96 -33.53
N VAL B 395 -7.29 22.88 -33.34
CA VAL B 395 -6.72 22.54 -32.05
C VAL B 395 -5.61 23.52 -31.67
N ASP B 396 -5.41 24.56 -32.45
CA ASP B 396 -4.19 25.37 -32.30
C ASP B 396 -4.48 26.86 -32.22
N THR B 397 -5.44 27.26 -31.38
CA THR B 397 -5.63 28.66 -30.97
C THR B 397 -5.41 29.65 -32.10
N THR B 398 -5.92 29.33 -33.29
CA THR B 398 -5.86 30.23 -34.43
C THR B 398 -7.24 30.63 -34.92
N THR B 399 -8.28 30.23 -34.21
CA THR B 399 -9.66 30.54 -34.56
C THR B 399 -10.36 31.17 -33.35
N ASP B 400 -11.68 31.30 -33.44
CA ASP B 400 -12.44 31.96 -32.39
C ASP B 400 -12.24 31.26 -31.05
N ASN B 401 -12.70 30.02 -30.94
CA ASN B 401 -12.50 29.23 -29.73
C ASN B 401 -12.06 27.84 -30.14
N SER B 402 -10.76 27.61 -30.08
CA SER B 402 -10.15 26.34 -30.44
C SER B 402 -10.43 25.32 -29.35
N VAL B 403 -9.81 24.15 -29.44
CA VAL B 403 -9.96 23.15 -28.39
C VAL B 403 -8.92 23.34 -27.30
N LEU B 404 -7.77 23.93 -27.63
CA LEU B 404 -6.75 24.16 -26.62
C LEU B 404 -7.21 25.23 -25.63
N GLU B 405 -7.69 26.36 -26.14
CA GLU B 405 -8.14 27.43 -25.28
C GLU B 405 -9.37 27.03 -24.48
N ILE B 406 -10.29 26.28 -25.09
CA ILE B 406 -11.47 25.82 -24.39
C ILE B 406 -11.09 24.84 -23.29
N THR B 407 -10.13 23.95 -23.56
CA THR B 407 -9.71 22.99 -22.55
C THR B 407 -9.04 23.68 -21.38
N VAL B 408 -8.21 24.70 -21.66
CA VAL B 408 -7.40 25.29 -20.60
C VAL B 408 -8.20 26.26 -19.76
N TYR B 409 -8.97 27.14 -20.40
CA TYR B 409 -9.67 28.19 -19.66
C TYR B 409 -10.99 27.72 -19.06
N ASN B 410 -11.35 26.45 -19.23
CA ASN B 410 -12.57 25.93 -18.65
C ASN B 410 -12.40 25.75 -17.14
N THR B 411 -13.28 26.38 -16.37
CA THR B 411 -13.22 26.31 -14.92
C THR B 411 -14.46 25.68 -14.32
N ASN B 412 -15.07 24.72 -15.00
CA ASN B 412 -16.32 24.12 -14.56
C ASN B 412 -16.39 22.61 -14.79
N ILE B 413 -15.24 21.93 -14.85
CA ILE B 413 -15.22 20.50 -15.14
C ILE B 413 -14.46 19.71 -14.08
N ASP B 414 -13.32 20.19 -13.63
CA ASP B 414 -12.50 19.50 -12.63
C ASP B 414 -11.97 18.17 -13.15
N ASN B 415 -12.03 17.96 -14.46
CA ASN B 415 -11.44 16.78 -15.09
C ASN B 415 -10.30 17.16 -16.03
N ARG B 416 -9.78 18.38 -15.92
CA ARG B 416 -8.66 18.85 -16.74
C ARG B 416 -7.38 18.16 -16.41
N HIS B 417 -7.42 17.23 -15.47
CA HIS B 417 -6.25 16.40 -15.18
C HIS B 417 -5.91 15.53 -16.38
N GLU B 418 -6.92 15.00 -17.06
CA GLU B 418 -6.73 14.03 -18.12
C GLU B 418 -6.93 14.61 -19.52
N MET B 419 -7.29 15.87 -19.63
CA MET B 419 -7.54 16.44 -20.94
C MET B 419 -6.38 17.26 -21.48
N LEU B 420 -5.42 17.63 -20.65
CA LEU B 420 -4.23 18.32 -21.12
C LEU B 420 -3.03 17.40 -21.21
N THR B 421 -3.25 16.11 -21.35
CA THR B 421 -2.17 15.13 -21.57
C THR B 421 -2.41 14.30 -22.81
N LEU B 422 -3.34 14.70 -23.67
CA LEU B 422 -3.70 13.90 -24.83
C LEU B 422 -2.63 14.11 -25.91
N GLU B 423 -2.94 13.64 -27.13
CA GLU B 423 -1.87 13.44 -28.10
C GLU B 423 -1.30 14.74 -28.63
N PRO B 424 -2.08 15.63 -29.29
CA PRO B 424 -1.47 16.84 -29.82
C PRO B 424 -1.43 18.00 -28.83
N LEU B 425 -2.30 18.00 -27.82
CA LEU B 425 -2.32 19.11 -26.87
C LEU B 425 -1.03 19.17 -26.07
N HIS B 426 -0.55 18.02 -25.59
CA HIS B 426 0.67 17.99 -24.81
C HIS B 426 1.84 18.58 -25.58
N THR B 427 2.05 18.11 -26.81
CA THR B 427 3.21 18.58 -27.56
C THR B 427 3.02 20.00 -28.06
N LEU B 428 1.78 20.42 -28.31
CA LEU B 428 1.55 21.81 -28.66
C LEU B 428 1.97 22.73 -27.53
N LEU B 429 1.56 22.40 -26.31
CA LEU B 429 1.94 23.22 -25.17
C LEU B 429 3.46 23.21 -24.98
N HIS B 430 4.08 22.04 -25.08
CA HIS B 430 5.52 21.96 -24.88
C HIS B 430 6.28 22.78 -25.91
N MET B 431 5.83 22.74 -27.17
CA MET B 431 6.52 23.49 -28.21
C MET B 431 6.32 24.99 -28.05
N LYS B 432 5.09 25.43 -27.75
CA LYS B 432 4.88 26.85 -27.49
C LYS B 432 5.77 27.33 -26.35
N TRP B 433 5.84 26.55 -25.28
CA TRP B 433 6.63 26.93 -24.12
C TRP B 433 8.08 27.09 -24.54
N LYS B 434 8.73 26.01 -24.94
CA LYS B 434 10.15 26.11 -25.27
C LYS B 434 10.43 26.96 -26.51
N LYS B 435 9.41 27.47 -27.19
CA LYS B 435 9.68 28.39 -28.28
C LYS B 435 9.70 29.85 -27.82
N PHE B 436 8.68 30.30 -27.10
CA PHE B 436 8.73 31.70 -26.63
C PHE B 436 8.36 31.94 -25.18
N ALA B 437 7.66 31.03 -24.52
CA ALA B 437 7.19 31.37 -23.18
C ALA B 437 8.34 31.34 -22.18
N LYS B 438 9.35 30.51 -22.42
CA LYS B 438 10.54 30.55 -21.59
C LYS B 438 11.14 31.96 -21.56
N HIS B 439 11.40 32.51 -22.75
CA HIS B 439 11.99 33.85 -22.83
C HIS B 439 11.09 34.88 -22.16
N MET B 440 9.80 34.90 -22.51
CA MET B 440 8.95 35.95 -21.98
C MET B 440 8.79 35.83 -20.47
N PHE B 441 8.71 34.61 -19.95
CA PHE B 441 8.59 34.42 -18.51
C PHE B 441 9.83 34.90 -17.78
N PHE B 442 11.02 34.50 -18.24
CA PHE B 442 12.22 34.95 -17.54
C PHE B 442 12.40 36.46 -17.64
N LEU B 443 12.05 37.04 -18.79
CA LEU B 443 12.17 38.49 -18.94
C LEU B 443 11.25 39.22 -17.96
N SER B 444 10.00 38.76 -17.83
CA SER B 444 9.09 39.39 -16.89
C SER B 444 9.57 39.22 -15.46
N PHE B 445 10.14 38.05 -15.13
CA PHE B 445 10.67 37.87 -13.78
C PHE B 445 11.80 38.83 -13.50
N CYS B 446 12.70 39.04 -14.47
CA CYS B 446 13.80 39.97 -14.24
C CYS B 446 13.30 41.39 -14.06
N PHE B 447 12.32 41.79 -14.87
CA PHE B 447 11.73 43.12 -14.69
C PHE B 447 11.16 43.27 -13.28
N TYR B 448 10.44 42.26 -12.81
CA TYR B 448 9.84 42.36 -11.47
C TYR B 448 10.92 42.41 -10.40
N PHE B 449 11.98 41.63 -10.55
CA PHE B 449 13.03 41.62 -9.53
C PHE B 449 13.71 42.97 -9.43
N PHE B 450 14.01 43.60 -10.56
CA PHE B 450 14.64 44.91 -10.49
C PHE B 450 13.69 45.96 -9.96
N TYR B 451 12.41 45.89 -10.34
CA TYR B 451 11.43 46.80 -9.76
C TYR B 451 11.40 46.69 -8.24
N ASN B 452 11.42 45.46 -7.72
CA ASN B 452 11.34 45.29 -6.28
C ASN B 452 12.62 45.73 -5.58
N ILE B 453 13.78 45.49 -6.18
CA ILE B 453 15.01 45.95 -5.53
C ILE B 453 15.07 47.46 -5.51
N THR B 454 14.67 48.11 -6.61
CA THR B 454 14.61 49.56 -6.59
C THR B 454 13.68 50.07 -5.50
N LEU B 455 12.52 49.42 -5.35
CA LEU B 455 11.61 49.80 -4.28
C LEU B 455 12.26 49.68 -2.91
N THR B 456 12.90 48.53 -2.65
CA THR B 456 13.50 48.28 -1.35
C THR B 456 14.59 49.30 -1.03
N LEU B 457 15.41 49.63 -2.01
CA LEU B 457 16.50 50.58 -1.78
C LEU B 457 15.95 51.99 -1.55
N VAL B 458 15.02 52.43 -2.39
CA VAL B 458 14.45 53.76 -2.20
C VAL B 458 13.73 53.86 -0.87
N SER B 459 13.24 52.75 -0.34
CA SER B 459 12.62 52.81 0.98
C SER B 459 13.65 52.82 2.11
N TYR B 460 14.65 51.94 2.06
CA TYR B 460 15.61 51.85 3.15
C TYR B 460 16.48 53.11 3.23
N TYR B 461 16.84 53.70 2.09
CA TYR B 461 17.66 54.90 2.07
C TYR B 461 16.84 56.17 2.06
N ARG B 462 15.64 56.14 2.66
CA ARG B 462 14.77 57.29 2.65
C ARG B 462 15.42 58.46 3.42
N PRO B 463 14.95 59.69 3.19
CA PRO B 463 15.52 60.84 3.91
C PRO B 463 14.92 61.03 5.30
N ARG B 464 15.81 61.12 6.29
CA ARG B 464 15.40 61.39 7.66
C ARG B 464 16.51 62.13 8.41
N GLY B 480 19.73 64.85 -9.18
CA GLY B 480 20.36 63.57 -9.45
C GLY B 480 20.05 63.05 -10.84
N TRP B 481 20.98 62.29 -11.41
CA TRP B 481 20.82 61.74 -12.75
C TRP B 481 20.25 60.33 -12.72
N LEU B 482 20.62 59.52 -11.72
CA LEU B 482 20.17 58.14 -11.66
C LEU B 482 18.93 57.95 -10.80
N GLN B 483 18.81 58.68 -9.68
CA GLN B 483 17.71 58.49 -8.75
C GLN B 483 16.36 58.80 -9.39
N LEU B 484 16.27 59.90 -10.13
CA LEU B 484 15.03 60.23 -10.83
C LEU B 484 14.62 59.11 -11.77
N LEU B 485 15.61 58.45 -12.40
CA LEU B 485 15.29 57.33 -13.28
C LEU B 485 14.65 56.19 -12.49
N GLY B 486 15.20 55.89 -11.32
CA GLY B 486 14.60 54.86 -10.48
C GLY B 486 13.18 55.20 -10.09
N ARG B 487 12.93 56.45 -9.70
CA ARG B 487 11.59 56.82 -9.29
C ARG B 487 10.60 56.74 -10.45
N MET B 488 10.98 57.24 -11.62
CA MET B 488 10.09 57.12 -12.76
C MET B 488 9.87 55.66 -13.15
N PHE B 489 10.91 54.83 -13.01
CA PHE B 489 10.74 53.39 -13.27
C PHE B 489 9.69 52.80 -12.36
N VAL B 490 9.81 53.05 -11.05
CA VAL B 490 8.83 52.52 -10.10
C VAL B 490 7.43 53.01 -10.46
N LEU B 491 7.30 54.29 -10.77
CA LEU B 491 5.98 54.84 -11.11
C LEU B 491 5.38 54.14 -12.32
N ILE B 492 6.13 54.11 -13.42
CA ILE B 492 5.56 53.58 -14.66
C ILE B 492 5.30 52.08 -14.55
N TRP B 493 6.15 51.34 -13.84
CA TRP B 493 5.91 49.91 -13.76
C TRP B 493 4.74 49.59 -12.84
N ALA B 494 4.57 50.37 -11.76
CA ALA B 494 3.37 50.20 -10.95
C ALA B 494 2.13 50.51 -11.75
N MET B 495 2.17 51.58 -12.56
CA MET B 495 1.03 51.91 -13.40
C MET B 495 0.72 50.78 -14.37
N CYS B 496 1.76 50.21 -15.00
CA CYS B 496 1.55 49.15 -15.98
C CYS B 496 0.96 47.90 -15.33
N ILE B 497 1.52 47.47 -14.19
CA ILE B 497 1.01 46.28 -13.53
C ILE B 497 -0.42 46.50 -13.08
N SER B 498 -0.73 47.69 -12.56
CA SER B 498 -2.10 47.96 -12.13
C SER B 498 -3.06 47.92 -13.30
N VAL B 499 -2.67 48.51 -14.43
CA VAL B 499 -3.53 48.48 -15.62
C VAL B 499 -3.76 47.06 -16.08
N LYS B 500 -2.70 46.27 -16.20
CA LYS B 500 -2.85 44.90 -16.70
C LYS B 500 -3.70 44.06 -15.76
N GLU B 501 -3.51 44.22 -14.46
CA GLU B 501 -4.29 43.42 -13.52
C GLU B 501 -5.75 43.88 -13.48
N GLY B 502 -6.00 45.18 -13.60
CA GLY B 502 -7.38 45.63 -13.68
C GLY B 502 -8.07 45.11 -14.93
N ILE B 503 -7.31 45.00 -16.03
CA ILE B 503 -7.88 44.46 -17.26
C ILE B 503 -8.20 42.98 -17.08
N ALA B 504 -7.24 42.21 -16.55
CA ALA B 504 -7.41 40.77 -16.47
C ALA B 504 -8.31 40.35 -15.31
N ILE B 505 -8.66 41.27 -14.40
CA ILE B 505 -9.39 40.86 -13.20
C ILE B 505 -10.89 40.87 -13.44
N PHE B 506 -11.34 41.66 -14.43
CA PHE B 506 -12.77 41.79 -14.69
C PHE B 506 -13.38 40.54 -15.32
N LEU B 507 -12.61 39.48 -15.53
CA LEU B 507 -13.04 38.33 -16.32
C LEU B 507 -13.16 37.06 -15.50
N LEU B 508 -13.74 37.14 -14.31
CA LEU B 508 -13.98 35.94 -13.52
C LEU B 508 -15.35 35.97 -12.83
N SER B 518 -7.53 30.10 -4.78
CA SER B 518 -8.30 29.48 -5.85
C SER B 518 -7.44 29.22 -7.09
N ASP B 519 -7.61 30.05 -8.10
CA ASP B 519 -6.87 29.94 -9.35
C ASP B 519 -6.20 31.25 -9.76
N ALA B 520 -6.81 32.39 -9.49
CA ALA B 520 -6.32 33.68 -9.97
C ALA B 520 -6.43 34.75 -8.88
N TRP B 521 -5.98 34.42 -7.66
CA TRP B 521 -5.89 35.44 -6.63
C TRP B 521 -4.59 36.23 -6.70
N PHE B 522 -3.56 35.67 -7.36
CA PHE B 522 -2.32 36.42 -7.49
C PHE B 522 -2.52 37.69 -8.30
N HIS B 523 -3.54 37.73 -9.14
CA HIS B 523 -3.93 38.99 -9.76
C HIS B 523 -4.34 40.00 -8.69
N PHE B 524 -5.10 39.55 -7.70
CA PHE B 524 -5.50 40.45 -6.62
C PHE B 524 -4.29 40.93 -5.84
N VAL B 525 -3.33 40.05 -5.58
CA VAL B 525 -2.15 40.44 -4.82
C VAL B 525 -1.32 41.46 -5.60
N PHE B 526 -1.08 41.19 -6.88
CA PHE B 526 -0.35 42.12 -7.72
C PHE B 526 -1.04 43.48 -7.74
N PHE B 527 -2.37 43.48 -7.86
CA PHE B 527 -3.10 44.73 -7.92
C PHE B 527 -2.97 45.51 -6.62
N ILE B 528 -3.11 44.83 -5.48
CA ILE B 528 -3.01 45.53 -4.19
C ILE B 528 -1.64 46.12 -4.02
N GLN B 529 -0.59 45.38 -4.38
CA GLN B 529 0.77 45.91 -4.23
C GLN B 529 0.98 47.13 -5.12
N ALA B 530 0.56 47.06 -6.38
CA ALA B 530 0.74 48.20 -7.27
C ALA B 530 -0.02 49.41 -6.76
N VAL B 531 -1.26 49.20 -6.30
CA VAL B 531 -2.05 50.31 -5.79
C VAL B 531 -1.38 50.94 -4.58
N LEU B 532 -0.83 50.10 -3.70
CA LEU B 532 -0.14 50.65 -2.53
C LEU B 532 1.05 51.50 -2.94
N VAL B 533 1.85 51.05 -3.91
CA VAL B 533 3.01 51.83 -4.31
C VAL B 533 2.57 53.17 -4.91
N ILE B 534 1.60 53.15 -5.82
CA ILE B 534 1.23 54.40 -6.48
C ILE B 534 0.55 55.35 -5.49
N LEU B 535 -0.25 54.82 -4.57
CA LEU B 535 -0.87 55.67 -3.55
C LEU B 535 0.18 56.28 -2.64
N SER B 536 1.21 55.51 -2.28
CA SER B 536 2.26 56.04 -1.43
C SER B 536 2.99 57.18 -2.13
N VAL B 537 3.34 57.00 -3.40
CA VAL B 537 4.09 58.06 -4.08
C VAL B 537 3.21 59.28 -4.29
N PHE B 538 1.91 59.07 -4.51
CA PHE B 538 0.99 60.21 -4.58
C PHE B 538 0.99 60.98 -3.26
N LEU B 539 0.79 60.29 -2.14
CA LEU B 539 0.77 60.95 -0.85
C LEU B 539 2.11 61.57 -0.50
N TYR B 540 3.20 61.07 -1.07
CA TYR B 540 4.52 61.67 -0.83
C TYR B 540 4.70 62.95 -1.61
N LEU B 541 4.23 62.99 -2.86
CA LEU B 541 4.32 64.23 -3.63
C LEU B 541 3.44 65.32 -3.02
N PHE B 542 2.55 64.96 -2.09
CA PHE B 542 1.71 65.92 -1.39
C PHE B 542 2.40 66.37 -0.12
N ALA B 543 1.66 67.06 0.75
CA ALA B 543 2.17 67.48 2.05
C ALA B 543 1.81 66.47 3.14
N TYR B 544 2.29 65.25 2.98
CA TYR B 544 2.01 64.17 3.91
C TYR B 544 3.30 63.44 4.25
N LYS B 545 3.34 62.85 5.45
CA LYS B 545 4.47 62.03 5.88
C LYS B 545 4.07 60.59 6.19
N GLU B 546 2.79 60.25 6.05
CA GLU B 546 2.30 58.90 6.30
C GLU B 546 2.45 58.00 5.08
N TYR B 547 3.34 58.34 4.17
CA TYR B 547 3.63 57.47 3.04
C TYR B 547 4.47 56.26 3.43
N LEU B 548 5.16 56.33 4.56
CA LEU B 548 6.06 55.25 4.95
C LEU B 548 5.29 53.95 5.17
N ALA B 549 4.09 54.03 5.74
CA ALA B 549 3.28 52.84 5.96
C ALA B 549 3.00 52.13 4.64
N CYS B 550 2.45 52.86 3.68
CA CYS B 550 2.14 52.25 2.38
C CYS B 550 3.39 51.74 1.70
N LEU B 551 4.48 52.50 1.76
CA LEU B 551 5.70 52.05 1.09
C LEU B 551 6.21 50.73 1.65
N VAL B 552 6.36 50.64 2.98
CA VAL B 552 6.95 49.43 3.53
C VAL B 552 6.00 48.26 3.43
N LEU B 553 4.69 48.51 3.54
CA LEU B 553 3.73 47.43 3.31
C LEU B 553 3.85 46.90 1.89
N ALA B 554 4.02 47.79 0.91
CA ALA B 554 4.15 47.35 -0.47
C ALA B 554 5.44 46.58 -0.70
N MET B 555 6.53 47.02 -0.08
CA MET B 555 7.80 46.31 -0.24
C MET B 555 7.72 44.90 0.32
N ALA B 556 7.20 44.77 1.54
CA ALA B 556 7.05 43.45 2.14
C ALA B 556 6.13 42.57 1.30
N LEU B 557 5.08 43.17 0.73
CA LEU B 557 4.18 42.39 -0.12
C LEU B 557 4.87 41.91 -1.38
N GLY B 558 5.77 42.72 -1.94
CA GLY B 558 6.50 42.27 -3.13
C GLY B 558 7.45 41.12 -2.82
N TRP B 559 8.22 41.26 -1.74
CA TRP B 559 9.14 40.18 -1.40
C TRP B 559 8.39 38.89 -1.08
N ALA B 560 7.24 38.99 -0.42
CA ALA B 560 6.44 37.79 -0.21
C ALA B 560 5.68 37.38 -1.46
N ASN B 561 5.71 38.21 -2.51
CA ASN B 561 5.01 37.92 -3.75
C ASN B 561 5.85 37.18 -4.77
N MET B 562 7.16 37.16 -4.59
CA MET B 562 8.03 36.47 -5.54
C MET B 562 7.66 35.01 -5.69
N LEU B 563 6.86 34.46 -4.78
CA LEU B 563 6.55 33.05 -4.84
C LEU B 563 5.67 32.73 -6.04
N TYR B 564 5.16 33.74 -6.75
CA TYR B 564 4.44 33.45 -7.98
C TYR B 564 5.39 33.22 -9.14
N TYR B 565 6.50 33.94 -9.18
CA TYR B 565 7.52 33.66 -10.18
C TYR B 565 8.34 32.44 -9.82
N THR B 566 8.15 31.90 -8.63
CA THR B 566 8.82 30.60 -8.51
C THR B 566 8.07 29.45 -9.18
N ARG B 567 7.15 29.58 -10.15
CA ARG B 567 6.50 28.44 -10.76
C ARG B 567 7.13 28.05 -12.10
N GLY B 568 8.20 28.72 -12.51
CA GLY B 568 8.81 28.38 -13.79
C GLY B 568 9.66 27.13 -13.76
N PHE B 569 10.02 26.66 -12.58
CA PHE B 569 10.84 25.46 -12.41
C PHE B 569 10.00 24.34 -11.84
N GLN B 570 10.07 23.18 -12.48
CA GLN B 570 9.17 22.07 -12.16
C GLN B 570 9.22 21.73 -10.67
N SER B 571 10.41 21.49 -10.14
CA SER B 571 10.52 21.22 -8.70
C SER B 571 9.99 22.38 -7.89
N MET B 572 10.43 23.60 -8.21
CA MET B 572 9.98 24.76 -7.46
C MET B 572 8.50 25.03 -7.69
N GLY B 573 7.99 24.70 -8.88
CA GLY B 573 6.56 24.87 -9.12
C GLY B 573 5.72 23.95 -8.24
N MET B 574 6.08 22.67 -8.20
CA MET B 574 5.42 21.76 -7.28
C MET B 574 5.54 22.25 -5.85
N TYR B 575 6.70 22.81 -5.48
CA TYR B 575 6.90 23.33 -4.13
C TYR B 575 5.88 24.41 -3.80
N SER B 576 5.76 25.41 -4.67
CA SER B 576 4.81 26.49 -4.40
C SER B 576 3.37 25.98 -4.39
N VAL B 577 3.06 25.03 -5.27
CA VAL B 577 1.70 24.52 -5.31
C VAL B 577 1.37 23.79 -4.02
N MET B 578 2.31 23.03 -3.46
CA MET B 578 1.99 22.33 -2.22
C MET B 578 1.97 23.29 -1.04
N ILE B 579 2.74 24.38 -1.10
CA ILE B 579 2.61 25.41 -0.06
C ILE B 579 1.19 25.95 -0.04
N GLN B 580 0.66 26.31 -1.22
CA GLN B 580 -0.68 26.87 -1.27
C GLN B 580 -1.73 25.83 -0.88
N LYS B 581 -1.54 24.58 -1.31
CA LYS B 581 -2.45 23.52 -0.90
C LYS B 581 -2.47 23.36 0.62
N VAL B 582 -1.31 23.52 1.26
CA VAL B 582 -1.24 23.38 2.71
C VAL B 582 -1.96 24.53 3.40
N ILE B 583 -1.69 25.76 2.97
CA ILE B 583 -2.32 26.92 3.61
C ILE B 583 -3.83 26.86 3.42
N LEU B 584 -4.29 26.27 2.32
CA LEU B 584 -5.73 26.11 2.14
C LEU B 584 -6.28 25.00 3.03
N HIS B 585 -5.56 23.87 3.09
CA HIS B 585 -6.09 22.71 3.80
C HIS B 585 -6.19 22.96 5.30
N ASP B 586 -5.06 23.27 5.94
CA ASP B 586 -4.98 23.10 7.39
C ASP B 586 -4.76 24.39 8.17
N VAL B 587 -3.77 25.19 7.79
CA VAL B 587 -3.38 26.34 8.61
C VAL B 587 -4.57 27.24 8.90
N LEU B 588 -5.57 27.27 8.02
CA LEU B 588 -6.72 28.15 8.26
C LEU B 588 -7.58 27.63 9.42
N LYS B 589 -7.93 26.35 9.39
CA LYS B 589 -8.66 25.76 10.51
C LYS B 589 -7.88 25.91 11.81
N PHE B 590 -6.60 25.51 11.79
CA PHE B 590 -5.79 25.61 13.00
C PHE B 590 -5.75 27.03 13.53
N LEU B 591 -5.63 28.02 12.64
CA LEU B 591 -5.53 29.40 13.09
C LEU B 591 -6.85 29.88 13.67
N PHE B 592 -7.97 29.48 13.08
CA PHE B 592 -9.27 29.81 13.66
C PHE B 592 -9.38 29.31 15.09
N VAL B 593 -9.19 28.00 15.27
CA VAL B 593 -9.29 27.42 16.61
C VAL B 593 -8.33 28.08 17.58
N TYR B 594 -7.07 28.25 17.15
CA TYR B 594 -6.06 28.78 18.05
C TYR B 594 -6.36 30.22 18.45
N ILE B 595 -6.90 31.02 17.53
CA ILE B 595 -7.25 32.40 17.90
C ILE B 595 -8.38 32.40 18.90
N VAL B 596 -9.36 31.49 18.73
CA VAL B 596 -10.41 31.38 19.73
C VAL B 596 -9.80 31.14 21.11
N PHE B 597 -8.91 30.14 21.21
CA PHE B 597 -8.33 29.80 22.51
C PHE B 597 -7.53 30.97 23.07
N LEU B 598 -6.69 31.58 22.24
CA LEU B 598 -5.84 32.66 22.70
C LEU B 598 -6.67 33.80 23.27
N LEU B 599 -7.72 34.21 22.57
CA LEU B 599 -8.50 35.35 23.04
C LEU B 599 -9.32 35.00 24.28
N GLY B 600 -9.89 33.80 24.33
CA GLY B 600 -10.62 33.41 25.52
C GLY B 600 -9.75 33.41 26.76
N PHE B 601 -8.64 32.67 26.72
CA PHE B 601 -7.80 32.62 27.91
C PHE B 601 -7.16 33.98 28.19
N GLY B 602 -6.98 34.81 27.17
CA GLY B 602 -6.48 36.15 27.42
C GLY B 602 -7.43 36.96 28.27
N VAL B 603 -8.71 36.95 27.91
CA VAL B 603 -9.65 37.74 28.72
C VAL B 603 -9.80 37.12 30.11
N ALA B 604 -9.73 35.79 30.23
CA ALA B 604 -9.82 35.17 31.53
C ALA B 604 -8.67 35.63 32.44
N LEU B 605 -7.43 35.44 31.99
CA LEU B 605 -6.29 35.83 32.81
C LEU B 605 -6.30 37.32 33.10
N ALA B 606 -6.65 38.15 32.12
CA ALA B 606 -6.67 39.58 32.38
C ALA B 606 -7.78 39.98 33.35
N SER B 607 -8.81 39.15 33.49
CA SER B 607 -9.81 39.45 34.50
C SER B 607 -9.34 39.01 35.88
N LEU B 608 -8.60 37.91 35.96
CA LEU B 608 -8.19 37.43 37.28
C LEU B 608 -7.21 38.35 37.98
N ILE B 609 -6.66 39.32 37.28
CA ILE B 609 -5.58 40.15 37.82
C ILE B 609 -6.17 41.37 38.54
N GLU B 610 -5.66 41.64 39.73
CA GLU B 610 -6.03 42.85 40.45
C GLU B 610 -5.25 44.04 39.92
N LYS B 611 -5.87 45.22 39.98
CA LYS B 611 -5.25 46.44 39.48
C LYS B 611 -4.42 47.06 40.61
N CYS B 612 -3.10 46.95 40.52
CA CYS B 612 -2.21 47.39 41.58
C CYS B 612 -1.78 48.82 41.33
N PRO B 613 -1.81 49.69 42.35
CA PRO B 613 -1.42 51.10 42.15
C PRO B 613 0.02 51.38 42.55
N ASN B 616 2.86 50.95 41.69
CA ASN B 616 3.96 50.01 41.45
C ASN B 616 3.73 49.28 40.14
N LYS B 617 3.43 50.03 39.07
CA LYS B 617 2.94 49.47 37.82
C LYS B 617 3.75 48.28 37.31
N ASP B 618 4.99 48.12 37.75
CA ASP B 618 5.78 46.95 37.39
C ASP B 618 5.41 45.73 38.23
N CYS B 619 4.28 45.80 38.95
CA CYS B 619 3.88 44.73 39.84
C CYS B 619 3.48 43.46 39.11
N SER B 620 2.71 43.57 38.03
CA SER B 620 2.21 42.38 37.33
C SER B 620 2.39 42.58 35.84
N SER B 621 2.50 41.47 35.12
CA SER B 621 2.74 41.51 33.70
C SER B 621 1.48 41.29 32.88
N TYR B 622 0.49 40.58 33.43
CA TYR B 622 -0.81 40.41 32.78
C TYR B 622 -1.71 41.54 33.25
N GLY B 623 -1.56 42.69 32.62
CA GLY B 623 -2.28 43.87 33.04
C GLY B 623 -3.56 44.02 32.25
N SER B 624 -3.56 44.93 31.27
CA SER B 624 -4.72 45.08 30.41
C SER B 624 -4.89 43.83 29.55
N PHE B 625 -5.91 43.86 28.69
CA PHE B 625 -6.20 42.71 27.84
C PHE B 625 -5.11 42.50 26.81
N SER B 626 -4.58 43.59 26.26
CA SER B 626 -3.54 43.49 25.24
C SER B 626 -2.31 42.77 25.77
N ASP B 627 -1.85 43.16 26.97
CA ASP B 627 -0.65 42.54 27.53
C ASP B 627 -0.88 41.07 27.80
N ALA B 628 -2.09 40.69 28.25
CA ALA B 628 -2.37 39.28 28.49
C ALA B 628 -2.29 38.48 27.20
N VAL B 629 -2.93 38.97 26.13
CA VAL B 629 -2.89 38.23 24.88
C VAL B 629 -1.45 38.16 24.35
N LEU B 630 -0.68 39.22 24.54
CA LEU B 630 0.69 39.19 24.04
C LEU B 630 1.54 38.19 24.81
N GLU B 631 1.40 38.14 26.13
CA GLU B 631 2.17 37.18 26.90
C GLU B 631 1.79 35.76 26.52
N LEU B 632 0.51 35.51 26.26
CA LEU B 632 0.13 34.17 25.81
C LEU B 632 0.77 33.84 24.46
N PHE B 633 0.80 34.80 23.55
CA PHE B 633 1.42 34.53 22.24
C PHE B 633 2.90 34.21 22.39
N LYS B 634 3.64 35.06 23.11
CA LYS B 634 5.05 34.78 23.34
C LYS B 634 5.24 33.40 23.94
N LEU B 635 4.53 33.10 25.02
CA LEU B 635 4.67 31.80 25.66
C LEU B 635 4.28 30.65 24.73
N THR B 636 3.54 30.94 23.67
CA THR B 636 3.28 29.91 22.67
C THR B 636 4.48 29.70 21.76
N ILE B 637 5.10 30.77 21.28
CA ILE B 637 6.24 30.58 20.39
C ILE B 637 7.53 30.41 21.18
N GLY B 638 7.43 30.30 22.50
CA GLY B 638 8.55 29.90 23.32
C GLY B 638 9.63 30.93 23.57
N LEU B 639 9.26 32.19 23.78
CA LEU B 639 10.24 33.24 24.03
C LEU B 639 10.17 33.83 25.42
N GLY B 640 9.02 33.77 26.07
CA GLY B 640 8.78 34.60 27.23
C GLY B 640 9.46 34.15 28.50
N ASP B 641 8.75 34.31 29.62
CA ASP B 641 9.18 33.74 30.89
C ASP B 641 7.94 33.52 31.74
N LEU B 642 7.81 32.30 32.25
CA LEU B 642 6.64 31.88 33.01
C LEU B 642 6.96 32.04 34.48
N ASN B 643 6.44 33.11 35.10
CA ASN B 643 6.55 33.30 36.53
C ASN B 643 5.16 33.20 37.15
N ILE B 644 5.13 32.94 38.45
CA ILE B 644 3.86 32.68 39.13
C ILE B 644 3.38 33.83 40.00
N GLN B 645 4.30 34.58 40.63
CA GLN B 645 3.92 35.66 41.54
C GLN B 645 3.42 36.79 40.66
N GLN B 646 2.13 36.73 40.29
CA GLN B 646 1.58 37.65 39.32
C GLN B 646 0.55 38.59 39.92
N ASN B 647 0.61 38.82 41.23
CA ASN B 647 -0.24 39.80 41.90
C ASN B 647 -1.72 39.41 41.81
N SER B 648 -2.00 38.15 41.52
CA SER B 648 -3.38 37.69 41.39
C SER B 648 -4.00 37.57 42.79
N LYS B 649 -5.25 37.12 42.83
CA LYS B 649 -5.90 36.79 44.09
C LYS B 649 -6.11 35.30 44.28
N TYR B 650 -6.03 34.52 43.21
CA TYR B 650 -6.18 33.07 43.28
C TYR B 650 -5.05 32.46 42.45
N PRO B 651 -3.81 32.52 42.95
CA PRO B 651 -2.66 32.17 42.11
C PRO B 651 -2.65 30.72 41.68
N ILE B 652 -3.24 29.82 42.46
CA ILE B 652 -3.33 28.43 42.00
C ILE B 652 -4.22 28.35 40.77
N LEU B 653 -5.31 29.12 40.75
CA LEU B 653 -6.18 29.13 39.58
C LEU B 653 -5.45 29.71 38.38
N PHE B 654 -4.71 30.79 38.59
CA PHE B 654 -3.87 31.35 37.54
C PHE B 654 -2.96 30.29 36.94
N LEU B 655 -2.27 29.55 37.81
CA LEU B 655 -1.35 28.53 37.34
C LEU B 655 -2.08 27.43 36.59
N PHE B 656 -3.26 27.04 37.06
CA PHE B 656 -4.02 26.00 36.38
C PHE B 656 -4.42 26.44 34.98
N LEU B 657 -4.86 27.68 34.84
CA LEU B 657 -5.26 28.19 33.52
C LEU B 657 -4.06 28.25 32.59
N LEU B 658 -2.93 28.73 33.09
CA LEU B 658 -1.76 28.85 32.22
C LEU B 658 -1.25 27.47 31.79
N ILE B 659 -1.19 26.52 32.72
CA ILE B 659 -0.72 25.19 32.38
C ILE B 659 -1.68 24.52 31.41
N THR B 660 -2.98 24.72 31.56
CA THR B 660 -3.91 24.04 30.65
C THR B 660 -3.90 24.68 29.28
N TYR B 661 -3.62 26.00 29.19
CA TYR B 661 -3.47 26.60 27.88
C TYR B 661 -2.22 26.08 27.19
N VAL B 662 -1.11 25.99 27.93
CA VAL B 662 0.11 25.45 27.35
C VAL B 662 -0.11 24.04 26.85
N ILE B 663 -0.78 23.21 27.65
CA ILE B 663 -1.11 21.86 27.18
C ILE B 663 -1.91 21.93 25.89
N LEU B 664 -3.11 22.53 25.96
CA LEU B 664 -4.04 22.56 24.84
C LEU B 664 -3.36 22.91 23.54
N THR B 665 -2.56 23.99 23.52
CA THR B 665 -1.92 24.27 22.24
C THR B 665 -0.72 23.37 22.01
N PHE B 666 0.32 23.55 22.83
CA PHE B 666 1.66 23.06 22.48
C PHE B 666 1.70 21.55 22.35
N VAL B 667 1.01 20.82 23.23
CA VAL B 667 1.15 19.37 23.13
C VAL B 667 0.14 18.81 22.14
N LEU B 668 -1.03 19.43 22.02
CA LEU B 668 -2.13 18.84 21.27
C LEU B 668 -2.21 19.33 19.83
N LEU B 669 -2.43 20.63 19.62
CA LEU B 669 -2.83 21.08 18.29
C LEU B 669 -1.67 21.08 17.31
N LEU B 670 -0.48 21.48 17.75
CA LEU B 670 0.66 21.50 16.85
C LEU B 670 0.99 20.10 16.35
N ASN B 671 1.05 19.13 17.27
CA ASN B 671 1.37 17.77 16.87
C ASN B 671 0.25 17.17 16.02
N MET B 672 -1.01 17.43 16.36
CA MET B 672 -2.12 16.93 15.56
C MET B 672 -2.05 17.47 14.14
N LEU B 673 -1.83 18.78 14.00
CA LEU B 673 -1.73 19.37 12.67
C LEU B 673 -0.53 18.83 11.91
N ILE B 674 0.58 18.55 12.60
CA ILE B 674 1.72 17.97 11.90
C ILE B 674 1.37 16.60 11.34
N ALA B 675 0.62 15.81 12.12
CA ALA B 675 0.20 14.51 11.61
C ALA B 675 -0.75 14.65 10.43
N LEU B 676 -1.68 15.61 10.50
CA LEU B 676 -2.61 15.82 9.40
C LEU B 676 -1.88 16.24 8.13
N MET B 677 -0.94 17.16 8.25
CA MET B 677 -0.18 17.58 7.07
C MET B 677 0.79 16.50 6.63
N GLY B 678 1.05 15.51 7.48
CA GLY B 678 1.70 14.30 7.00
C GLY B 678 0.76 13.48 6.15
N GLU B 679 -0.53 13.49 6.50
CA GLU B 679 -1.53 12.77 5.71
C GLU B 679 -1.76 13.44 4.36
N THR B 680 -1.81 14.77 4.33
CA THR B 680 -2.10 15.47 3.08
C THR B 680 -0.99 15.30 2.06
N VAL B 681 0.27 15.39 2.51
CA VAL B 681 1.40 15.36 1.58
C VAL B 681 1.47 14.01 0.86
N GLU B 682 1.15 12.93 1.56
CA GLU B 682 1.17 11.61 0.91
C GLU B 682 0.09 11.50 -0.14
N ASN B 683 -0.89 12.41 -0.13
CA ASN B 683 -1.98 12.36 -1.09
C ASN B 683 -1.91 13.47 -2.13
N VAL B 684 -1.10 14.50 -1.90
CA VAL B 684 -1.03 15.62 -2.83
C VAL B 684 0.10 15.47 -3.84
N SER B 685 1.22 14.87 -3.44
CA SER B 685 2.39 14.79 -4.30
C SER B 685 2.09 14.14 -5.65
N LYS B 686 1.04 13.33 -5.73
CA LYS B 686 0.67 12.67 -6.97
C LYS B 686 -0.11 13.57 -7.91
N GLU B 687 -0.78 14.60 -7.40
CA GLU B 687 -1.47 15.56 -8.25
C GLU B 687 -0.75 16.89 -8.34
N SER B 688 0.36 17.06 -7.62
CA SER B 688 1.13 18.27 -7.72
C SER B 688 1.56 18.53 -9.16
N GLU B 689 2.08 17.50 -9.83
CA GLU B 689 2.53 17.68 -11.21
C GLU B 689 1.38 18.09 -12.11
N ARG B 690 0.21 17.49 -11.90
CA ARG B 690 -0.93 17.83 -12.74
C ARG B 690 -1.34 19.29 -12.56
N ILE B 691 -1.48 19.72 -11.30
CA ILE B 691 -1.93 21.09 -11.08
C ILE B 691 -0.89 22.08 -11.56
N TRP B 692 0.39 21.76 -11.36
CA TRP B 692 1.43 22.64 -11.86
C TRP B 692 1.41 22.72 -13.38
N ARG B 693 1.20 21.59 -14.05
CA ARG B 693 1.15 21.57 -15.51
C ARG B 693 -0.01 22.41 -16.01
N LEU B 694 -1.15 22.33 -15.34
CA LEU B 694 -2.29 23.13 -15.74
C LEU B 694 -2.03 24.62 -15.54
N GLN B 695 -1.32 24.97 -14.46
CA GLN B 695 -0.99 26.39 -14.26
C GLN B 695 -0.02 26.89 -15.31
N ARG B 696 1.00 26.10 -15.64
CA ARG B 696 1.92 26.50 -16.70
C ARG B 696 1.21 26.61 -18.04
N ALA B 697 0.21 25.77 -18.29
CA ALA B 697 -0.56 25.92 -19.52
C ALA B 697 -1.34 27.23 -19.53
N ARG B 698 -1.96 27.58 -18.40
CA ARG B 698 -2.62 28.88 -18.31
C ARG B 698 -1.64 30.00 -18.62
N THR B 699 -0.44 29.93 -18.08
CA THR B 699 0.54 30.99 -18.30
C THR B 699 0.97 31.07 -19.77
N ILE B 700 1.23 29.92 -20.38
CA ILE B 700 1.63 29.91 -21.78
C ILE B 700 0.56 30.57 -22.65
N LEU B 701 -0.68 30.13 -22.51
CA LEU B 701 -1.73 30.72 -23.32
C LEU B 701 -2.01 32.17 -22.97
N GLU B 702 -1.68 32.59 -21.74
CA GLU B 702 -1.81 34.00 -21.40
C GLU B 702 -0.77 34.84 -22.12
N PHE B 703 0.46 34.32 -22.21
CA PHE B 703 1.52 35.05 -22.91
C PHE B 703 1.25 35.11 -24.40
N GLU B 704 0.70 34.04 -24.98
CA GLU B 704 0.53 34.01 -26.42
C GLU B 704 -0.40 35.11 -26.94
N LYS B 705 -1.16 35.75 -26.07
CA LYS B 705 -2.08 36.79 -26.51
C LYS B 705 -1.48 38.18 -26.47
N MET B 706 -0.37 38.37 -25.77
CA MET B 706 0.26 39.69 -25.72
C MET B 706 0.99 40.01 -27.02
N LEU B 707 1.48 39.00 -27.73
CA LEU B 707 2.24 39.24 -28.94
C LEU B 707 1.35 39.90 -29.99
N PRO B 708 1.94 40.66 -30.91
CA PRO B 708 1.14 41.27 -31.98
C PRO B 708 0.86 40.24 -33.07
N GLU B 709 0.19 40.71 -34.12
CA GLU B 709 -0.29 39.80 -35.15
C GLU B 709 0.85 39.12 -35.88
N TRP B 710 1.81 39.91 -36.40
CA TRP B 710 2.81 39.35 -37.30
C TRP B 710 3.71 38.33 -36.61
N LEU B 711 4.01 38.53 -35.33
CA LEU B 711 4.80 37.53 -34.60
C LEU B 711 4.05 36.20 -34.51
N ARG B 712 2.77 36.25 -34.15
CA ARG B 712 1.99 35.02 -34.08
C ARG B 712 1.91 34.34 -35.43
N SER B 713 1.80 35.12 -36.51
CA SER B 713 1.84 34.53 -37.84
C SER B 713 3.23 33.99 -38.14
N ARG B 714 4.25 34.47 -37.43
CA ARG B 714 5.61 34.04 -37.70
C ARG B 714 5.94 32.73 -37.01
N PHE B 715 5.36 32.47 -35.83
CA PHE B 715 5.73 31.24 -35.13
C PHE B 715 5.02 30.02 -35.71
N ARG B 716 3.70 29.95 -35.59
CA ARG B 716 2.86 29.04 -36.39
C ARG B 716 3.37 27.59 -36.33
N MET B 717 3.24 27.00 -35.14
CA MET B 717 3.66 25.61 -34.95
C MET B 717 3.08 24.69 -36.01
N GLY B 718 3.89 23.77 -36.49
CA GLY B 718 3.43 22.77 -37.43
C GLY B 718 3.46 23.25 -38.86
N GLU B 719 3.66 22.31 -39.79
CA GLU B 719 3.85 22.63 -41.19
C GLU B 719 2.88 21.82 -42.05
N LEU B 720 2.59 22.34 -43.24
CA LEU B 720 1.63 21.72 -44.14
C LEU B 720 2.07 20.31 -44.53
N CYS B 721 1.11 19.52 -45.00
CA CYS B 721 1.40 18.16 -45.46
C CYS B 721 0.26 17.70 -46.34
N LYS B 722 0.50 17.54 -47.64
CA LYS B 722 -0.54 17.06 -48.54
C LYS B 722 -0.94 15.65 -48.15
N VAL B 723 -2.19 15.49 -47.74
CA VAL B 723 -2.66 14.26 -47.15
C VAL B 723 -3.44 13.38 -48.12
N ALA B 724 -4.12 13.97 -49.09
CA ALA B 724 -4.99 13.21 -49.97
C ALA B 724 -4.92 13.84 -51.37
N GLU B 725 -5.93 13.56 -52.20
CA GLU B 725 -6.00 14.17 -53.52
C GLU B 725 -5.71 15.66 -53.45
N ASP B 726 -6.49 16.40 -52.68
CA ASP B 726 -6.19 17.80 -52.40
C ASP B 726 -6.75 18.13 -51.02
N ASP B 727 -5.92 17.95 -49.99
CA ASP B 727 -6.33 18.23 -48.62
C ASP B 727 -5.53 19.36 -47.99
N PHE B 728 -4.21 19.23 -47.93
CA PHE B 728 -3.32 20.29 -47.45
C PHE B 728 -3.75 20.83 -46.08
N ARG B 729 -3.65 19.94 -45.09
CA ARG B 729 -3.95 20.30 -43.71
C ARG B 729 -2.67 20.50 -42.93
N LEU B 730 -2.67 21.50 -42.05
CA LEU B 730 -1.57 21.69 -41.12
C LEU B 730 -1.43 20.46 -40.23
N CYS B 731 -0.22 20.23 -39.74
CA CYS B 731 0.05 18.98 -39.05
C CYS B 731 1.18 19.18 -38.05
N LEU B 732 1.39 18.18 -37.21
CA LEU B 732 2.41 18.23 -36.15
C LEU B 732 3.01 16.84 -35.98
N ARG B 733 4.24 16.64 -36.45
CA ARG B 733 4.84 15.31 -36.50
C ARG B 733 5.29 14.86 -35.12
N ILE B 734 5.03 13.60 -34.80
CA ILE B 734 5.39 13.02 -33.50
C ILE B 734 5.91 11.61 -33.73
N ASN B 735 7.22 11.43 -33.67
CA ASN B 735 7.83 10.13 -33.92
C ASN B 735 7.59 9.19 -32.73
N GLU B 736 7.71 7.89 -32.99
CA GLU B 736 7.38 6.89 -31.98
C GLU B 736 8.13 5.60 -32.27
N VAL B 737 8.29 4.77 -31.23
CA VAL B 737 9.00 3.50 -31.32
C VAL B 737 8.23 2.45 -30.53
N LYS B 738 7.87 1.34 -31.18
CA LYS B 738 7.07 0.30 -30.54
C LYS B 738 7.59 -1.07 -30.92
N TRP B 739 8.02 -1.84 -29.93
CA TRP B 739 8.69 -3.12 -30.14
C TRP B 739 7.79 -4.33 -29.92
N THR B 740 6.47 -4.18 -29.92
CA THR B 740 5.63 -5.32 -29.59
C THR B 740 4.62 -5.67 -30.68
N GLU B 741 4.03 -4.67 -31.33
CA GLU B 741 3.03 -4.90 -32.36
C GLU B 741 3.73 -4.93 -33.71
N TRP B 742 4.17 -6.11 -34.12
CA TRP B 742 4.81 -6.28 -35.42
C TRP B 742 3.75 -6.48 -36.48
N LYS B 743 3.89 -5.77 -37.60
CA LYS B 743 2.89 -5.82 -38.66
C LYS B 743 3.51 -5.36 -39.96
N THR B 744 2.98 -5.87 -41.07
CA THR B 744 3.40 -5.40 -42.38
C THR B 744 2.77 -4.04 -42.65
N HIS B 745 3.58 -3.07 -43.02
CA HIS B 745 3.11 -1.69 -43.16
C HIS B 745 2.46 -1.50 -44.52
N VAL B 746 1.21 -1.05 -44.53
CA VAL B 746 0.43 -0.87 -45.73
C VAL B 746 0.07 0.59 -45.96
N SER B 747 -0.29 1.31 -44.90
CA SER B 747 -0.77 2.69 -44.98
C SER B 747 0.35 3.63 -44.61
N PHE B 748 0.74 4.50 -45.55
CA PHE B 748 1.76 5.51 -45.30
C PHE B 748 1.70 6.51 -46.44
N LEU B 749 2.12 7.74 -46.15
CA LEU B 749 2.06 8.81 -47.14
C LEU B 749 3.26 8.74 -48.08
N ASN B 750 4.47 8.87 -47.56
CA ASN B 750 5.70 8.82 -48.34
C ASN B 750 6.32 7.44 -48.19
N GLU B 751 6.65 6.80 -49.31
CA GLU B 751 7.16 5.44 -49.27
C GLU B 751 8.54 5.38 -48.62
N ASP B 752 9.50 6.09 -49.20
CA ASP B 752 10.90 6.10 -48.71
C ASP B 752 11.00 6.91 -47.40
N PRO B 753 11.26 6.29 -46.23
CA PRO B 753 11.32 7.02 -44.97
C PRO B 753 12.47 8.03 -44.94
N GLY B 754 12.25 9.20 -44.33
CA GLY B 754 13.31 10.22 -44.27
C GLY B 754 13.60 10.66 -42.85
N ARG C 118 45.64 -52.95 -18.27
CA ARG C 118 44.86 -52.25 -19.27
C ARG C 118 43.51 -52.92 -19.48
N LEU C 119 43.10 -53.74 -18.51
CA LEU C 119 41.79 -54.36 -18.57
C LEU C 119 40.80 -53.66 -17.66
N LYS C 120 41.22 -53.34 -16.44
CA LYS C 120 40.34 -52.62 -15.52
C LYS C 120 39.94 -51.26 -16.09
N LYS C 121 40.93 -50.52 -16.61
CA LYS C 121 40.64 -49.22 -17.20
C LYS C 121 39.70 -49.34 -18.38
N ARG C 122 39.89 -50.37 -19.21
CA ARG C 122 39.01 -50.55 -20.36
C ARG C 122 37.59 -50.87 -19.92
N ILE C 123 37.44 -51.70 -18.90
CA ILE C 123 36.10 -52.02 -18.39
C ILE C 123 35.43 -50.76 -17.84
N PHE C 124 36.17 -49.98 -17.05
CA PHE C 124 35.62 -48.76 -16.47
C PHE C 124 35.18 -47.80 -17.57
N ALA C 125 36.02 -47.62 -18.59
CA ALA C 125 35.66 -46.71 -19.67
C ALA C 125 34.45 -47.20 -20.43
N ALA C 126 34.37 -48.51 -20.69
CA ALA C 126 33.25 -49.04 -21.46
C ALA C 126 31.95 -48.93 -20.69
N VAL C 127 32.00 -49.05 -19.36
CA VAL C 127 30.77 -48.99 -18.58
C VAL C 127 30.36 -47.55 -18.26
N SER C 128 31.32 -46.63 -18.17
CA SER C 128 30.98 -45.24 -17.89
C SER C 128 30.54 -44.51 -19.15
N GLU C 129 31.27 -44.70 -20.25
CA GLU C 129 30.96 -43.96 -21.48
C GLU C 129 29.59 -44.34 -22.03
N GLY C 130 29.18 -45.60 -21.85
CA GLY C 130 27.90 -46.03 -22.35
C GLY C 130 27.73 -45.90 -23.84
N CYS C 131 28.84 -45.78 -24.58
CA CYS C 131 28.77 -45.66 -26.03
C CYS C 131 28.23 -46.93 -26.68
N VAL C 132 28.40 -48.08 -26.04
CA VAL C 132 27.87 -49.34 -26.55
C VAL C 132 27.91 -50.36 -25.42
N GLU C 133 26.98 -51.30 -25.47
CA GLU C 133 27.01 -52.46 -24.58
C GLU C 133 27.80 -53.61 -25.18
N GLU C 134 28.01 -53.62 -26.49
CA GLU C 134 28.80 -54.68 -27.11
C GLU C 134 30.25 -54.63 -26.64
N LEU C 135 30.77 -53.43 -26.38
CA LEU C 135 32.14 -53.30 -25.90
C LEU C 135 32.30 -53.98 -24.54
N VAL C 136 31.39 -53.69 -23.60
CA VAL C 136 31.50 -54.31 -22.29
C VAL C 136 31.18 -55.78 -22.38
N GLU C 137 30.33 -56.19 -23.32
CA GLU C 137 30.07 -57.62 -23.53
C GLU C 137 31.37 -58.35 -23.89
N LEU C 138 32.09 -57.83 -24.88
CA LEU C 138 33.34 -58.44 -25.30
C LEU C 138 34.38 -58.39 -24.19
N LEU C 139 34.44 -57.27 -23.46
CA LEU C 139 35.42 -57.15 -22.39
C LEU C 139 35.14 -58.15 -21.27
N VAL C 140 33.85 -58.37 -20.96
CA VAL C 140 33.49 -59.32 -19.91
C VAL C 140 33.77 -60.74 -20.39
N GLU C 141 33.53 -61.01 -21.67
CA GLU C 141 33.90 -62.31 -22.21
C GLU C 141 35.39 -62.56 -22.05
N LEU C 142 36.21 -61.56 -22.39
CA LEU C 142 37.66 -61.72 -22.23
C LEU C 142 38.05 -61.88 -20.78
N GLN C 143 37.39 -61.16 -19.87
CA GLN C 143 37.70 -61.27 -18.45
C GLN C 143 37.36 -62.67 -17.94
N GLU C 144 36.22 -63.21 -18.33
CA GLU C 144 35.86 -64.57 -17.93
C GLU C 144 36.83 -65.58 -18.51
N LEU C 145 37.27 -65.37 -19.75
CA LEU C 145 38.26 -66.27 -20.35
C LEU C 145 39.57 -66.23 -19.58
N CYS C 146 39.98 -65.04 -19.15
CA CYS C 146 41.18 -64.93 -18.33
C CYS C 146 41.00 -65.62 -16.98
N ARG C 147 39.80 -65.50 -16.41
CA ARG C 147 39.49 -66.12 -15.14
C ARG C 147 39.35 -67.64 -15.23
N ARG C 148 39.14 -68.18 -16.43
CA ARG C 148 38.98 -69.62 -16.60
C ARG C 148 40.24 -70.41 -16.22
N ARG C 149 41.37 -69.75 -16.05
CA ARG C 149 42.58 -70.43 -15.61
C ARG C 149 42.75 -70.32 -14.10
N VAL C 154 40.01 -67.40 -6.09
CA VAL C 154 39.31 -67.45 -7.36
C VAL C 154 38.29 -66.31 -7.52
N PRO C 155 37.43 -66.07 -6.53
CA PRO C 155 36.55 -64.89 -6.62
C PRO C 155 37.26 -63.60 -6.24
N ASP C 156 38.19 -63.66 -5.29
CA ASP C 156 38.93 -62.46 -4.91
C ASP C 156 39.74 -61.91 -6.07
N PHE C 157 40.14 -62.78 -7.00
CA PHE C 157 40.73 -62.31 -8.25
C PHE C 157 39.77 -61.38 -8.99
N LEU C 158 38.53 -61.82 -9.16
CA LEU C 158 37.52 -60.99 -9.81
C LEU C 158 37.28 -59.70 -9.04
N MET C 159 37.27 -59.79 -7.71
CA MET C 159 37.08 -58.58 -6.90
C MET C 159 38.21 -57.58 -7.16
N HIS C 160 39.45 -57.98 -6.92
CA HIS C 160 40.58 -57.08 -7.09
C HIS C 160 40.70 -56.59 -8.53
N LYS C 161 40.18 -57.35 -9.49
CA LYS C 161 40.23 -56.91 -10.88
C LYS C 161 39.00 -56.12 -11.30
N LEU C 162 38.00 -55.98 -10.43
CA LEU C 162 36.78 -55.25 -10.78
C LEU C 162 36.63 -53.95 -10.00
N THR C 163 37.41 -53.73 -8.95
CA THR C 163 37.26 -52.53 -8.13
C THR C 163 38.54 -51.73 -8.14
N ALA C 164 38.42 -50.46 -7.76
CA ALA C 164 39.57 -49.57 -7.61
C ALA C 164 40.01 -49.66 -6.16
N SER C 165 41.26 -50.08 -5.94
CA SER C 165 41.75 -50.25 -4.58
C SER C 165 41.98 -48.93 -3.86
N ASP C 166 42.24 -47.85 -4.60
CA ASP C 166 42.56 -46.58 -3.96
C ASP C 166 41.33 -45.97 -3.31
N THR C 167 40.15 -46.14 -3.93
CA THR C 167 38.93 -45.57 -3.39
C THR C 167 37.76 -46.55 -3.32
N GLY C 168 38.01 -47.85 -3.29
CA GLY C 168 36.98 -48.83 -3.01
C GLY C 168 35.87 -48.95 -4.02
N LYS C 169 35.78 -48.03 -4.98
CA LYS C 169 34.63 -47.97 -5.86
C LYS C 169 34.70 -49.05 -6.93
N THR C 170 33.60 -49.78 -7.11
CA THR C 170 33.54 -50.84 -8.10
C THR C 170 32.90 -50.34 -9.40
N CYS C 171 32.63 -51.28 -10.30
CA CYS C 171 32.07 -50.90 -11.59
C CYS C 171 30.59 -50.56 -11.51
N LEU C 172 29.88 -51.12 -10.54
CA LEU C 172 28.45 -50.81 -10.43
C LEU C 172 28.25 -49.35 -10.04
N MET C 173 29.09 -48.83 -9.15
CA MET C 173 29.00 -47.43 -8.77
C MET C 173 29.41 -46.52 -9.92
N LYS C 174 30.49 -46.87 -10.62
CA LYS C 174 30.89 -46.11 -11.79
C LYS C 174 29.87 -46.21 -12.91
N ALA C 175 28.98 -47.20 -12.85
CA ALA C 175 27.93 -47.33 -13.85
C ALA C 175 26.72 -46.48 -13.49
N LEU C 176 26.34 -46.48 -12.21
CA LEU C 176 25.16 -45.74 -11.79
C LEU C 176 25.42 -44.27 -11.60
N LEU C 177 26.68 -43.86 -11.45
CA LEU C 177 26.98 -42.45 -11.26
C LEU C 177 26.71 -41.62 -12.52
N ASN C 178 27.01 -42.16 -13.69
CA ASN C 178 26.84 -41.47 -14.97
C ASN C 178 25.80 -42.24 -15.79
N ILE C 179 24.53 -41.91 -15.62
CA ILE C 179 23.46 -42.65 -16.26
C ILE C 179 23.26 -42.11 -17.67
N ASN C 180 23.30 -43.00 -18.64
CA ASN C 180 22.96 -42.74 -20.02
C ASN C 180 21.74 -43.55 -20.41
N PRO C 181 21.07 -43.23 -21.52
CA PRO C 181 19.81 -43.93 -21.85
C PRO C 181 19.92 -45.43 -21.99
N ASN C 182 21.14 -45.99 -21.89
CA ASN C 182 21.34 -47.42 -22.04
C ASN C 182 22.01 -48.04 -20.81
N THR C 183 21.67 -47.56 -19.62
CA THR C 183 22.27 -48.09 -18.40
C THR C 183 21.49 -49.24 -17.80
N LYS C 184 20.17 -49.31 -18.03
CA LYS C 184 19.37 -50.40 -17.49
C LYS C 184 19.79 -51.74 -18.06
N GLU C 185 20.52 -51.74 -19.18
CA GLU C 185 21.07 -52.98 -19.73
C GLU C 185 22.44 -53.29 -19.16
N ILE C 186 23.26 -52.27 -18.91
CA ILE C 186 24.60 -52.51 -18.38
C ILE C 186 24.52 -53.00 -16.95
N VAL C 187 23.60 -52.46 -16.16
CA VAL C 187 23.42 -52.97 -14.80
C VAL C 187 23.00 -54.43 -14.83
N ARG C 188 22.04 -54.75 -15.69
CA ARG C 188 21.57 -56.13 -15.81
C ARG C 188 22.71 -57.06 -16.18
N ILE C 189 23.46 -56.71 -17.22
CA ILE C 189 24.55 -57.57 -17.67
C ILE C 189 25.60 -57.73 -16.59
N LEU C 190 25.93 -56.63 -15.90
CA LEU C 190 26.98 -56.68 -14.89
C LEU C 190 26.59 -57.61 -13.74
N LEU C 191 25.41 -57.42 -13.17
CA LEU C 191 25.04 -58.27 -12.06
C LEU C 191 24.74 -59.70 -12.51
N ALA C 192 24.32 -59.89 -13.76
CA ALA C 192 24.14 -61.26 -14.27
C ALA C 192 25.48 -61.97 -14.38
N PHE C 193 26.52 -61.27 -14.88
CA PHE C 193 27.84 -61.86 -14.90
C PHE C 193 28.33 -62.17 -13.49
N ALA C 194 28.09 -61.24 -12.55
CA ALA C 194 28.52 -61.49 -11.18
C ALA C 194 27.79 -62.66 -10.55
N GLU C 195 26.55 -62.91 -10.97
CA GLU C 195 25.81 -64.04 -10.45
C GLU C 195 26.25 -65.35 -11.10
N GLU C 196 26.64 -65.31 -12.37
CA GLU C 196 27.09 -66.52 -13.05
C GLU C 196 28.40 -67.06 -12.50
N ASN C 197 29.10 -66.29 -11.67
CA ASN C 197 30.32 -66.74 -11.01
C ASN C 197 30.17 -66.86 -9.50
N ASP C 198 28.96 -66.66 -8.97
CA ASP C 198 28.67 -66.77 -7.54
C ASP C 198 29.53 -65.82 -6.72
N ILE C 199 29.40 -64.53 -7.02
CA ILE C 199 30.09 -63.50 -6.25
C ILE C 199 29.10 -62.37 -5.94
N LEU C 200 27.85 -62.54 -6.37
CA LEU C 200 26.86 -61.46 -6.30
C LEU C 200 26.79 -60.83 -4.91
N GLY C 201 26.93 -61.64 -3.86
CA GLY C 201 26.87 -61.13 -2.51
C GLY C 201 27.89 -60.05 -2.21
N ARG C 202 29.17 -60.42 -2.21
CA ARG C 202 30.22 -59.45 -1.91
C ARG C 202 30.39 -58.40 -2.99
N PHE C 203 29.66 -58.50 -4.09
CA PHE C 203 29.80 -57.56 -5.19
C PHE C 203 28.75 -56.46 -5.14
N ILE C 204 27.47 -56.83 -5.09
CA ILE C 204 26.41 -55.82 -5.03
C ILE C 204 26.36 -55.10 -3.70
N ASN C 205 27.03 -55.63 -2.69
CA ASN C 205 27.03 -55.06 -1.34
C ASN C 205 28.35 -54.34 -1.04
N ALA C 206 29.14 -54.07 -2.07
CA ALA C 206 30.42 -53.41 -1.86
C ALA C 206 30.20 -51.98 -1.40
N GLU C 207 31.13 -51.48 -0.59
CA GLU C 207 31.03 -50.17 -0.01
C GLU C 207 32.34 -49.41 -0.22
N TYR C 208 32.25 -48.09 -0.22
CA TYR C 208 33.44 -47.27 -0.30
C TYR C 208 34.36 -47.55 0.89
N THR C 209 35.58 -47.05 0.80
CA THR C 209 36.54 -47.12 1.89
C THR C 209 37.22 -45.81 2.19
N GLU C 210 37.09 -44.81 1.32
CA GLU C 210 37.69 -43.52 1.58
C GLU C 210 37.10 -42.91 2.84
N GLU C 211 37.94 -42.27 3.65
CA GLU C 211 37.48 -41.74 4.93
C GLU C 211 36.48 -40.61 4.79
N ALA C 212 36.07 -40.26 3.57
CA ALA C 212 35.17 -39.14 3.34
C ALA C 212 33.76 -39.58 2.99
N TYR C 213 33.59 -40.64 2.21
CA TYR C 213 32.26 -41.11 1.88
C TYR C 213 32.07 -42.55 2.33
N GLU C 214 32.49 -42.87 3.55
CA GLU C 214 32.43 -44.25 4.01
C GLU C 214 31.03 -44.81 3.91
N GLY C 215 30.95 -46.12 3.75
CA GLY C 215 29.67 -46.82 3.83
C GLY C 215 28.76 -46.67 2.65
N GLN C 216 29.02 -45.76 1.74
CA GLN C 216 28.15 -45.58 0.57
C GLN C 216 28.12 -46.86 -0.26
N THR C 217 26.95 -47.22 -0.77
CA THR C 217 26.79 -48.42 -1.58
C THR C 217 26.14 -48.07 -2.91
N ALA C 218 25.74 -49.09 -3.66
CA ALA C 218 25.10 -48.87 -4.94
C ALA C 218 23.68 -48.34 -4.79
N LEU C 219 23.03 -48.62 -3.66
CA LEU C 219 21.65 -48.19 -3.48
C LEU C 219 21.56 -46.69 -3.27
N ASN C 220 22.49 -46.12 -2.50
CA ASN C 220 22.48 -44.67 -2.32
C ASN C 220 22.66 -43.95 -3.66
N ILE C 221 23.49 -44.49 -4.54
CA ILE C 221 23.71 -43.83 -5.81
C ILE C 221 22.52 -44.05 -6.73
N ALA C 222 21.85 -45.19 -6.61
CA ALA C 222 20.69 -45.43 -7.46
C ALA C 222 19.47 -44.66 -6.98
N ILE C 223 19.48 -44.16 -5.74
CA ILE C 223 18.37 -43.35 -5.26
C ILE C 223 18.66 -41.86 -5.42
N GLU C 224 19.89 -41.42 -5.17
CA GLU C 224 20.21 -40.00 -5.30
C GLU C 224 20.07 -39.51 -6.73
N ARG C 225 20.17 -40.41 -7.71
CA ARG C 225 19.95 -40.10 -9.12
C ARG C 225 18.52 -40.35 -9.55
N ARG C 226 17.61 -40.57 -8.60
CA ARG C 226 16.19 -40.64 -8.85
C ARG C 226 15.80 -41.78 -9.79
N GLN C 227 16.60 -42.84 -9.79
CA GLN C 227 16.31 -44.03 -10.60
C GLN C 227 15.48 -45.00 -9.77
N GLY C 228 14.25 -45.26 -10.21
CA GLY C 228 13.38 -46.16 -9.48
C GLY C 228 13.47 -47.60 -9.95
N ASP C 229 13.46 -47.80 -11.28
CA ASP C 229 13.50 -49.15 -11.82
C ASP C 229 14.78 -49.88 -11.40
N ILE C 230 15.93 -49.25 -11.59
CA ILE C 230 17.17 -49.86 -11.15
C ILE C 230 17.19 -49.99 -9.63
N ALA C 231 16.53 -49.08 -8.92
CA ALA C 231 16.47 -49.18 -7.47
C ALA C 231 15.80 -50.49 -7.06
N ALA C 232 14.63 -50.78 -7.64
CA ALA C 232 13.97 -52.05 -7.35
C ALA C 232 14.80 -53.23 -7.83
N LEU C 233 15.50 -53.05 -8.96
CA LEU C 233 16.31 -54.14 -9.50
C LEU C 233 17.43 -54.53 -8.54
N LEU C 234 18.02 -53.55 -7.86
CA LEU C 234 19.07 -53.88 -6.88
C LEU C 234 18.47 -54.32 -5.55
N ILE C 235 17.33 -53.74 -5.16
CA ILE C 235 16.68 -54.17 -3.93
C ILE C 235 16.33 -55.65 -4.00
N ALA C 236 15.80 -56.10 -5.13
CA ALA C 236 15.37 -57.49 -5.24
C ALA C 236 16.53 -58.47 -5.36
N ALA C 237 17.71 -58.00 -5.74
CA ALA C 237 18.83 -58.89 -6.02
C ALA C 237 19.64 -59.24 -4.78
N GLY C 238 19.34 -58.64 -3.64
CA GLY C 238 20.06 -58.96 -2.43
C GLY C 238 20.94 -57.83 -1.92
N ALA C 239 20.52 -56.61 -2.15
CA ALA C 239 21.25 -55.45 -1.65
C ALA C 239 20.90 -55.21 -0.19
N ASP C 240 21.85 -54.65 0.55
CA ASP C 240 21.60 -54.34 1.95
C ASP C 240 20.76 -53.07 2.04
N VAL C 241 19.62 -53.16 2.71
CA VAL C 241 18.72 -52.00 2.82
C VAL C 241 18.96 -51.22 4.10
N ASN C 242 19.84 -51.69 4.98
CA ASN C 242 20.20 -50.94 6.18
C ASN C 242 21.58 -50.31 6.06
N ALA C 243 22.00 -49.98 4.85
CA ALA C 243 23.35 -49.49 4.62
C ALA C 243 23.53 -48.11 5.24
N HIS C 244 24.38 -48.03 6.26
CA HIS C 244 24.65 -46.77 6.93
C HIS C 244 25.79 -46.04 6.23
N ALA C 245 25.51 -44.87 5.70
CA ALA C 245 26.50 -44.07 4.99
C ALA C 245 27.23 -43.14 5.96
N LYS C 246 27.86 -43.75 6.97
CA LYS C 246 28.48 -43.01 8.07
C LYS C 246 29.78 -42.38 7.58
N GLY C 247 29.64 -41.37 6.72
CA GLY C 247 30.79 -40.75 6.11
C GLY C 247 31.03 -39.36 6.66
N ALA C 248 32.06 -38.71 6.11
CA ALA C 248 32.35 -37.33 6.49
C ALA C 248 31.66 -36.33 5.56
N PHE C 249 31.15 -36.77 4.43
CA PHE C 249 30.35 -35.93 3.56
C PHE C 249 28.87 -36.03 3.89
N PHE C 250 28.44 -37.06 4.62
CA PHE C 250 27.05 -37.24 4.97
C PHE C 250 26.75 -36.91 6.42
N ASN C 251 27.76 -36.56 7.22
CA ASN C 251 27.58 -36.08 8.59
C ASN C 251 28.50 -34.89 8.79
N PRO C 252 28.21 -33.77 8.13
CA PRO C 252 29.18 -32.68 8.07
C PRO C 252 29.20 -31.84 9.34
N LYS C 253 30.12 -30.90 9.37
CA LYS C 253 30.22 -29.96 10.48
C LYS C 253 29.58 -28.63 10.13
N TYR C 254 30.00 -28.01 9.03
CA TYR C 254 29.44 -26.76 8.54
C TYR C 254 28.67 -27.04 7.26
N GLN C 255 27.51 -26.40 7.11
CA GLN C 255 26.64 -26.66 5.98
C GLN C 255 27.28 -26.17 4.69
N HIS C 256 26.57 -26.41 3.58
CA HIS C 256 26.96 -26.00 2.23
C HIS C 256 28.12 -26.82 1.70
N GLU C 257 28.73 -27.64 2.57
CA GLU C 257 29.70 -28.65 2.15
C GLU C 257 29.30 -29.93 2.86
N GLY C 258 28.36 -30.65 2.26
CA GLY C 258 27.80 -31.82 2.91
C GLY C 258 26.29 -31.84 2.92
N PHE C 259 25.72 -33.03 2.91
CA PHE C 259 24.27 -33.21 2.91
C PHE C 259 23.95 -34.25 3.97
N TYR C 260 23.27 -33.85 5.03
CA TYR C 260 22.85 -34.78 6.08
C TYR C 260 21.39 -35.13 5.87
N PHE C 261 21.12 -36.41 5.64
CA PHE C 261 19.78 -36.86 5.29
C PHE C 261 19.23 -37.95 6.19
N GLY C 262 20.06 -38.61 6.99
CA GLY C 262 19.58 -39.66 7.86
C GLY C 262 20.44 -40.89 7.80
N GLU C 263 21.29 -40.96 6.78
CA GLU C 263 22.28 -42.02 6.63
C GLU C 263 21.64 -43.40 6.45
N THR C 264 20.47 -43.47 5.84
CA THR C 264 19.85 -44.74 5.51
C THR C 264 19.10 -44.57 4.20
N PRO C 265 19.16 -45.55 3.30
CA PRO C 265 18.43 -45.44 2.04
C PRO C 265 16.98 -45.05 2.21
N LEU C 266 16.32 -45.48 3.30
CA LEU C 266 14.97 -45.01 3.56
C LEU C 266 14.93 -43.51 3.76
N ALA C 267 15.82 -42.98 4.61
CA ALA C 267 15.80 -41.55 4.87
C ALA C 267 16.26 -40.75 3.67
N LEU C 268 17.12 -41.34 2.82
CA LEU C 268 17.53 -40.62 1.62
C LEU C 268 16.43 -40.60 0.58
N ALA C 269 15.63 -41.66 0.51
CA ALA C 269 14.50 -41.66 -0.41
C ALA C 269 13.37 -40.81 0.12
N ALA C 270 13.33 -40.55 1.42
CA ALA C 270 12.29 -39.71 1.98
C ALA C 270 12.65 -38.24 2.02
N CYS C 271 13.94 -37.89 2.10
CA CYS C 271 14.34 -36.49 2.15
C CYS C 271 14.42 -35.84 0.78
N THR C 272 14.69 -36.61 -0.29
CA THR C 272 14.69 -36.07 -1.63
C THR C 272 13.38 -36.32 -2.35
N ASN C 273 12.28 -36.50 -1.61
CA ASN C 273 10.93 -36.47 -2.15
C ASN C 273 10.74 -37.50 -3.25
N GLN C 274 10.82 -38.76 -2.86
CA GLN C 274 10.51 -39.89 -3.73
C GLN C 274 9.56 -40.81 -2.98
N PRO C 275 8.26 -40.58 -3.06
CA PRO C 275 7.35 -41.44 -2.29
C PRO C 275 7.32 -42.86 -2.78
N GLU C 276 7.48 -43.10 -4.09
CA GLU C 276 7.42 -44.46 -4.61
C GLU C 276 8.49 -45.35 -4.01
N ILE C 277 9.72 -44.84 -3.90
CA ILE C 277 10.79 -45.64 -3.34
C ILE C 277 10.58 -45.83 -1.84
N VAL C 278 9.96 -44.87 -1.17
CA VAL C 278 9.65 -45.08 0.24
C VAL C 278 8.64 -46.21 0.39
N GLN C 279 7.61 -46.23 -0.44
CA GLN C 279 6.64 -47.33 -0.37
C GLN C 279 7.31 -48.66 -0.66
N LEU C 280 8.14 -48.70 -1.70
CA LEU C 280 8.81 -49.94 -2.06
C LEU C 280 9.77 -50.40 -0.98
N LEU C 281 10.34 -49.45 -0.22
CA LEU C 281 11.30 -49.82 0.81
C LEU C 281 10.61 -50.28 2.08
N MET C 282 9.46 -49.68 2.41
CA MET C 282 8.76 -50.08 3.62
C MET C 282 7.98 -51.38 3.41
N GLU C 283 7.47 -51.61 2.19
CA GLU C 283 6.79 -52.87 1.93
C GLU C 283 7.73 -54.06 2.02
N HIS C 284 9.03 -53.83 2.04
CA HIS C 284 10.00 -54.90 2.19
C HIS C 284 9.89 -55.52 3.58
N GLU C 285 10.70 -56.53 3.83
CA GLU C 285 10.68 -57.22 5.11
C GLU C 285 11.98 -57.00 5.90
N GLN C 286 13.12 -57.20 5.26
CA GLN C 286 14.40 -57.07 5.94
C GLN C 286 14.73 -55.66 6.38
N THR C 287 14.00 -54.65 5.87
CA THR C 287 14.26 -53.28 6.26
C THR C 287 13.92 -53.07 7.73
N ASP C 288 14.47 -52.01 8.31
CA ASP C 288 14.31 -51.70 9.73
C ASP C 288 13.94 -50.23 9.84
N ILE C 289 12.71 -49.96 10.28
CA ILE C 289 12.23 -48.59 10.33
C ILE C 289 12.70 -47.85 11.57
N THR C 290 12.90 -48.54 12.68
CA THR C 290 13.30 -47.89 13.91
C THR C 290 14.81 -47.77 14.09
N SER C 291 15.59 -47.96 13.02
CA SER C 291 17.03 -47.88 13.14
C SER C 291 17.46 -46.46 13.48
N ARG C 292 18.51 -46.35 14.29
CA ARG C 292 19.07 -45.06 14.67
C ARG C 292 20.49 -44.94 14.16
N ASP C 293 20.80 -43.78 13.59
CA ASP C 293 22.08 -43.57 12.96
C ASP C 293 23.10 -43.03 13.96
N SER C 294 24.23 -42.55 13.44
CA SER C 294 25.37 -42.21 14.31
C SER C 294 25.03 -41.02 15.20
N ARG C 295 24.42 -39.98 14.66
CA ARG C 295 24.09 -38.82 15.47
C ARG C 295 23.00 -39.09 16.48
N GLY C 296 22.37 -40.26 16.43
CA GLY C 296 21.29 -40.60 17.31
C GLY C 296 19.92 -40.60 16.65
N ASN C 297 19.74 -39.84 15.59
CA ASN C 297 18.44 -39.68 14.95
C ASN C 297 17.94 -40.99 14.36
N ASN C 298 16.63 -41.15 14.35
CA ASN C 298 15.98 -42.10 13.49
C ASN C 298 15.38 -41.34 12.31
N ILE C 299 14.54 -41.99 11.51
CA ILE C 299 14.08 -41.37 10.28
C ILE C 299 13.26 -40.11 10.58
N LEU C 300 12.56 -40.08 11.71
CA LEU C 300 11.72 -38.93 12.01
C LEU C 300 12.54 -37.73 12.47
N HIS C 301 13.59 -37.96 13.26
CA HIS C 301 14.47 -36.84 13.57
C HIS C 301 15.12 -36.29 12.31
N ALA C 302 15.36 -37.16 11.33
CA ALA C 302 15.95 -36.70 10.07
C ALA C 302 14.98 -35.79 9.32
N LEU C 303 13.74 -36.24 9.16
CA LEU C 303 12.74 -35.41 8.49
C LEU C 303 12.46 -34.12 9.25
N VAL C 304 12.71 -34.09 10.55
CA VAL C 304 12.56 -32.83 11.27
C VAL C 304 13.76 -31.93 11.08
N THR C 305 14.96 -32.49 11.00
CA THR C 305 16.15 -31.66 10.79
C THR C 305 16.21 -31.11 9.37
N VAL C 306 15.49 -31.70 8.42
CA VAL C 306 15.64 -31.24 7.04
C VAL C 306 14.49 -30.32 6.63
N ALA C 307 13.34 -30.41 7.29
CA ALA C 307 12.18 -29.61 6.93
C ALA C 307 12.49 -28.12 7.00
N GLU C 308 12.21 -27.40 5.91
CA GLU C 308 12.58 -25.98 5.89
C GLU C 308 11.44 -25.00 6.10
N ASP C 309 10.48 -24.95 5.20
CA ASP C 309 9.50 -23.85 5.16
C ASP C 309 8.45 -24.21 4.12
N PHE C 310 7.61 -23.26 3.78
CA PHE C 310 6.76 -23.42 2.61
C PHE C 310 7.30 -22.66 1.41
N LYS C 311 7.70 -21.41 1.62
CA LYS C 311 8.15 -20.59 0.50
C LYS C 311 9.37 -21.16 -0.19
N THR C 312 10.10 -22.06 0.46
CA THR C 312 11.31 -22.64 -0.13
C THR C 312 11.32 -24.15 -0.16
N GLN C 313 10.22 -24.82 0.19
CA GLN C 313 10.22 -26.27 0.13
C GLN C 313 8.96 -26.90 -0.43
N ASN C 314 7.86 -26.15 -0.59
CA ASN C 314 6.59 -26.64 -1.14
C ASN C 314 5.92 -27.68 -0.25
N ASP C 315 6.38 -27.86 0.99
CA ASP C 315 5.69 -28.66 1.99
C ASP C 315 5.50 -30.11 1.53
N PHE C 316 6.63 -30.80 1.32
CA PHE C 316 6.60 -32.21 1.06
C PHE C 316 7.11 -33.05 2.22
N VAL C 317 7.75 -32.43 3.21
CA VAL C 317 8.30 -33.22 4.30
C VAL C 317 7.22 -33.60 5.29
N LYS C 318 6.26 -32.71 5.53
CA LYS C 318 5.14 -33.04 6.41
C LYS C 318 4.41 -34.28 5.92
N ARG C 319 4.22 -34.41 4.61
CA ARG C 319 3.50 -35.56 4.09
C ARG C 319 4.29 -36.85 4.27
N MET C 320 5.60 -36.81 4.05
CA MET C 320 6.40 -38.00 4.27
C MET C 320 6.41 -38.38 5.74
N TYR C 321 6.41 -37.38 6.62
CA TYR C 321 6.27 -37.64 8.04
C TYR C 321 4.99 -38.41 8.31
N ASP C 322 3.86 -37.91 7.80
CA ASP C 322 2.59 -38.57 8.05
C ASP C 322 2.58 -40.00 7.51
N MET C 323 3.08 -40.19 6.30
CA MET C 323 3.05 -41.52 5.68
C MET C 323 3.91 -42.50 6.46
N ILE C 324 5.15 -42.13 6.77
CA ILE C 324 6.04 -43.04 7.48
C ILE C 324 5.48 -43.34 8.86
N LEU C 325 4.86 -42.36 9.52
CA LEU C 325 4.28 -42.61 10.83
C LEU C 325 3.13 -43.60 10.74
N LEU C 326 2.23 -43.42 9.78
CA LEU C 326 1.07 -44.31 9.69
C LEU C 326 1.47 -45.72 9.29
N ARG C 327 2.48 -45.85 8.42
CA ARG C 327 2.89 -47.18 7.97
C ARG C 327 3.48 -48.04 9.06
N SER C 328 3.72 -47.48 10.25
CA SER C 328 4.15 -48.26 11.42
C SER C 328 3.40 -47.66 12.61
N GLY C 329 2.23 -48.20 12.90
CA GLY C 329 1.35 -47.55 13.85
C GLY C 329 1.61 -47.89 15.29
N ASN C 330 2.37 -47.03 15.97
CA ASN C 330 2.61 -47.09 17.41
C ASN C 330 3.48 -45.90 17.78
N TRP C 331 3.65 -45.69 19.07
CA TRP C 331 4.47 -44.60 19.58
C TRP C 331 5.95 -44.97 19.64
N GLU C 332 6.37 -45.96 18.86
CA GLU C 332 7.76 -46.40 18.92
C GLU C 332 8.69 -45.36 18.34
N LEU C 333 8.23 -44.60 17.34
CA LEU C 333 9.11 -43.67 16.64
C LEU C 333 9.11 -42.29 17.28
N GLU C 334 7.99 -41.88 17.87
CA GLU C 334 7.90 -40.51 18.44
C GLU C 334 8.23 -40.49 19.93
N THR C 335 8.92 -41.50 20.44
CA THR C 335 9.31 -41.51 21.85
C THR C 335 10.80 -41.69 22.06
N THR C 336 11.55 -42.18 21.09
CA THR C 336 12.97 -42.41 21.28
C THR C 336 13.72 -41.09 21.33
N ARG C 337 14.92 -41.12 21.90
CA ARG C 337 15.72 -39.93 22.10
C ARG C 337 17.08 -40.09 21.42
N ASN C 338 17.51 -39.03 20.74
CA ASN C 338 18.84 -39.01 20.15
C ASN C 338 19.84 -38.65 21.23
N ASN C 339 21.10 -38.42 20.84
CA ASN C 339 22.16 -38.28 21.81
C ASN C 339 22.09 -37.00 22.62
N ASP C 340 21.04 -36.20 22.48
CA ASP C 340 20.79 -35.08 23.36
C ASP C 340 19.58 -35.31 24.25
N GLY C 341 18.90 -36.43 24.11
CA GLY C 341 17.70 -36.70 24.86
C GLY C 341 16.49 -35.93 24.38
N LEU C 342 16.29 -35.87 23.07
CA LEU C 342 15.19 -35.14 22.48
C LEU C 342 14.38 -36.06 21.57
N THR C 343 13.10 -35.86 21.54
CA THR C 343 12.19 -36.56 20.65
C THR C 343 11.87 -35.67 19.46
N PRO C 344 11.33 -36.23 18.36
CA PRO C 344 11.00 -35.39 17.21
C PRO C 344 10.18 -34.17 17.56
N LEU C 345 9.41 -34.21 18.64
CA LEU C 345 8.67 -33.03 19.08
C LEU C 345 9.61 -31.97 19.64
N GLN C 346 10.39 -32.32 20.66
CA GLN C 346 11.33 -31.36 21.22
C GLN C 346 12.40 -31.00 20.21
N LEU C 347 12.67 -31.88 19.25
CA LEU C 347 13.66 -31.55 18.22
C LEU C 347 13.08 -30.55 17.22
N ALA C 348 11.77 -30.63 16.96
CA ALA C 348 11.16 -29.62 16.13
C ALA C 348 10.96 -28.31 16.87
N ALA C 349 10.97 -28.35 18.20
CA ALA C 349 10.83 -27.11 18.97
C ALA C 349 12.16 -26.41 19.20
N LYS C 350 13.24 -27.16 19.44
CA LYS C 350 14.55 -26.55 19.62
C LYS C 350 14.98 -25.79 18.38
N MET C 351 15.00 -26.46 17.24
CA MET C 351 15.11 -25.76 15.97
C MET C 351 13.83 -24.98 15.72
N GLY C 352 13.86 -24.13 14.70
CA GLY C 352 12.74 -23.23 14.52
C GLY C 352 11.61 -23.77 13.68
N LYS C 353 11.64 -25.08 13.39
CA LYS C 353 10.63 -25.72 12.49
C LYS C 353 9.23 -25.43 13.02
N ALA C 354 8.53 -24.47 12.44
CA ALA C 354 7.21 -24.10 12.92
C ALA C 354 6.07 -24.67 12.10
N GLU C 355 6.36 -25.37 11.00
CA GLU C 355 5.30 -26.01 10.22
C GLU C 355 5.06 -27.43 10.71
N ILE C 356 6.14 -28.19 10.89
CA ILE C 356 6.02 -29.53 11.44
C ILE C 356 5.50 -29.49 12.86
N LEU C 357 5.82 -28.45 13.63
CA LEU C 357 5.28 -28.37 14.97
C LEU C 357 3.78 -28.15 14.95
N LYS C 358 3.31 -27.27 14.07
CA LYS C 358 1.88 -27.06 13.91
C LYS C 358 1.19 -28.33 13.45
N TYR C 359 1.86 -29.13 12.62
CA TYR C 359 1.28 -30.42 12.24
C TYR C 359 1.17 -31.35 13.42
N ILE C 360 2.27 -31.52 14.18
CA ILE C 360 2.31 -32.57 15.19
C ILE C 360 1.41 -32.22 16.37
N LEU C 361 1.37 -30.95 16.78
CA LEU C 361 0.61 -30.62 17.98
C LEU C 361 -0.88 -30.88 17.80
N SER C 362 -1.38 -30.69 16.58
CA SER C 362 -2.79 -30.94 16.26
C SER C 362 -2.84 -31.89 15.07
N ARG C 363 -2.74 -33.19 15.36
CA ARG C 363 -2.75 -34.23 14.34
C ARG C 363 -3.96 -35.11 14.59
N GLU C 364 -4.94 -35.03 13.69
CA GLU C 364 -6.18 -35.80 13.81
C GLU C 364 -6.22 -36.89 12.77
N ILE C 365 -6.41 -38.12 13.22
CA ILE C 365 -6.45 -39.29 12.35
C ILE C 365 -7.85 -39.86 12.37
N LYS C 366 -8.45 -40.04 11.20
CA LYS C 366 -9.85 -40.43 11.10
C LYS C 366 -10.06 -41.92 10.96
N GLU C 367 -9.02 -42.69 10.60
CA GLU C 367 -9.17 -44.13 10.46
C GLU C 367 -9.58 -44.75 11.79
N LYS C 368 -9.96 -46.02 11.74
CA LYS C 368 -10.55 -46.66 12.91
C LYS C 368 -9.48 -47.29 13.80
N ARG C 369 -8.56 -48.04 13.20
CA ARG C 369 -7.58 -48.79 13.97
C ARG C 369 -6.42 -47.92 14.45
N LEU C 370 -6.18 -46.79 13.80
CA LEU C 370 -5.05 -45.92 14.11
C LEU C 370 -5.51 -44.59 14.71
N ARG C 371 -6.61 -44.60 15.44
CA ARG C 371 -7.06 -43.38 16.08
C ARG C 371 -6.27 -43.07 17.35
N SER C 372 -5.70 -44.08 18.00
CA SER C 372 -4.90 -43.84 19.19
C SER C 372 -3.55 -43.22 18.88
N LEU C 373 -3.31 -42.83 17.63
CA LEU C 373 -2.05 -42.23 17.20
C LEU C 373 -2.15 -40.72 17.08
N SER C 374 -3.29 -40.14 17.42
CA SER C 374 -3.56 -38.73 17.18
C SER C 374 -3.28 -37.92 18.44
N ARG C 375 -3.48 -36.61 18.32
CA ARG C 375 -3.28 -35.69 19.42
C ARG C 375 -4.37 -34.66 19.53
N LYS C 376 -5.48 -34.82 18.81
CA LYS C 376 -6.62 -33.94 18.93
C LYS C 376 -7.85 -34.75 18.54
N PHE C 377 -8.72 -35.02 19.50
CA PHE C 377 -9.90 -35.82 19.25
C PHE C 377 -11.16 -34.96 19.37
N THR C 378 -11.91 -34.85 18.29
CA THR C 378 -13.21 -34.21 18.35
C THR C 378 -14.12 -35.11 19.17
N ASP C 379 -14.82 -34.52 20.13
CA ASP C 379 -15.58 -35.36 21.05
C ASP C 379 -16.98 -34.88 21.37
N TRP C 380 -17.50 -33.86 20.72
CA TRP C 380 -18.75 -33.30 21.15
C TRP C 380 -19.64 -32.74 20.05
N ALA C 381 -19.23 -32.83 18.78
CA ALA C 381 -19.79 -31.97 17.75
C ALA C 381 -21.29 -32.17 17.57
N TYR C 382 -22.03 -31.06 17.45
CA TYR C 382 -23.45 -31.13 17.18
C TYR C 382 -23.87 -30.53 15.85
N GLY C 383 -23.63 -29.25 15.63
CA GLY C 383 -24.06 -28.60 14.42
C GLY C 383 -22.87 -27.98 13.74
N PRO C 384 -22.88 -26.65 13.61
CA PRO C 384 -21.64 -25.95 13.31
C PRO C 384 -20.73 -25.82 14.51
N VAL C 385 -21.24 -26.05 15.72
CA VAL C 385 -20.42 -25.96 16.92
C VAL C 385 -19.80 -27.31 17.22
N SER C 386 -18.58 -27.31 17.74
CA SER C 386 -17.87 -28.54 18.07
C SER C 386 -16.82 -28.22 19.11
N SER C 387 -16.34 -29.25 19.80
CA SER C 387 -15.45 -29.08 20.94
C SER C 387 -14.29 -30.04 20.83
N SER C 388 -13.21 -29.59 20.20
CA SER C 388 -12.01 -30.40 20.07
C SER C 388 -11.27 -30.48 21.40
N LEU C 389 -10.56 -31.58 21.59
CA LEU C 389 -9.96 -31.90 22.88
C LEU C 389 -8.48 -32.21 22.67
N TYR C 390 -7.64 -31.20 22.79
CA TYR C 390 -6.22 -31.33 22.47
C TYR C 390 -5.53 -32.24 23.48
N ASP C 391 -4.24 -32.48 23.26
CA ASP C 391 -3.46 -33.32 24.15
C ASP C 391 -2.28 -32.54 24.69
N LEU C 392 -1.93 -32.84 25.94
CA LEU C 392 -0.96 -32.10 26.73
C LEU C 392 -0.01 -33.03 27.44
N THR C 393 0.45 -34.09 26.77
CA THR C 393 1.27 -35.06 27.48
C THR C 393 2.71 -34.59 27.61
N ASN C 394 3.21 -33.83 26.64
CA ASN C 394 4.57 -33.30 26.69
C ASN C 394 4.62 -31.85 26.26
N VAL C 395 3.63 -31.06 26.66
CA VAL C 395 3.52 -29.68 26.21
C VAL C 395 3.27 -28.75 27.40
N ASP C 396 3.30 -29.26 28.61
CA ASP C 396 2.79 -28.49 29.74
C ASP C 396 3.75 -28.46 30.92
N THR C 397 5.02 -28.15 30.66
CA THR C 397 6.01 -27.78 31.69
C THR C 397 5.86 -28.61 32.96
N THR C 398 5.65 -29.91 32.82
CA THR C 398 5.58 -30.81 33.97
C THR C 398 6.67 -31.87 33.91
N THR C 399 7.58 -31.78 32.95
CA THR C 399 8.67 -32.72 32.78
C THR C 399 9.99 -31.95 32.72
N ASP C 400 11.07 -32.64 32.34
CA ASP C 400 12.39 -32.05 32.32
C ASP C 400 12.43 -30.83 31.41
N ASN C 401 12.24 -31.04 30.11
CA ASN C 401 12.18 -29.94 29.16
C ASN C 401 10.99 -30.18 28.23
N SER C 402 9.89 -29.52 28.53
CA SER C 402 8.67 -29.65 27.74
C SER C 402 8.83 -28.89 26.43
N VAL C 403 7.74 -28.76 25.68
CA VAL C 403 7.80 -27.98 24.45
C VAL C 403 7.49 -26.52 24.71
N LEU C 404 6.74 -26.22 25.77
CA LEU C 404 6.45 -24.82 26.07
C LEU C 404 7.71 -24.10 26.55
N GLU C 405 8.42 -24.71 27.50
CA GLU C 405 9.63 -24.08 28.02
C GLU C 405 10.71 -23.99 26.95
N ILE C 406 10.84 -25.03 26.12
CA ILE C 406 11.83 -25.01 25.05
C ILE C 406 11.48 -23.94 24.03
N THR C 407 10.19 -23.79 23.70
CA THR C 407 9.81 -22.78 22.73
C THR C 407 10.05 -21.37 23.26
N VAL C 408 9.80 -21.14 24.55
CA VAL C 408 9.85 -19.78 25.08
C VAL C 408 11.29 -19.37 25.38
N TYR C 409 12.06 -20.22 26.05
CA TYR C 409 13.40 -19.84 26.47
C TYR C 409 14.44 -19.98 25.38
N ASN C 410 14.06 -20.44 24.19
CA ASN C 410 15.00 -20.54 23.08
C ASN C 410 15.36 -19.16 22.56
N THR C 411 16.65 -18.83 22.55
CA THR C 411 17.11 -17.53 22.10
C THR C 411 18.03 -17.64 20.89
N ASN C 412 17.81 -18.61 20.01
CA ASN C 412 18.69 -18.84 18.88
C ASN C 412 17.93 -19.19 17.59
N ILE C 413 16.68 -18.77 17.46
CA ILE C 413 15.87 -19.11 16.29
C ILE C 413 15.30 -17.87 15.59
N ASP C 414 14.80 -16.90 16.36
CA ASP C 414 14.22 -15.67 15.80
C ASP C 414 12.96 -15.95 14.99
N ASN C 415 12.39 -17.15 15.14
CA ASN C 415 11.12 -17.50 14.52
C ASN C 415 10.04 -17.75 15.56
N ARG C 416 10.25 -17.30 16.80
CA ARG C 416 9.27 -17.46 17.87
C ARG C 416 8.06 -16.60 17.69
N HIS C 417 8.01 -15.88 16.58
CA HIS C 417 6.81 -15.13 16.21
C HIS C 417 5.65 -16.07 15.93
N GLU C 418 5.94 -17.19 15.28
CA GLU C 418 4.90 -18.09 14.80
C GLU C 418 4.79 -19.36 15.63
N MET C 419 5.64 -19.56 16.63
CA MET C 419 5.60 -20.79 17.40
C MET C 419 4.86 -20.64 18.71
N LEU C 420 4.61 -19.42 19.18
CA LEU C 420 3.82 -19.21 20.38
C LEU C 420 2.40 -18.79 20.08
N THR C 421 1.90 -19.10 18.89
CA THR C 421 0.51 -18.86 18.53
C THR C 421 -0.19 -20.11 18.06
N LEU C 422 0.40 -21.28 18.28
CA LEU C 422 -0.17 -22.52 17.80
C LEU C 422 -1.32 -22.95 18.68
N GLU C 423 -1.78 -24.19 18.50
CA GLU C 423 -3.10 -24.55 19.02
C GLU C 423 -3.13 -24.65 20.53
N PRO C 424 -2.35 -25.54 21.19
CA PRO C 424 -2.46 -25.63 22.64
C PRO C 424 -1.55 -24.66 23.39
N LEU C 425 -0.47 -24.19 22.76
CA LEU C 425 0.45 -23.29 23.46
C LEU C 425 -0.22 -21.96 23.78
N HIS C 426 -0.95 -21.40 22.83
CA HIS C 426 -1.63 -20.13 23.06
C HIS C 426 -2.57 -20.21 24.26
N THR C 427 -3.44 -21.21 24.27
CA THR C 427 -4.43 -21.29 25.34
C THR C 427 -3.79 -21.71 26.65
N LEU C 428 -2.71 -22.50 26.62
CA LEU C 428 -2.01 -22.82 27.84
C LEU C 428 -1.46 -21.56 28.49
N LEU C 429 -0.80 -20.71 27.70
CA LEU C 429 -0.28 -19.46 28.24
C LEU C 429 -1.40 -18.59 28.77
N HIS C 430 -2.49 -18.45 28.01
CA HIS C 430 -3.58 -17.59 28.45
C HIS C 430 -4.19 -18.08 29.75
N MET C 431 -4.34 -19.40 29.91
CA MET C 431 -4.94 -19.92 31.13
C MET C 431 -4.00 -19.78 32.32
N LYS C 432 -2.71 -20.08 32.14
CA LYS C 432 -1.78 -19.84 33.22
C LYS C 432 -1.79 -18.39 33.67
N TRP C 433 -1.80 -17.48 32.71
CA TRP C 433 -1.79 -16.06 33.02
C TRP C 433 -3.00 -15.72 33.85
N LYS C 434 -4.20 -15.83 33.28
CA LYS C 434 -5.40 -15.43 34.01
C LYS C 434 -5.69 -16.32 35.20
N LYS C 435 -4.91 -17.38 35.45
CA LYS C 435 -5.11 -18.14 36.68
C LYS C 435 -4.26 -17.63 37.83
N PHE C 436 -2.95 -17.44 37.61
CA PHE C 436 -2.15 -16.91 38.73
C PHE C 436 -1.17 -15.80 38.38
N ALA C 437 -0.80 -15.62 37.12
CA ALA C 437 0.25 -14.65 36.86
C ALA C 437 -0.27 -13.23 37.01
N LYS C 438 -1.55 -13.01 36.74
CA LYS C 438 -2.15 -11.71 37.01
C LYS C 438 -1.93 -11.30 38.47
N HIS C 439 -2.34 -12.18 39.39
CA HIS C 439 -2.19 -11.87 40.81
C HIS C 439 -0.74 -11.65 41.18
N MET C 440 0.14 -12.57 40.78
CA MET C 440 1.53 -12.43 41.23
C MET C 440 2.19 -11.18 40.63
N PHE C 441 1.88 -10.86 39.38
CA PHE C 441 2.44 -9.67 38.75
C PHE C 441 1.98 -8.41 39.46
N PHE C 442 0.67 -8.28 39.71
CA PHE C 442 0.22 -7.05 40.37
C PHE C 442 0.76 -6.95 41.79
N LEU C 443 0.86 -8.07 42.48
CA LEU C 443 1.40 -8.04 43.84
C LEU C 443 2.85 -7.58 43.84
N SER C 444 3.66 -8.09 42.91
CA SER C 444 5.05 -7.66 42.84
C SER C 444 5.15 -6.19 42.47
N PHE C 445 4.27 -5.72 41.59
CA PHE C 445 4.30 -4.30 41.24
C PHE C 445 3.97 -3.43 42.46
N CYS C 446 3.00 -3.84 43.26
CA CYS C 446 2.65 -3.07 44.45
C CYS C 446 3.80 -3.04 45.44
N PHE C 447 4.45 -4.19 45.65
CA PHE C 447 5.62 -4.21 46.52
C PHE C 447 6.68 -3.24 46.03
N TYR C 448 6.95 -3.23 44.72
CA TYR C 448 7.98 -2.35 44.20
C TYR C 448 7.59 -0.88 44.37
N PHE C 449 6.31 -0.56 44.14
CA PHE C 449 5.88 0.83 44.24
C PHE C 449 6.03 1.34 45.67
N PHE C 450 5.66 0.52 46.65
CA PHE C 450 5.80 0.99 48.02
C PHE C 450 7.26 1.07 48.43
N TYR C 451 8.09 0.13 47.98
CA TYR C 451 9.52 0.23 48.24
C TYR C 451 10.08 1.53 47.69
N ASN C 452 9.68 1.92 46.49
CA ASN C 452 10.23 3.13 45.89
C ASN C 452 9.71 4.39 46.57
N ILE C 453 8.44 4.41 46.99
CA ILE C 453 7.96 5.59 47.68
C ILE C 453 8.63 5.74 49.03
N THR C 454 8.83 4.64 49.75
CA THR C 454 9.58 4.72 51.00
C THR C 454 10.97 5.26 50.76
N LEU C 455 11.63 4.81 49.69
CA LEU C 455 12.95 5.33 49.36
C LEU C 455 12.91 6.83 49.12
N THR C 456 11.95 7.28 48.30
CA THR C 456 11.87 8.69 47.94
C THR C 456 11.65 9.55 49.17
N LEU C 457 10.76 9.12 50.07
CA LEU C 457 10.48 9.91 51.26
C LEU C 457 11.67 9.96 52.19
N VAL C 458 12.28 8.80 52.46
CA VAL C 458 13.44 8.77 53.34
C VAL C 458 14.59 9.60 52.76
N SER C 459 14.66 9.74 51.45
CA SER C 459 15.69 10.60 50.88
C SER C 459 15.33 12.08 50.98
N TYR C 460 14.10 12.45 50.61
CA TYR C 460 13.72 13.86 50.63
C TYR C 460 13.74 14.43 52.04
N TYR C 461 13.25 13.67 53.01
CA TYR C 461 13.17 14.13 54.39
C TYR C 461 14.43 13.84 55.18
N ARG C 462 15.58 13.74 54.51
CA ARG C 462 16.82 13.41 55.18
C ARG C 462 17.16 14.49 56.23
N PRO C 463 18.00 14.15 57.20
CA PRO C 463 18.37 15.13 58.24
C PRO C 463 19.48 16.09 57.80
N ARG C 464 19.19 17.38 57.90
CA ARG C 464 20.17 18.41 57.60
C ARG C 464 19.93 19.64 58.47
N GLY C 480 11.90 5.94 67.09
CA GLY C 480 10.67 5.93 66.31
C GLY C 480 10.10 4.54 66.12
N TRP C 481 8.78 4.46 66.01
CA TRP C 481 8.09 3.18 65.84
C TRP C 481 7.89 2.81 64.38
N LEU C 482 7.61 3.80 63.52
CA LEU C 482 7.34 3.53 62.12
C LEU C 482 8.57 3.68 61.22
N GLN C 483 9.43 4.66 61.49
CA GLN C 483 10.58 4.95 60.64
C GLN C 483 11.54 3.77 60.55
N LEU C 484 11.83 3.14 61.70
CA LEU C 484 12.69 1.97 61.68
C LEU C 484 12.12 0.86 60.81
N LEU C 485 10.79 0.73 60.79
CA LEU C 485 10.15 -0.26 59.93
C LEU C 485 10.42 0.05 58.46
N GLY C 486 10.30 1.33 58.08
CA GLY C 486 10.60 1.69 56.71
C GLY C 486 12.05 1.40 56.35
N ARG C 487 12.98 1.71 57.25
CA ARG C 487 14.38 1.47 56.94
C ARG C 487 14.67 -0.02 56.79
N MET C 488 14.17 -0.85 57.71
CA MET C 488 14.37 -2.28 57.56
C MET C 488 13.70 -2.82 56.31
N PHE C 489 12.53 -2.27 55.95
CA PHE C 489 11.86 -2.69 54.72
C PHE C 489 12.74 -2.41 53.52
N VAL C 490 13.25 -1.19 53.40
CA VAL C 490 14.12 -0.85 52.28
C VAL C 490 15.31 -1.80 52.23
N LEU C 491 15.94 -2.02 53.38
CA LEU C 491 17.13 -2.87 53.40
C LEU C 491 16.82 -4.29 52.96
N ILE C 492 15.80 -4.92 53.56
CA ILE C 492 15.53 -6.32 53.25
C ILE C 492 15.05 -6.48 51.81
N TRP C 493 14.28 -5.52 51.29
CA TRP C 493 13.81 -5.69 49.92
C TRP C 493 14.94 -5.46 48.93
N ALA C 494 15.86 -4.54 49.23
CA ALA C 494 17.03 -4.42 48.37
C ALA C 494 17.86 -5.70 48.39
N MET C 495 18.01 -6.30 49.57
CA MET C 495 18.74 -7.56 49.66
C MET C 495 18.07 -8.65 48.83
N CYS C 496 16.73 -8.73 48.92
CA CYS C 496 16.01 -9.77 48.19
C CYS C 496 16.11 -9.57 46.68
N ILE C 497 15.93 -8.34 46.21
CA ILE C 497 16.01 -8.10 44.76
C ILE C 497 17.42 -8.38 44.27
N SER C 498 18.44 -7.98 45.03
CA SER C 498 19.82 -8.24 44.62
C SER C 498 20.09 -9.73 44.55
N VAL C 499 19.60 -10.49 45.53
CA VAL C 499 19.80 -11.94 45.52
C VAL C 499 19.12 -12.57 44.31
N LYS C 500 17.85 -12.22 44.06
CA LYS C 500 17.13 -12.82 42.95
C LYS C 500 17.77 -12.46 41.62
N GLU C 501 18.23 -11.22 41.47
CA GLU C 501 18.85 -10.83 40.21
C GLU C 501 20.22 -11.47 40.03
N GLY C 502 20.99 -11.62 41.11
CA GLY C 502 22.25 -12.35 41.00
C GLY C 502 22.04 -13.80 40.63
N ILE C 503 20.94 -14.40 41.12
CA ILE C 503 20.63 -15.77 40.73
C ILE C 503 20.25 -15.84 39.27
N ALA C 504 19.34 -14.98 38.83
CA ALA C 504 18.83 -15.06 37.47
C ALA C 504 19.79 -14.49 36.43
N ILE C 505 20.88 -13.86 36.85
CA ILE C 505 21.73 -13.16 35.89
C ILE C 505 22.83 -14.08 35.37
N PHE C 506 23.16 -15.12 36.14
CA PHE C 506 24.25 -16.01 35.76
C PHE C 506 23.90 -16.92 34.58
N LEU C 507 22.68 -16.86 34.06
CA LEU C 507 22.18 -17.84 33.11
C LEU C 507 22.00 -17.27 31.71
N LEU C 508 22.92 -16.43 31.27
CA LEU C 508 22.85 -15.92 29.90
C LEU C 508 24.21 -15.98 29.21
N SER C 518 18.44 -5.68 24.79
CA SER C 518 18.31 -7.02 24.22
C SER C 518 17.03 -7.71 24.68
N ASP C 519 17.17 -8.61 25.64
CA ASP C 519 16.04 -9.35 26.20
C ASP C 519 15.97 -9.30 27.71
N ALA C 520 17.11 -9.28 28.40
CA ALA C 520 17.15 -9.37 29.85
C ALA C 520 18.17 -8.39 30.44
N TRP C 521 18.14 -7.14 29.98
CA TRP C 521 18.96 -6.11 30.62
C TRP C 521 18.29 -5.50 31.84
N PHE C 522 16.97 -5.63 31.95
CA PHE C 522 16.28 -5.10 33.12
C PHE C 522 16.74 -5.81 34.38
N HIS C 523 17.23 -7.03 34.26
CA HIS C 523 17.91 -7.67 35.39
C HIS C 523 19.12 -6.86 35.80
N PHE C 524 19.91 -6.39 34.83
CA PHE C 524 21.06 -5.55 35.15
C PHE C 524 20.64 -4.26 35.83
N VAL C 525 19.56 -3.64 35.36
CA VAL C 525 19.12 -2.39 35.95
C VAL C 525 18.64 -2.60 37.39
N PHE C 526 17.82 -3.63 37.60
CA PHE C 526 17.37 -3.95 38.95
C PHE C 526 18.55 -4.20 39.88
N PHE C 527 19.55 -4.94 39.38
CA PHE C 527 20.70 -5.25 40.22
C PHE C 527 21.49 -4.00 40.57
N ILE C 528 21.71 -3.11 39.60
CA ILE C 528 22.47 -1.89 39.89
C ILE C 528 21.73 -1.03 40.90
N GLN C 529 20.41 -0.91 40.76
CA GLN C 529 19.66 -0.10 41.71
C GLN C 529 19.72 -0.68 43.12
N ALA C 530 19.53 -2.00 43.24
CA ALA C 530 19.59 -2.60 44.57
C ALA C 530 20.97 -2.45 45.18
N VAL C 531 22.02 -2.63 44.38
CA VAL C 531 23.37 -2.50 44.90
C VAL C 531 23.62 -1.07 45.36
N LEU C 532 23.13 -0.09 44.61
CA LEU C 532 23.30 1.30 45.02
C LEU C 532 22.62 1.56 46.36
N VAL C 533 21.39 1.06 46.54
CA VAL C 533 20.69 1.31 47.80
C VAL C 533 21.45 0.68 48.97
N ILE C 534 21.85 -0.59 48.82
CA ILE C 534 22.49 -1.26 49.94
C ILE C 534 23.86 -0.64 50.23
N LEU C 535 24.59 -0.23 49.20
CA LEU C 535 25.87 0.42 49.41
C LEU C 535 25.68 1.76 50.11
N SER C 536 24.64 2.50 49.76
CA SER C 536 24.38 3.78 50.41
C SER C 536 24.06 3.58 51.88
N VAL C 537 23.22 2.60 52.20
CA VAL C 537 22.87 2.41 53.61
C VAL C 537 24.07 1.91 54.40
N PHE C 538 24.93 1.10 53.77
CA PHE C 538 26.17 0.70 54.43
C PHE C 538 27.04 1.92 54.74
N LEU C 539 27.30 2.75 53.73
CA LEU C 539 28.14 3.93 53.93
C LEU C 539 27.51 4.92 54.89
N TYR C 540 26.19 4.90 55.05
CA TYR C 540 25.54 5.78 56.00
C TYR C 540 25.70 5.27 57.43
N LEU C 541 25.61 3.95 57.63
CA LEU C 541 25.85 3.42 58.96
C LEU C 541 27.30 3.60 59.40
N PHE C 542 28.18 3.97 58.46
CA PHE C 542 29.57 4.26 58.78
C PHE C 542 29.74 5.74 59.08
N ALA C 543 30.99 6.19 59.13
CA ALA C 543 31.30 7.61 59.33
C ALA C 543 31.53 8.33 58.01
N TYR C 544 30.52 8.33 57.16
CA TYR C 544 30.59 8.96 55.84
C TYR C 544 29.37 9.84 55.62
N LYS C 545 29.55 10.89 54.81
CA LYS C 545 28.45 11.73 54.36
C LYS C 545 28.26 11.69 52.85
N GLU C 546 29.06 10.90 52.13
CA GLU C 546 28.97 10.76 50.69
C GLU C 546 27.91 9.73 50.28
N TYR C 547 26.97 9.42 51.16
CA TYR C 547 25.90 8.49 50.84
C TYR C 547 24.81 9.11 49.99
N LEU C 548 24.68 10.44 50.02
CA LEU C 548 23.59 11.09 49.30
C LEU C 548 23.66 10.82 47.81
N ALA C 549 24.87 10.73 47.27
CA ALA C 549 25.01 10.45 45.84
C ALA C 549 24.36 9.12 45.48
N CYS C 550 24.75 8.05 46.17
CA CYS C 550 24.18 6.74 45.89
C CYS C 550 22.68 6.73 46.14
N LEU C 551 22.23 7.39 47.22
CA LEU C 551 20.81 7.36 47.53
C LEU C 551 19.98 8.00 46.42
N VAL C 552 20.34 9.23 46.01
CA VAL C 552 19.50 9.91 45.02
C VAL C 552 19.64 9.27 43.66
N LEU C 553 20.83 8.76 43.33
CA LEU C 553 20.97 8.03 42.08
C LEU C 553 20.08 6.80 42.06
N ALA C 554 19.98 6.09 43.18
CA ALA C 554 19.12 4.91 43.25
C ALA C 554 17.65 5.29 43.14
N MET C 555 17.29 6.39 43.77
CA MET C 555 15.91 6.83 43.69
C MET C 555 15.54 7.11 42.25
N ALA C 556 16.31 7.97 41.58
CA ALA C 556 16.02 8.31 40.20
C ALA C 556 16.00 7.07 39.32
N LEU C 557 16.89 6.11 39.60
CA LEU C 557 16.89 4.89 38.79
C LEU C 557 15.62 4.08 39.01
N GLY C 558 15.08 4.07 40.22
CA GLY C 558 13.84 3.36 40.45
C GLY C 558 12.66 3.99 39.74
N TRP C 559 12.54 5.32 39.84
CA TRP C 559 11.43 5.99 39.17
C TRP C 559 11.53 5.82 37.66
N ALA C 560 12.74 5.85 37.09
CA ALA C 560 12.88 5.57 35.68
C ALA C 560 12.80 4.07 35.37
N ASN C 561 12.75 3.24 36.41
CA ASN C 561 12.70 1.79 36.23
C ASN C 561 11.28 1.24 36.21
N MET C 562 10.30 1.99 36.72
CA MET C 562 8.91 1.53 36.68
C MET C 562 8.44 1.13 35.27
N LEU C 563 9.18 1.53 34.22
CA LEU C 563 8.73 1.21 32.87
C LEU C 563 8.79 -0.28 32.60
N TYR C 564 9.41 -1.06 33.48
CA TYR C 564 9.35 -2.51 33.29
C TYR C 564 8.05 -3.08 33.80
N TYR C 565 7.51 -2.53 34.88
CA TYR C 565 6.18 -2.94 35.31
C TYR C 565 5.09 -2.32 34.45
N THR C 566 5.45 -1.41 33.58
CA THR C 566 4.34 -1.08 32.66
C THR C 566 4.12 -2.13 31.55
N ARG C 567 4.54 -3.40 31.59
CA ARG C 567 4.27 -4.34 30.51
C ARG C 567 3.05 -5.22 30.78
N GLY C 568 2.36 -5.02 31.90
CA GLY C 568 1.22 -5.86 32.20
C GLY C 568 -0.03 -5.52 31.43
N PHE C 569 -0.08 -4.34 30.82
CA PHE C 569 -1.23 -3.89 30.05
C PHE C 569 -0.87 -3.87 28.58
N GLN C 570 -1.73 -4.49 27.77
CA GLN C 570 -1.43 -4.72 26.36
C GLN C 570 -1.04 -3.41 25.66
N SER C 571 -1.89 -2.39 25.77
CA SER C 571 -1.56 -1.11 25.17
C SER C 571 -0.27 -0.55 25.75
N MET C 572 -0.15 -0.54 27.08
CA MET C 572 1.05 -0.02 27.70
C MET C 572 2.26 -0.90 27.43
N GLY C 573 2.04 -2.21 27.28
CA GLY C 573 3.14 -3.10 26.94
C GLY C 573 3.70 -2.79 25.56
N MET C 574 2.82 -2.68 24.56
CA MET C 574 3.27 -2.24 23.25
C MET C 574 3.97 -0.90 23.31
N TYR C 575 3.46 0.01 24.16
CA TYR C 575 4.09 1.33 24.30
C TYR C 575 5.54 1.21 24.76
N SER C 576 5.77 0.46 25.83
CA SER C 576 7.13 0.32 26.33
C SER C 576 8.02 -0.39 25.33
N VAL C 577 7.47 -1.39 24.62
CA VAL C 577 8.29 -2.11 23.65
C VAL C 577 8.71 -1.18 22.51
N MET C 578 7.82 -0.31 22.06
CA MET C 578 8.23 0.57 20.97
C MET C 578 9.17 1.66 21.47
N ILE C 579 9.06 2.06 22.75
CA ILE C 579 10.05 2.98 23.30
C ILE C 579 11.44 2.35 23.22
N GLN C 580 11.56 1.11 23.67
CA GLN C 580 12.87 0.46 23.64
C GLN C 580 13.34 0.23 22.21
N LYS C 581 12.43 -0.14 21.31
CA LYS C 581 12.79 -0.29 19.91
C LYS C 581 13.33 1.01 19.33
N VAL C 582 12.74 2.15 19.73
CA VAL C 582 13.19 3.44 19.23
C VAL C 582 14.58 3.77 19.75
N ILE C 583 14.79 3.62 21.06
CA ILE C 583 16.08 3.95 21.64
C ILE C 583 17.17 3.06 21.07
N LEU C 584 16.82 1.84 20.68
CA LEU C 584 17.80 0.98 20.02
C LEU C 584 18.04 1.43 18.59
N HIS C 585 16.98 1.72 17.86
CA HIS C 585 17.11 2.02 16.44
C HIS C 585 17.90 3.30 16.20
N ASP C 586 17.41 4.42 16.73
CA ASP C 586 17.84 5.72 16.21
C ASP C 586 18.59 6.59 17.21
N VAL C 587 18.05 6.78 18.41
CA VAL C 587 18.61 7.77 19.32
C VAL C 587 20.09 7.53 19.57
N LEU C 588 20.56 6.28 19.46
CA LEU C 588 21.98 6.02 19.69
C LEU C 588 22.84 6.58 18.56
N LYS C 589 22.49 6.29 17.31
CA LYS C 589 23.21 6.90 16.19
C LYS C 589 23.18 8.41 16.26
N PHE C 590 21.98 8.98 16.42
CA PHE C 590 21.86 10.43 16.48
C PHE C 590 22.71 11.01 17.60
N LEU C 591 22.74 10.36 18.76
CA LEU C 591 23.50 10.90 19.87
C LEU C 591 24.99 10.81 19.62
N PHE C 592 25.45 9.74 19.00
CA PHE C 592 26.86 9.64 18.62
C PHE C 592 27.27 10.81 17.73
N VAL C 593 26.56 10.98 16.61
CA VAL C 593 26.89 12.05 15.67
C VAL C 593 26.82 13.40 16.36
N TYR C 594 25.75 13.64 17.12
CA TYR C 594 25.56 14.95 17.72
C TYR C 594 26.64 15.26 18.75
N ILE C 595 27.09 14.25 19.50
CA ILE C 595 28.16 14.50 20.47
C ILE C 595 29.45 14.83 19.74
N VAL C 596 29.71 14.16 18.62
CA VAL C 596 30.88 14.53 17.81
C VAL C 596 30.83 16.01 17.45
N PHE C 597 29.69 16.45 16.90
CA PHE C 597 29.57 17.84 16.47
C PHE C 597 29.72 18.80 17.64
N LEU C 598 29.03 18.51 18.73
CA LEU C 598 29.06 19.40 19.89
C LEU C 598 30.47 19.58 20.39
N LEU C 599 31.23 18.49 20.55
CA LEU C 599 32.56 18.61 21.11
C LEU C 599 33.52 19.29 20.13
N GLY C 600 33.42 18.98 18.84
CA GLY C 600 34.26 19.64 17.87
C GLY C 600 34.07 21.15 17.86
N PHE C 601 32.83 21.59 17.65
CA PHE C 601 32.61 23.03 17.60
C PHE C 601 32.86 23.68 18.96
N GLY C 602 32.71 22.93 20.05
CA GLY C 602 33.06 23.48 21.34
C GLY C 602 34.53 23.83 21.45
N VAL C 603 35.40 22.89 21.05
CA VAL C 603 36.82 23.21 21.14
C VAL C 603 37.19 24.31 20.14
N ALA C 604 36.54 24.36 18.97
CA ALA C 604 36.82 25.43 18.02
C ALA C 604 36.50 26.79 18.62
N LEU C 605 35.25 26.98 19.07
CA LEU C 605 34.86 28.27 19.63
C LEU C 605 35.71 28.63 20.84
N ALA C 606 35.99 27.65 21.71
CA ALA C 606 36.79 27.98 22.87
C ALA C 606 38.23 28.32 22.51
N SER C 607 38.71 27.88 21.35
CA SER C 607 40.03 28.30 20.93
C SER C 607 40.01 29.71 20.34
N LEU C 608 38.92 30.07 19.65
CA LEU C 608 38.88 31.38 19.00
C LEU C 608 38.84 32.54 20.00
N ILE C 609 38.57 32.23 21.27
CA ILE C 609 38.42 33.29 22.31
C ILE C 609 39.78 33.68 22.86
N GLU C 610 40.08 34.98 22.94
CA GLU C 610 41.36 35.47 23.50
C GLU C 610 41.08 36.00 24.91
N LYS C 611 41.84 35.53 25.90
CA LYS C 611 41.61 35.92 27.32
C LYS C 611 41.79 37.43 27.48
N CYS C 612 40.88 38.07 28.22
CA CYS C 612 40.93 39.53 28.48
C CYS C 612 40.80 39.78 29.99
N PRO C 613 41.62 40.66 30.59
CA PRO C 613 41.56 40.94 32.03
C PRO C 613 40.59 42.09 32.37
N ASN C 616 39.78 37.94 36.34
CA ASN C 616 39.46 39.20 37.05
C ASN C 616 38.05 39.65 36.67
N LYS C 617 37.78 39.78 35.37
CA LYS C 617 36.44 40.21 34.88
C LYS C 617 36.19 39.61 33.50
N ASP C 618 35.61 38.40 33.47
CA ASP C 618 35.30 37.71 32.19
C ASP C 618 34.51 38.64 31.27
N CYS C 619 35.00 38.87 30.05
CA CYS C 619 34.33 39.75 29.07
C CYS C 619 33.75 38.91 27.93
N SER C 620 33.44 37.64 28.21
CA SER C 620 32.88 36.72 27.19
C SER C 620 32.22 35.52 27.88
N SER C 621 31.51 34.69 27.11
CA SER C 621 30.83 33.48 27.65
C SER C 621 31.66 32.24 27.35
N TYR C 622 32.00 32.03 26.07
CA TYR C 622 32.80 30.85 25.65
C TYR C 622 34.23 30.99 26.19
N GLY C 623 34.40 30.86 27.51
CA GLY C 623 35.70 30.97 28.14
C GLY C 623 36.45 29.67 28.02
N SER C 624 36.47 28.88 29.08
CA SER C 624 37.10 27.57 29.03
C SER C 624 36.31 26.66 28.09
N PHE C 625 36.80 25.44 27.93
CA PHE C 625 36.15 24.47 27.05
C PHE C 625 34.79 24.06 27.59
N SER C 626 34.69 23.90 28.91
CA SER C 626 33.43 23.48 29.52
C SER C 626 32.33 24.48 29.23
N ASP C 627 32.61 25.77 29.41
CA ASP C 627 31.58 26.78 29.18
C ASP C 627 31.16 26.83 27.72
N ALA C 628 32.11 26.61 26.80
CA ALA C 628 31.75 26.59 25.39
C ALA C 628 30.80 25.44 25.08
N VAL C 629 31.11 24.24 25.56
CA VAL C 629 30.24 23.11 25.30
C VAL C 629 28.87 23.32 25.94
N LEU C 630 28.84 23.92 27.13
CA LEU C 630 27.56 24.16 27.78
C LEU C 630 26.71 25.16 27.01
N GLU C 631 27.32 26.25 26.53
CA GLU C 631 26.55 27.22 25.77
C GLU C 631 26.02 26.61 24.49
N LEU C 632 26.81 25.75 23.85
CA LEU C 632 26.29 25.08 22.66
C LEU C 632 25.11 24.18 23.00
N PHE C 633 25.18 23.46 24.11
CA PHE C 633 24.05 22.60 24.49
C PHE C 633 22.80 23.41 24.75
N LYS C 634 22.91 24.45 25.57
CA LYS C 634 21.75 25.31 25.82
C LYS C 634 21.17 25.83 24.53
N LEU C 635 22.01 26.42 23.67
CA LEU C 635 21.52 26.96 22.41
C LEU C 635 20.92 25.88 21.51
N THR C 636 21.23 24.61 21.77
CA THR C 636 20.56 23.54 21.05
C THR C 636 19.15 23.30 21.59
N ILE C 637 18.99 23.25 22.91
CA ILE C 637 17.65 23.00 23.43
C ILE C 637 16.86 24.30 23.56
N GLY C 638 17.40 25.40 23.05
CA GLY C 638 16.65 26.63 22.91
C GLY C 638 16.39 27.43 24.16
N LEU C 639 17.37 27.54 25.05
CA LEU C 639 17.20 28.28 26.29
C LEU C 639 18.08 29.51 26.39
N GLY C 640 19.21 29.54 25.71
CA GLY C 640 20.24 30.50 26.04
C GLY C 640 20.00 31.91 25.54
N ASP C 641 21.06 32.54 25.04
CA ASP C 641 20.95 33.82 24.35
C ASP C 641 22.15 33.96 23.43
N LEU C 642 21.87 34.27 22.17
CA LEU C 642 22.88 34.35 21.13
C LEU C 642 23.28 35.81 20.98
N ASN C 643 24.45 36.17 21.49
CA ASN C 643 25.01 37.49 21.30
C ASN C 643 26.30 37.36 20.50
N ILE C 644 26.76 38.47 19.93
CA ILE C 644 27.90 38.43 19.02
C ILE C 644 29.16 39.08 19.60
N GLN C 645 29.02 40.08 20.48
CA GLN C 645 30.19 40.76 21.03
C GLN C 645 30.79 39.81 22.06
N GLN C 646 31.57 38.85 21.57
CA GLN C 646 32.08 37.79 22.43
C GLN C 646 33.57 37.91 22.67
N ASN C 647 34.13 39.11 22.53
CA ASN C 647 35.53 39.37 22.87
C ASN C 647 36.49 38.58 21.98
N SER C 648 36.00 38.10 20.84
CA SER C 648 36.82 37.31 19.94
C SER C 648 37.81 38.21 19.22
N LYS C 649 38.62 37.61 18.35
CA LYS C 649 39.47 38.38 17.46
C LYS C 649 39.01 38.35 16.01
N TYR C 650 38.13 37.43 15.66
CA TYR C 650 37.59 37.32 14.30
C TYR C 650 36.10 37.08 14.42
N PRO C 651 35.33 38.11 14.81
CA PRO C 651 33.93 37.87 15.18
C PRO C 651 33.06 37.39 14.04
N ILE C 652 33.39 37.73 12.79
CA ILE C 652 32.61 37.19 11.68
C ILE C 652 32.79 35.68 11.60
N LEU C 653 34.01 35.20 11.84
CA LEU C 653 34.23 33.76 11.86
C LEU C 653 33.47 33.10 12.99
N PHE C 654 33.48 33.72 14.17
CA PHE C 654 32.69 33.23 15.28
C PHE C 654 31.23 33.07 14.88
N LEU C 655 30.68 34.11 14.25
CA LEU C 655 29.28 34.07 13.86
C LEU C 655 29.02 32.98 12.83
N PHE C 656 29.96 32.80 11.90
CA PHE C 656 29.78 31.78 10.87
C PHE C 656 29.76 30.39 11.50
N LEU C 657 30.65 30.15 12.46
CA LEU C 657 30.69 28.84 13.11
C LEU C 657 29.42 28.59 13.91
N LEU C 658 28.95 29.60 14.64
CA LEU C 658 27.75 29.41 15.44
C LEU C 658 26.52 29.18 14.56
N ILE C 659 26.39 29.96 13.48
CA ILE C 659 25.25 29.79 12.61
C ILE C 659 25.29 28.44 11.91
N THR C 660 26.48 27.96 11.53
CA THR C 660 26.53 26.68 10.83
C THR C 660 26.28 25.52 11.79
N TYR C 661 26.67 25.67 13.07
CA TYR C 661 26.32 24.64 14.05
C TYR C 661 24.82 24.59 14.26
N VAL C 662 24.20 25.75 14.42
CA VAL C 662 22.74 25.81 14.58
C VAL C 662 22.05 25.15 13.40
N ILE C 663 22.49 25.48 12.18
CA ILE C 663 21.91 24.82 11.01
C ILE C 663 22.08 23.31 11.12
N LEU C 664 23.33 22.85 11.16
CA LEU C 664 23.64 21.43 11.14
C LEU C 664 22.76 20.64 12.08
N THR C 665 22.65 21.06 13.35
CA THR C 665 21.79 20.27 14.20
C THR C 665 20.32 20.58 13.96
N PHE C 666 19.90 21.81 14.28
CA PHE C 666 18.49 22.10 14.47
C PHE C 666 17.68 21.90 13.19
N VAL C 667 18.21 22.30 12.05
CA VAL C 667 17.37 22.17 10.87
C VAL C 667 17.51 20.79 10.25
N LEU C 668 18.69 20.16 10.37
CA LEU C 668 18.97 18.94 9.64
C LEU C 668 18.70 17.68 10.44
N LEU C 669 19.42 17.48 11.55
CA LEU C 669 19.43 16.16 12.17
C LEU C 669 18.13 15.86 12.90
N LEU C 670 17.56 16.83 13.60
CA LEU C 670 16.32 16.59 14.31
C LEU C 670 15.20 16.22 13.36
N ASN C 671 15.04 16.97 12.27
CA ASN C 671 13.99 16.68 11.31
C ASN C 671 14.25 15.36 10.59
N MET C 672 15.51 15.08 10.25
CA MET C 672 15.82 13.81 9.60
C MET C 672 15.48 12.63 10.50
N LEU C 673 15.87 12.71 11.78
CA LEU C 673 15.55 11.64 12.70
C LEU C 673 14.05 11.51 12.91
N ILE C 674 13.32 12.62 12.90
CA ILE C 674 11.87 12.52 13.04
C ILE C 674 11.28 11.77 11.86
N ALA C 675 11.79 12.03 10.66
CA ALA C 675 11.30 11.29 9.50
C ALA C 675 11.65 9.81 9.59
N LEU C 676 12.87 9.49 10.05
CA LEU C 676 13.27 8.10 10.18
C LEU C 676 12.40 7.36 11.18
N MET C 677 12.14 7.99 12.34
CA MET C 677 11.29 7.36 13.33
C MET C 677 9.83 7.36 12.89
N GLY C 678 9.49 8.16 11.88
CA GLY C 678 8.22 7.95 11.22
C GLY C 678 8.23 6.71 10.36
N GLU C 679 9.38 6.40 9.78
CA GLU C 679 9.51 5.18 8.98
C GLU C 679 9.49 3.93 9.85
N THR C 680 10.16 3.97 11.01
CA THR C 680 10.24 2.79 11.86
C THR C 680 8.88 2.42 12.43
N VAL C 681 8.11 3.42 12.88
CA VAL C 681 6.85 3.14 13.56
C VAL C 681 5.87 2.45 12.62
N GLU C 682 5.86 2.84 11.35
CA GLU C 682 4.97 2.18 10.39
C GLU C 682 5.36 0.73 10.17
N ASN C 683 6.57 0.34 10.57
CA ASN C 683 7.03 -1.02 10.38
C ASN C 683 7.11 -1.82 11.67
N VAL C 684 7.04 -1.16 12.83
CA VAL C 684 7.16 -1.86 14.11
C VAL C 684 5.80 -2.21 14.69
N SER C 685 4.78 -1.37 14.49
CA SER C 685 3.49 -1.57 15.12
C SER C 685 2.89 -2.94 14.81
N LYS C 686 3.31 -3.57 13.72
CA LYS C 686 2.79 -4.87 13.34
C LYS C 686 3.46 -6.02 14.09
N GLU C 687 4.68 -5.82 14.59
CA GLU C 687 5.35 -6.82 15.40
C GLU C 687 5.37 -6.47 16.87
N SER C 688 4.87 -5.29 17.24
CA SER C 688 4.81 -4.93 18.66
C SER C 688 4.03 -5.97 19.45
N GLU C 689 2.86 -6.38 18.94
CA GLU C 689 2.07 -7.35 19.68
C GLU C 689 2.81 -8.67 19.82
N ARG C 690 3.53 -9.09 18.79
CA ARG C 690 4.26 -10.34 18.87
C ARG C 690 5.34 -10.27 19.93
N ILE C 691 6.16 -9.21 19.90
CA ILE C 691 7.26 -9.14 20.86
C ILE C 691 6.72 -8.98 22.27
N TRP C 692 5.63 -8.22 22.44
CA TRP C 692 5.05 -8.10 23.76
C TRP C 692 4.51 -9.44 24.25
N ARG C 693 3.86 -10.20 23.37
CA ARG C 693 3.33 -11.50 23.75
C ARG C 693 4.45 -12.44 24.17
N LEU C 694 5.57 -12.40 23.47
CA LEU C 694 6.70 -13.24 23.83
C LEU C 694 7.28 -12.83 25.19
N GLN C 695 7.30 -11.53 25.47
CA GLN C 695 7.80 -11.09 26.77
C GLN C 695 6.87 -11.52 27.90
N ARG C 696 5.56 -11.37 27.69
CA ARG C 696 4.60 -11.83 28.70
C ARG C 696 4.70 -13.34 28.90
N ALA C 697 4.99 -14.10 27.85
CA ALA C 697 5.19 -15.53 28.02
C ALA C 697 6.41 -15.82 28.87
N ARG C 698 7.51 -15.11 28.61
CA ARG C 698 8.69 -15.24 29.47
C ARG C 698 8.34 -14.98 30.91
N THR C 699 7.57 -13.92 31.17
CA THR C 699 7.22 -13.58 32.55
C THR C 699 6.36 -14.66 33.20
N ILE C 700 5.35 -15.15 32.48
CA ILE C 700 4.48 -16.19 33.02
C ILE C 700 5.30 -17.41 33.43
N LEU C 701 6.14 -17.91 32.52
CA LEU C 701 6.93 -19.08 32.85
C LEU C 701 7.96 -18.80 33.91
N GLU C 702 8.41 -17.54 34.06
CA GLU C 702 9.31 -17.21 35.15
C GLU C 702 8.60 -17.29 36.48
N PHE C 703 7.35 -16.81 36.54
CA PHE C 703 6.60 -16.85 37.79
C PHE C 703 6.25 -18.29 38.16
N GLU C 704 5.95 -19.13 37.18
CA GLU C 704 5.50 -20.48 37.51
C GLU C 704 6.54 -21.29 38.25
N LYS C 705 7.80 -20.86 38.26
CA LYS C 705 8.84 -21.62 38.94
C LYS C 705 9.05 -21.20 40.38
N MET C 706 8.53 -20.04 40.79
CA MET C 706 8.68 -19.61 42.16
C MET C 706 7.76 -20.35 43.11
N LEU C 707 6.61 -20.82 42.62
CA LEU C 707 5.66 -21.50 43.47
C LEU C 707 6.26 -22.79 43.99
N PRO C 708 5.82 -23.27 45.14
CA PRO C 708 6.30 -24.55 45.66
C PRO C 708 5.62 -25.71 44.96
N GLU C 709 5.95 -26.91 45.41
CA GLU C 709 5.49 -28.12 44.72
C GLU C 709 3.97 -28.26 44.78
N TRP C 710 3.40 -28.20 45.99
CA TRP C 710 1.99 -28.54 46.16
C TRP C 710 1.08 -27.58 45.41
N LEU C 711 1.43 -26.30 45.33
CA LEU C 711 0.61 -25.36 44.56
C LEU C 711 0.60 -25.72 43.08
N ARG C 712 1.77 -26.02 42.53
CA ARG C 712 1.84 -26.42 41.12
C ARG C 712 1.05 -27.69 40.87
N SER C 713 1.09 -28.63 41.82
CA SER C 713 0.25 -29.81 41.69
C SER C 713 -1.22 -29.46 41.85
N ARG C 714 -1.52 -28.32 42.47
CA ARG C 714 -2.90 -27.93 42.70
C ARG C 714 -3.51 -27.25 41.48
N PHE C 715 -2.72 -26.53 40.70
CA PHE C 715 -3.32 -25.82 39.57
C PHE C 715 -3.57 -26.76 38.39
N ARG C 716 -2.51 -27.29 37.78
CA ARG C 716 -2.60 -28.45 36.88
C ARG C 716 -3.67 -28.26 35.80
N MET C 717 -3.40 -27.33 34.89
CA MET C 717 -4.31 -27.05 33.79
C MET C 717 -4.70 -28.32 33.05
N GLY C 718 -5.97 -28.42 32.69
CA GLY C 718 -6.45 -29.53 31.90
C GLY C 718 -6.80 -30.75 32.75
N GLU C 719 -7.77 -31.52 32.28
CA GLU C 719 -8.32 -32.64 33.02
C GLU C 719 -8.28 -33.90 32.18
N LEU C 720 -8.26 -35.05 32.85
CA LEU C 720 -8.16 -36.34 32.18
C LEU C 720 -9.33 -36.56 31.23
N CYS C 721 -9.14 -37.49 30.29
CA CYS C 721 -10.20 -37.86 29.36
C CYS C 721 -9.87 -39.21 28.75
N LYS C 722 -10.63 -40.24 29.09
CA LYS C 722 -10.40 -41.56 28.53
C LYS C 722 -10.59 -41.52 27.02
N VAL C 723 -9.51 -41.74 26.28
CA VAL C 723 -9.51 -41.55 24.83
C VAL C 723 -9.70 -42.83 24.05
N ALA C 724 -9.26 -43.97 24.55
CA ALA C 724 -9.29 -45.21 23.80
C ALA C 724 -9.58 -46.34 24.77
N GLU C 725 -9.26 -47.58 24.37
CA GLU C 725 -9.41 -48.73 25.24
C GLU C 725 -8.91 -48.43 26.64
N ASP C 726 -7.63 -48.08 26.77
CA ASP C 726 -7.09 -47.59 28.05
C ASP C 726 -5.97 -46.62 27.72
N ASP C 727 -6.30 -45.34 27.59
CA ASP C 727 -5.31 -44.32 27.29
C ASP C 727 -5.15 -43.30 28.42
N PHE C 728 -6.23 -42.62 28.80
CA PHE C 728 -6.24 -41.71 29.94
C PHE C 728 -5.11 -40.67 29.85
N ARG C 729 -5.23 -39.83 28.83
CA ARG C 729 -4.28 -38.74 28.64
C ARG C 729 -4.89 -37.42 29.10
N LEU C 730 -4.06 -36.58 29.72
CA LEU C 730 -4.48 -35.23 30.06
C LEU C 730 -4.83 -34.47 28.78
N CYS C 731 -5.69 -33.47 28.91
CA CYS C 731 -6.23 -32.83 27.73
C CYS C 731 -6.64 -31.41 28.06
N LEU C 732 -6.95 -30.63 27.02
CA LEU C 732 -7.32 -29.23 27.18
C LEU C 732 -8.39 -28.88 26.14
N ARG C 733 -9.63 -28.73 26.58
CA ARG C 733 -10.75 -28.57 25.66
C ARG C 733 -10.79 -27.17 25.05
N ILE C 734 -11.06 -27.11 23.75
CA ILE C 734 -11.10 -25.84 23.03
C ILE C 734 -12.28 -25.89 22.05
N ASN C 735 -13.38 -25.23 22.40
CA ASN C 735 -14.58 -25.24 21.56
C ASN C 735 -14.38 -24.38 20.31
N GLU C 736 -15.19 -24.65 19.28
CA GLU C 736 -15.02 -24.00 18.00
C GLU C 736 -16.34 -23.98 17.26
N VAL C 737 -16.45 -23.07 16.29
CA VAL C 737 -17.66 -22.89 15.48
C VAL C 737 -17.25 -22.64 14.04
N LYS C 738 -17.73 -23.46 13.11
CA LYS C 738 -17.35 -23.34 11.71
C LYS C 738 -18.57 -23.53 10.82
N TRP C 739 -18.89 -22.51 10.02
CA TRP C 739 -20.11 -22.47 9.22
C TRP C 739 -19.90 -22.79 7.75
N THR C 740 -18.77 -23.39 7.36
CA THR C 740 -18.50 -23.57 5.94
C THR C 740 -18.32 -25.03 5.54
N GLU C 741 -17.66 -25.82 6.38
CA GLU C 741 -17.39 -27.22 6.05
C GLU C 741 -18.47 -28.08 6.70
N TRP C 742 -19.54 -28.32 5.96
CA TRP C 742 -20.63 -29.16 6.43
C TRP C 742 -20.30 -30.62 6.16
N LYS C 743 -20.51 -31.48 7.16
CA LYS C 743 -20.16 -32.88 7.02
C LYS C 743 -20.95 -33.70 8.03
N THR C 744 -21.20 -34.96 7.69
CA THR C 744 -21.82 -35.88 8.63
C THR C 744 -20.79 -36.34 9.64
N HIS C 745 -21.10 -36.19 10.92
CA HIS C 745 -20.13 -36.43 11.97
C HIS C 745 -20.05 -37.93 12.28
N VAL C 746 -18.85 -38.49 12.18
CA VAL C 746 -18.63 -39.91 12.38
C VAL C 746 -17.72 -40.17 13.58
N SER C 747 -16.70 -39.36 13.77
CA SER C 747 -15.71 -39.58 14.82
C SER C 747 -15.99 -38.64 15.99
N PHE C 748 -16.23 -39.22 17.16
CA PHE C 748 -16.45 -38.45 18.38
C PHE C 748 -16.37 -39.39 19.56
N LEU C 749 -15.99 -38.85 20.71
CA LEU C 749 -15.84 -39.67 21.90
C LEU C 749 -17.18 -39.94 22.57
N ASN C 750 -17.86 -38.89 23.02
CA ASN C 750 -19.16 -39.01 23.66
C ASN C 750 -20.25 -38.66 22.65
N GLU C 751 -21.24 -39.54 22.54
CA GLU C 751 -22.35 -39.42 21.57
C GLU C 751 -23.18 -38.16 21.85
N ASP C 752 -23.82 -38.08 23.02
CA ASP C 752 -24.69 -36.92 23.33
C ASP C 752 -23.85 -35.72 23.76
N PRO C 753 -23.91 -34.58 23.05
CA PRO C 753 -23.11 -33.39 23.38
C PRO C 753 -23.47 -32.79 24.73
N GLY C 754 -22.49 -32.28 25.48
CA GLY C 754 -22.77 -31.68 26.80
C GLY C 754 -22.36 -30.23 26.87
N ARG D 118 7.01 7.81 -71.51
CA ARG D 118 5.74 7.43 -70.90
C ARG D 118 5.62 5.93 -70.76
N LEU D 119 6.76 5.25 -70.83
CA LEU D 119 6.79 3.80 -70.62
C LEU D 119 7.28 3.46 -69.21
N LYS D 120 8.33 4.13 -68.75
CA LYS D 120 8.83 3.88 -67.40
C LYS D 120 7.78 4.21 -66.36
N LYS D 121 7.14 5.37 -66.51
CA LYS D 121 6.10 5.77 -65.55
C LYS D 121 4.94 4.78 -65.57
N ARG D 122 4.56 4.29 -66.76
CA ARG D 122 3.46 3.34 -66.84
C ARG D 122 3.83 2.03 -66.16
N ILE D 123 5.06 1.56 -66.35
CA ILE D 123 5.50 0.34 -65.70
C ILE D 123 5.49 0.51 -64.18
N PHE D 124 6.02 1.63 -63.70
CA PHE D 124 6.06 1.89 -62.27
C PHE D 124 4.65 1.92 -61.69
N ALA D 125 3.73 2.60 -62.36
CA ALA D 125 2.36 2.67 -61.86
C ALA D 125 1.71 1.31 -61.87
N ALA D 126 1.92 0.52 -62.92
CA ALA D 126 1.29 -0.79 -63.00
C ALA D 126 1.82 -1.74 -61.94
N VAL D 127 3.10 -1.62 -61.58
CA VAL D 127 3.67 -2.53 -60.58
C VAL D 127 3.40 -2.06 -59.16
N SER D 128 3.26 -0.76 -58.94
CA SER D 128 2.98 -0.26 -57.59
C SER D 128 1.50 -0.37 -57.25
N GLU D 129 0.63 0.00 -58.18
CA GLU D 129 -0.80 -0.01 -57.89
C GLU D 129 -1.32 -1.41 -57.66
N GLY D 130 -0.72 -2.41 -58.32
CA GLY D 130 -1.15 -3.77 -58.17
C GLY D 130 -2.60 -4.01 -58.53
N CYS D 131 -3.21 -3.10 -59.30
CA CYS D 131 -4.59 -3.25 -59.71
C CYS D 131 -4.79 -4.43 -60.65
N VAL D 132 -3.75 -4.83 -61.37
CA VAL D 132 -3.83 -5.97 -62.27
C VAL D 132 -2.41 -6.38 -62.64
N GLU D 133 -2.23 -7.68 -62.87
CA GLU D 133 -1.00 -8.18 -63.46
C GLU D 133 -1.05 -8.24 -64.97
N GLU D 134 -2.25 -8.22 -65.56
CA GLU D 134 -2.37 -8.22 -67.01
C GLU D 134 -1.80 -6.94 -67.62
N LEU D 135 -1.95 -5.82 -66.92
CA LEU D 135 -1.43 -4.56 -67.43
C LEU D 135 0.09 -4.58 -67.48
N VAL D 136 0.74 -5.06 -66.40
CA VAL D 136 2.19 -5.14 -66.43
C VAL D 136 2.65 -6.20 -67.41
N GLU D 137 1.85 -7.26 -67.62
CA GLU D 137 2.19 -8.24 -68.63
C GLU D 137 2.24 -7.60 -70.02
N LEU D 138 1.19 -6.85 -70.37
CA LEU D 138 1.17 -6.16 -71.66
C LEU D 138 2.29 -5.14 -71.78
N LEU D 139 2.56 -4.40 -70.70
CA LEU D 139 3.62 -3.39 -70.75
C LEU D 139 4.98 -4.05 -70.94
N VAL D 140 5.21 -5.19 -70.29
CA VAL D 140 6.49 -5.89 -70.45
C VAL D 140 6.60 -6.47 -71.86
N GLU D 141 5.49 -6.96 -72.41
CA GLU D 141 5.50 -7.40 -73.80
C GLU D 141 5.89 -6.26 -74.73
N LEU D 142 5.32 -5.08 -74.53
CA LEU D 142 5.65 -3.93 -75.36
C LEU D 142 7.11 -3.52 -75.17
N GLN D 143 7.61 -3.59 -73.93
CA GLN D 143 9.00 -3.23 -73.68
C GLN D 143 9.95 -4.20 -74.39
N GLU D 144 9.65 -5.49 -74.33
CA GLU D 144 10.48 -6.48 -75.03
C GLU D 144 10.42 -6.27 -76.54
N LEU D 145 9.23 -5.92 -77.06
CA LEU D 145 9.11 -5.64 -78.48
C LEU D 145 9.95 -4.44 -78.88
N CYS D 146 9.96 -3.40 -78.04
CA CYS D 146 10.80 -2.24 -78.31
C CYS D 146 12.27 -2.61 -78.25
N ARG D 147 12.63 -3.49 -77.32
CA ARG D 147 14.01 -3.95 -77.17
C ARG D 147 14.46 -4.86 -78.31
N ARG D 148 13.52 -5.48 -79.03
CA ARG D 148 13.86 -6.40 -80.10
C ARG D 148 14.62 -5.73 -81.24
N ARG D 149 14.62 -4.40 -81.31
CA ARG D 149 15.39 -3.70 -82.32
C ARG D 149 16.78 -3.36 -81.81
N VAL D 154 22.81 -3.32 -75.29
CA VAL D 154 21.60 -4.12 -75.41
C VAL D 154 20.94 -4.36 -74.04
N PRO D 155 21.69 -4.76 -73.01
CA PRO D 155 21.08 -4.83 -71.68
C PRO D 155 21.08 -3.49 -70.96
N ASP D 156 22.06 -2.62 -71.27
CA ASP D 156 22.09 -1.30 -70.65
C ASP D 156 20.85 -0.50 -71.00
N PHE D 157 20.29 -0.73 -72.19
CA PHE D 157 19.01 -0.14 -72.54
C PHE D 157 17.94 -0.54 -71.53
N LEU D 158 17.85 -1.85 -71.25
CA LEU D 158 16.86 -2.33 -70.29
C LEU D 158 17.10 -1.76 -68.90
N MET D 159 18.37 -1.67 -68.49
CA MET D 159 18.66 -1.09 -67.18
C MET D 159 18.19 0.36 -67.10
N HIS D 160 18.67 1.20 -68.02
CA HIS D 160 18.32 2.62 -67.97
C HIS D 160 16.83 2.84 -68.16
N LYS D 161 16.13 1.91 -68.82
CA LYS D 161 14.69 2.06 -68.99
C LYS D 161 13.90 1.37 -67.88
N LEU D 162 14.56 0.71 -66.94
CA LEU D 162 13.85 0.01 -65.87
C LEU D 162 14.06 0.64 -64.50
N THR D 163 15.00 1.56 -64.35
CA THR D 163 15.28 2.16 -63.06
C THR D 163 15.11 3.67 -63.13
N ALA D 164 15.03 4.28 -61.96
CA ALA D 164 14.98 5.73 -61.84
C ALA D 164 16.41 6.22 -61.64
N SER D 165 16.88 7.10 -62.53
CA SER D 165 18.25 7.56 -62.45
C SER D 165 18.47 8.53 -61.29
N ASP D 166 17.44 9.25 -60.87
CA ASP D 166 17.61 10.26 -59.83
C ASP D 166 17.87 9.62 -58.47
N THR D 167 17.24 8.47 -58.20
CA THR D 167 17.40 7.80 -56.93
C THR D 167 17.70 6.32 -57.03
N GLY D 168 18.23 5.84 -58.14
CA GLY D 168 18.74 4.48 -58.25
C GLY D 168 17.71 3.38 -58.08
N LYS D 169 16.48 3.70 -57.73
CA LYS D 169 15.51 2.68 -57.36
C LYS D 169 14.91 2.03 -58.61
N THR D 170 14.90 0.70 -58.63
CA THR D 170 14.36 -0.04 -59.75
C THR D 170 12.91 -0.44 -59.51
N CYS D 171 12.37 -1.28 -60.39
CA CYS D 171 10.97 -1.68 -60.26
C CYS D 171 10.78 -2.74 -59.18
N LEU D 172 11.80 -3.52 -58.88
CA LEU D 172 11.62 -4.54 -57.84
C LEU D 172 11.44 -3.90 -56.47
N MET D 173 12.18 -2.82 -56.21
CA MET D 173 12.01 -2.11 -54.94
C MET D 173 10.67 -1.40 -54.89
N LYS D 174 10.26 -0.76 -55.99
CA LYS D 174 8.94 -0.15 -56.04
C LYS D 174 7.83 -1.19 -55.98
N ALA D 175 8.14 -2.45 -56.24
CA ALA D 175 7.15 -3.50 -56.12
C ALA D 175 7.05 -4.00 -54.68
N LEU D 176 8.19 -4.19 -54.03
CA LEU D 176 8.21 -4.74 -52.68
C LEU D 176 7.87 -3.71 -51.62
N LEU D 177 8.00 -2.41 -51.93
CA LEU D 177 7.69 -1.39 -50.94
C LEU D 177 6.21 -1.32 -50.61
N ASN D 178 5.34 -1.48 -51.61
CA ASN D 178 3.89 -1.39 -51.44
C ASN D 178 3.31 -2.76 -51.78
N ILE D 179 3.18 -3.63 -50.78
CA ILE D 179 2.75 -4.99 -51.01
C ILE D 179 1.23 -5.03 -50.98
N ASN D 180 0.65 -5.58 -52.03
CA ASN D 180 -0.76 -5.89 -52.14
C ASN D 180 -0.95 -7.40 -52.25
N PRO D 181 -2.17 -7.92 -52.04
CA PRO D 181 -2.35 -9.37 -52.01
C PRO D 181 -1.93 -10.10 -53.29
N ASN D 182 -1.50 -9.37 -54.32
CA ASN D 182 -1.11 -9.97 -55.58
C ASN D 182 0.32 -9.61 -55.97
N THR D 183 1.22 -9.51 -55.00
CA THR D 183 2.61 -9.16 -55.28
C THR D 183 3.50 -10.36 -55.53
N LYS D 184 3.16 -11.52 -54.97
CA LYS D 184 3.97 -12.71 -55.19
C LYS D 184 3.96 -13.14 -56.65
N GLU D 185 3.00 -12.66 -57.43
CA GLU D 185 3.00 -12.91 -58.85
C GLU D 185 3.80 -11.87 -59.63
N ILE D 186 3.74 -10.61 -59.20
CA ILE D 186 4.46 -9.56 -59.90
C ILE D 186 5.96 -9.74 -59.73
N VAL D 187 6.41 -10.12 -58.53
CA VAL D 187 7.83 -10.40 -58.34
C VAL D 187 8.27 -11.54 -59.25
N ARG D 188 7.49 -12.61 -59.28
CA ARG D 188 7.82 -13.75 -60.12
C ARG D 188 7.94 -13.34 -61.58
N ILE D 189 6.93 -12.63 -62.10
CA ILE D 189 6.93 -12.23 -63.50
C ILE D 189 8.11 -11.30 -63.79
N LEU D 190 8.40 -10.38 -62.88
CA LEU D 190 9.46 -9.42 -63.13
C LEU D 190 10.81 -10.11 -63.22
N LEU D 191 11.15 -10.93 -62.22
CA LEU D 191 12.45 -11.58 -62.29
C LEU D 191 12.51 -12.64 -63.38
N ALA D 192 11.37 -13.23 -63.76
CA ALA D 192 11.37 -14.15 -64.88
C ALA D 192 11.67 -13.43 -66.19
N PHE D 193 11.07 -12.25 -66.38
CA PHE D 193 11.41 -11.45 -67.56
C PHE D 193 12.87 -11.05 -67.54
N ALA D 194 13.39 -10.67 -66.37
CA ALA D 194 14.79 -10.29 -66.29
C ALA D 194 15.71 -11.46 -66.58
N GLU D 195 15.28 -12.68 -66.24
CA GLU D 195 16.10 -13.85 -66.53
C GLU D 195 16.02 -14.25 -68.00
N GLU D 196 14.86 -14.04 -68.64
CA GLU D 196 14.71 -14.39 -70.04
C GLU D 196 15.56 -13.52 -70.96
N ASN D 197 16.14 -12.44 -70.45
CA ASN D 197 17.05 -11.58 -71.22
C ASN D 197 18.47 -11.61 -70.67
N ASP D 198 18.75 -12.46 -69.68
CA ASP D 198 20.08 -12.60 -69.09
C ASP D 198 20.58 -11.26 -68.54
N ILE D 199 19.83 -10.71 -67.59
CA ILE D 199 20.24 -9.50 -66.90
C ILE D 199 20.03 -9.68 -65.40
N LEU D 200 19.55 -10.87 -65.00
CA LEU D 200 19.13 -11.10 -63.62
C LEU D 200 20.19 -10.67 -62.62
N GLY D 201 21.45 -10.87 -62.93
CA GLY D 201 22.52 -10.51 -62.02
C GLY D 201 22.51 -9.04 -61.66
N ARG D 202 22.79 -8.16 -62.62
CA ARG D 202 22.84 -6.73 -62.34
C ARG D 202 21.47 -6.14 -62.00
N PHE D 203 20.41 -6.93 -62.08
CA PHE D 203 19.07 -6.44 -61.84
C PHE D 203 18.61 -6.71 -60.41
N ILE D 204 18.63 -7.98 -59.99
CA ILE D 204 18.21 -8.33 -58.64
C ILE D 204 19.18 -7.83 -57.58
N ASN D 205 20.39 -7.43 -57.98
CA ASN D 205 21.42 -6.99 -57.07
C ASN D 205 21.59 -5.47 -57.11
N ALA D 206 20.62 -4.77 -57.69
CA ALA D 206 20.71 -3.33 -57.80
C ALA D 206 20.61 -2.68 -56.42
N GLU D 207 21.28 -1.55 -56.26
CA GLU D 207 21.35 -0.86 -54.99
C GLU D 207 21.02 0.61 -55.19
N TYR D 208 20.52 1.24 -54.12
CA TYR D 208 20.28 2.68 -54.17
C TYR D 208 21.59 3.42 -54.44
N THR D 209 21.45 4.70 -54.76
CA THR D 209 22.59 5.58 -54.93
C THR D 209 22.46 6.89 -54.20
N GLU D 210 21.29 7.22 -53.66
CA GLU D 210 21.12 8.45 -52.90
C GLU D 210 22.01 8.40 -51.67
N GLU D 211 22.62 9.55 -51.34
CA GLU D 211 23.56 9.58 -50.24
C GLU D 211 22.92 9.34 -48.88
N ALA D 212 21.62 9.06 -48.83
CA ALA D 212 20.91 8.86 -47.58
C ALA D 212 20.59 7.41 -47.28
N TYR D 213 20.24 6.61 -48.29
CA TYR D 213 19.95 5.20 -48.06
C TYR D 213 20.87 4.33 -48.88
N GLU D 214 22.16 4.65 -48.92
CA GLU D 214 23.09 3.93 -49.78
C GLU D 214 23.04 2.44 -49.50
N GLY D 215 23.38 1.64 -50.50
CA GLY D 215 23.57 0.22 -50.32
C GLY D 215 22.32 -0.61 -50.16
N GLN D 216 21.17 -0.01 -49.89
CA GLN D 216 19.95 -0.77 -49.72
C GLN D 216 19.64 -1.58 -50.97
N THR D 217 19.14 -2.80 -50.80
CA THR D 217 18.82 -3.68 -51.92
C THR D 217 17.38 -4.16 -51.79
N ALA D 218 17.01 -5.14 -52.63
CA ALA D 218 15.67 -5.69 -52.57
C ALA D 218 15.47 -6.58 -51.35
N LEU D 219 16.55 -7.13 -50.81
CA LEU D 219 16.41 -8.05 -49.68
C LEU D 219 16.05 -7.30 -48.39
N ASN D 220 16.66 -6.13 -48.17
CA ASN D 220 16.28 -5.36 -47.00
C ASN D 220 14.82 -4.96 -47.03
N ILE D 221 14.29 -4.64 -48.22
CA ILE D 221 12.89 -4.26 -48.30
C ILE D 221 11.99 -5.47 -48.15
N ALA D 222 12.45 -6.63 -48.62
CA ALA D 222 11.62 -7.82 -48.49
C ALA D 222 11.65 -8.37 -47.07
N ILE D 223 12.63 -7.97 -46.26
CA ILE D 223 12.66 -8.41 -44.86
C ILE D 223 12.01 -7.39 -43.94
N GLU D 224 12.22 -6.09 -44.16
CA GLU D 224 11.62 -5.09 -43.30
C GLU D 224 10.10 -5.12 -43.36
N ARG D 225 9.53 -5.60 -44.47
CA ARG D 225 8.09 -5.77 -44.61
C ARG D 225 7.63 -7.16 -44.19
N ARG D 226 8.49 -7.93 -43.53
CA ARG D 226 8.13 -9.20 -42.90
C ARG D 226 7.62 -10.22 -43.91
N GLN D 227 8.09 -10.13 -45.15
CA GLN D 227 7.73 -11.09 -46.19
C GLN D 227 8.76 -12.22 -46.20
N GLY D 228 8.32 -13.43 -45.89
CA GLY D 228 9.22 -14.56 -45.86
C GLY D 228 9.30 -15.32 -47.17
N ASP D 229 8.15 -15.57 -47.79
CA ASP D 229 8.13 -16.32 -49.05
C ASP D 229 8.92 -15.60 -50.13
N ILE D 230 8.64 -14.32 -50.34
CA ILE D 230 9.41 -13.54 -51.30
C ILE D 230 10.86 -13.44 -50.87
N ALA D 231 11.12 -13.45 -49.56
CA ALA D 231 12.50 -13.40 -49.09
C ALA D 231 13.27 -14.61 -49.58
N ALA D 232 12.72 -15.81 -49.40
CA ALA D 232 13.37 -17.00 -49.91
C ALA D 232 13.44 -17.00 -51.42
N LEU D 233 12.40 -16.47 -52.08
CA LEU D 233 12.39 -16.41 -53.54
C LEU D 233 13.53 -15.56 -54.07
N LEU D 234 13.87 -14.48 -53.36
CA LEU D 234 14.96 -13.62 -53.80
C LEU D 234 16.31 -14.20 -53.39
N ILE D 235 16.38 -14.83 -52.21
CA ILE D 235 17.63 -15.45 -51.79
C ILE D 235 18.04 -16.53 -52.76
N ALA D 236 17.09 -17.36 -53.20
CA ALA D 236 17.43 -18.48 -54.07
C ALA D 236 17.82 -18.04 -55.48
N ALA D 237 17.40 -16.85 -55.91
CA ALA D 237 17.60 -16.43 -57.29
C ALA D 237 18.96 -15.80 -57.53
N GLY D 238 19.77 -15.61 -56.50
CA GLY D 238 21.08 -15.03 -56.70
C GLY D 238 21.24 -13.64 -56.12
N ALA D 239 20.53 -13.37 -55.03
CA ALA D 239 20.66 -12.09 -54.36
C ALA D 239 21.89 -12.08 -53.47
N ASP D 240 22.47 -10.90 -53.29
CA ASP D 240 23.63 -10.77 -52.42
C ASP D 240 23.17 -10.79 -50.97
N VAL D 241 23.70 -11.72 -50.18
CA VAL D 241 23.30 -11.84 -48.78
C VAL D 241 24.23 -11.08 -47.85
N ASN D 242 25.29 -10.46 -48.36
CA ASN D 242 26.18 -9.64 -47.56
C ASN D 242 25.99 -8.15 -47.85
N ALA D 243 24.78 -7.77 -48.27
CA ALA D 243 24.54 -6.39 -48.68
C ALA D 243 24.66 -5.45 -47.50
N HIS D 244 25.65 -4.58 -47.53
CA HIS D 244 25.87 -3.61 -46.47
C HIS D 244 25.10 -2.33 -46.76
N ALA D 245 24.12 -2.04 -45.92
CA ALA D 245 23.28 -0.85 -46.10
C ALA D 245 23.93 0.37 -45.44
N LYS D 246 25.14 0.68 -45.87
CA LYS D 246 25.96 1.72 -45.25
C LYS D 246 25.42 3.09 -45.64
N GLY D 247 24.25 3.42 -45.11
CA GLY D 247 23.57 4.64 -45.47
C GLY D 247 23.64 5.65 -44.35
N ALA D 248 22.99 6.80 -44.59
CA ALA D 248 22.89 7.82 -43.55
C ALA D 248 21.60 7.68 -42.76
N PHE D 249 20.65 6.89 -43.23
CA PHE D 249 19.46 6.58 -42.46
C PHE D 249 19.64 5.32 -41.62
N PHE D 250 20.64 4.50 -41.92
CA PHE D 250 20.87 3.27 -41.19
C PHE D 250 22.07 3.35 -40.25
N ASN D 251 22.79 4.47 -40.24
CA ASN D 251 23.87 4.73 -39.28
C ASN D 251 23.72 6.16 -38.80
N PRO D 252 22.68 6.45 -38.03
CA PRO D 252 22.33 7.84 -37.74
C PRO D 252 23.22 8.44 -36.65
N LYS D 253 23.00 9.73 -36.42
CA LYS D 253 23.71 10.44 -35.35
C LYS D 253 22.82 10.57 -34.11
N TYR D 254 21.64 11.14 -34.27
CA TYR D 254 20.68 11.28 -33.19
C TYR D 254 19.50 10.35 -33.45
N GLN D 255 19.01 9.71 -32.38
CA GLN D 255 17.96 8.70 -32.52
C GLN D 255 16.66 9.35 -32.95
N HIS D 256 15.65 8.51 -33.16
CA HIS D 256 14.28 8.89 -33.54
C HIS D 256 14.22 9.37 -34.97
N GLU D 257 15.37 9.55 -35.62
CA GLU D 257 15.46 9.78 -37.06
C GLU D 257 16.53 8.82 -37.57
N GLY D 258 16.13 7.59 -37.83
CA GLY D 258 17.09 6.57 -38.19
C GLY D 258 16.95 5.30 -37.39
N PHE D 259 17.31 4.17 -38.00
CA PHE D 259 17.22 2.87 -37.36
C PHE D 259 18.54 2.15 -37.61
N TYR D 260 19.31 1.93 -36.56
CA TYR D 260 20.57 1.19 -36.66
C TYR D 260 20.34 -0.24 -36.22
N PHE D 261 20.57 -1.18 -37.13
CA PHE D 261 20.26 -2.58 -36.89
C PHE D 261 21.43 -3.52 -37.10
N GLY D 262 22.49 -3.09 -37.76
CA GLY D 262 23.62 -3.96 -37.98
C GLY D 262 24.11 -3.91 -39.41
N GLU D 263 23.28 -3.34 -40.30
CA GLU D 263 23.64 -3.10 -41.69
C GLU D 263 23.88 -4.39 -42.46
N THR D 264 23.22 -5.47 -42.10
CA THR D 264 23.30 -6.72 -42.86
C THR D 264 21.95 -7.39 -42.80
N PRO D 265 21.48 -7.97 -43.92
CA PRO D 265 20.19 -8.66 -43.88
C PRO D 265 20.06 -9.66 -42.75
N LEU D 266 21.14 -10.31 -42.33
CA LEU D 266 21.08 -11.17 -41.16
C LEU D 266 20.71 -10.37 -39.91
N ALA D 267 21.41 -9.25 -39.69
CA ALA D 267 21.14 -8.47 -38.49
C ALA D 267 19.78 -7.78 -38.56
N LEU D 268 19.30 -7.48 -39.76
CA LEU D 268 17.97 -6.88 -39.88
C LEU D 268 16.88 -7.91 -39.64
N ALA D 269 17.11 -9.15 -40.05
CA ALA D 269 16.14 -10.20 -39.77
C ALA D 269 16.20 -10.64 -38.31
N ALA D 270 17.31 -10.38 -37.63
CA ALA D 270 17.43 -10.74 -36.23
C ALA D 270 16.96 -9.64 -35.28
N CYS D 271 17.06 -8.37 -35.68
CA CYS D 271 16.64 -7.27 -34.80
C CYS D 271 15.15 -7.01 -34.85
N THR D 272 14.47 -7.33 -35.95
CA THR D 272 13.02 -7.18 -36.02
C THR D 272 12.29 -8.50 -35.77
N ASN D 273 12.93 -9.42 -35.05
CA ASN D 273 12.28 -10.61 -34.49
C ASN D 273 11.61 -11.45 -35.58
N GLN D 274 12.44 -12.00 -36.45
CA GLN D 274 12.01 -12.98 -37.44
C GLN D 274 12.95 -14.17 -37.37
N PRO D 275 12.63 -15.16 -36.55
CA PRO D 275 13.55 -16.30 -36.43
C PRO D 275 13.61 -17.14 -37.69
N GLU D 276 12.51 -17.26 -38.42
CA GLU D 276 12.49 -18.10 -39.61
C GLU D 276 13.49 -17.61 -40.65
N ILE D 277 13.53 -16.30 -40.89
CA ILE D 277 14.46 -15.77 -41.88
C ILE D 277 15.89 -15.87 -41.36
N VAL D 278 16.10 -15.81 -40.05
CA VAL D 278 17.45 -16.02 -39.54
C VAL D 278 17.90 -17.45 -39.82
N GLN D 279 17.03 -18.43 -39.57
CA GLN D 279 17.39 -19.81 -39.86
C GLN D 279 17.67 -20.00 -41.35
N LEU D 280 16.80 -19.44 -42.19
CA LEU D 280 16.98 -19.59 -43.63
C LEU D 280 18.26 -18.89 -44.11
N LEU D 281 18.67 -17.84 -43.42
CA LEU D 281 19.87 -17.11 -43.83
C LEU D 281 21.13 -17.80 -43.37
N MET D 282 21.09 -18.41 -42.18
CA MET D 282 22.29 -19.08 -41.68
C MET D 282 22.48 -20.44 -42.33
N GLU D 283 21.39 -21.13 -42.68
CA GLU D 283 21.52 -22.41 -43.37
C GLU D 283 22.15 -22.24 -44.74
N HIS D 284 22.21 -21.02 -45.26
CA HIS D 284 22.86 -20.76 -46.54
C HIS D 284 24.36 -21.02 -46.44
N GLU D 285 25.04 -20.87 -47.57
CA GLU D 285 26.48 -21.11 -47.61
C GLU D 285 27.25 -19.82 -47.86
N GLN D 286 26.84 -19.03 -48.85
CA GLN D 286 27.55 -17.82 -49.22
C GLN D 286 27.48 -16.74 -48.15
N THR D 287 26.59 -16.87 -47.17
CA THR D 287 26.48 -15.87 -46.13
C THR D 287 27.73 -15.88 -45.25
N ASP D 288 27.93 -14.79 -44.53
CA ASP D 288 29.12 -14.61 -43.70
C ASP D 288 28.65 -14.13 -42.33
N ILE D 289 28.85 -14.95 -41.32
CA ILE D 289 28.34 -14.62 -39.99
C ILE D 289 29.27 -13.70 -39.22
N THR D 290 30.58 -13.77 -39.47
CA THR D 290 31.52 -12.93 -38.74
C THR D 290 31.80 -11.60 -39.41
N SER D 291 30.96 -11.17 -40.35
CA SER D 291 31.21 -9.91 -41.02
C SER D 291 31.05 -8.75 -40.05
N ARG D 292 31.90 -7.73 -40.23
CA ARG D 292 31.85 -6.54 -39.41
C ARG D 292 31.48 -5.34 -40.26
N ASP D 293 30.57 -4.53 -39.75
CA ASP D 293 30.03 -3.41 -40.51
C ASP D 293 30.87 -2.15 -40.27
N SER D 294 30.34 -1.01 -40.70
CA SER D 294 31.13 0.22 -40.74
C SER D 294 31.51 0.68 -39.34
N ARG D 295 30.56 0.67 -38.40
CA ARG D 295 30.86 1.12 -37.05
C ARG D 295 31.78 0.17 -36.31
N GLY D 296 32.09 -1.00 -36.87
CA GLY D 296 32.91 -1.99 -36.24
C GLY D 296 32.17 -3.20 -35.75
N ASN D 297 30.87 -3.07 -35.46
CA ASN D 297 30.08 -4.13 -34.87
C ASN D 297 29.95 -5.32 -35.81
N ASN D 298 29.87 -6.50 -35.22
CA ASN D 298 29.34 -7.67 -35.92
C ASN D 298 27.91 -7.88 -35.43
N ILE D 299 27.32 -9.03 -35.76
CA ILE D 299 25.90 -9.21 -35.49
C ILE D 299 25.64 -9.20 -33.98
N LEU D 300 26.60 -9.64 -33.17
CA LEU D 300 26.37 -9.69 -31.73
C LEU D 300 26.47 -8.32 -31.09
N HIS D 301 27.40 -7.46 -31.54
CA HIS D 301 27.38 -6.09 -31.05
C HIS D 301 26.08 -5.40 -31.43
N ALA D 302 25.49 -5.78 -32.58
CA ALA D 302 24.23 -5.17 -32.99
C ALA D 302 23.11 -5.58 -32.05
N LEU D 303 22.99 -6.88 -31.79
CA LEU D 303 21.96 -7.34 -30.86
C LEU D 303 22.17 -6.79 -29.45
N VAL D 304 23.39 -6.42 -29.10
CA VAL D 304 23.58 -5.81 -27.79
C VAL D 304 23.21 -4.33 -27.82
N THR D 305 23.47 -3.64 -28.92
CA THR D 305 23.10 -2.23 -28.99
C THR D 305 21.59 -2.03 -29.11
N VAL D 306 20.85 -3.05 -29.53
CA VAL D 306 19.42 -2.85 -29.75
C VAL D 306 18.59 -3.36 -28.57
N ALA D 307 19.11 -4.29 -27.79
CA ALA D 307 18.36 -4.87 -26.68
C ALA D 307 17.92 -3.81 -25.68
N GLU D 308 16.63 -3.78 -25.37
CA GLU D 308 16.13 -2.72 -24.49
C GLU D 308 15.86 -3.12 -23.06
N ASP D 309 14.90 -3.99 -22.83
CA ASP D 309 14.38 -4.23 -21.49
C ASP D 309 13.42 -5.42 -21.56
N PHE D 310 12.67 -5.66 -20.50
CA PHE D 310 11.57 -6.59 -20.60
C PHE D 310 10.23 -5.86 -20.72
N LYS D 311 10.01 -4.83 -19.91
CA LYS D 311 8.73 -4.14 -19.93
C LYS D 311 8.42 -3.52 -21.28
N THR D 312 9.43 -3.30 -22.12
CA THR D 312 9.22 -2.66 -23.40
C THR D 312 9.74 -3.47 -24.58
N GLN D 313 10.18 -4.71 -24.38
CA GLN D 313 10.65 -5.49 -25.51
C GLN D 313 10.23 -6.95 -25.51
N ASN D 314 9.69 -7.48 -24.42
CA ASN D 314 9.23 -8.86 -24.30
C ASN D 314 10.35 -9.89 -24.42
N ASP D 315 11.61 -9.45 -24.36
CA ASP D 315 12.75 -10.35 -24.24
C ASP D 315 12.82 -11.34 -25.42
N PHE D 316 13.00 -10.78 -26.61
CA PHE D 316 13.27 -11.59 -27.79
C PHE D 316 14.70 -11.49 -28.28
N VAL D 317 15.47 -10.50 -27.80
CA VAL D 317 16.82 -10.34 -28.29
C VAL D 317 17.76 -11.36 -27.65
N LYS D 318 17.55 -11.65 -26.38
CA LYS D 318 18.37 -12.66 -25.72
C LYS D 318 18.27 -14.00 -26.44
N ARG D 319 17.09 -14.37 -26.91
CA ARG D 319 16.93 -15.65 -27.59
C ARG D 319 17.65 -15.66 -28.93
N MET D 320 17.58 -14.57 -29.68
CA MET D 320 18.30 -14.51 -30.95
C MET D 320 19.80 -14.53 -30.71
N TYR D 321 20.26 -13.90 -29.63
CA TYR D 321 21.65 -14.00 -29.25
C TYR D 321 22.05 -15.46 -29.05
N ASP D 322 21.27 -16.19 -28.25
CA ASP D 322 21.60 -17.59 -27.98
C ASP D 322 21.61 -18.41 -29.26
N MET D 323 20.60 -18.24 -30.11
CA MET D 323 20.52 -19.04 -31.33
C MET D 323 21.68 -18.76 -32.26
N ILE D 324 21.96 -17.48 -32.53
CA ILE D 324 23.04 -17.15 -33.44
C ILE D 324 24.38 -17.63 -32.89
N LEU D 325 24.56 -17.54 -31.56
CA LEU D 325 25.81 -18.02 -30.99
C LEU D 325 25.97 -19.51 -31.16
N LEU D 326 24.91 -20.29 -30.87
CA LEU D 326 25.01 -21.73 -30.97
C LEU D 326 25.20 -22.20 -32.41
N ARG D 327 24.55 -21.52 -33.37
CA ARG D 327 24.66 -21.95 -34.76
C ARG D 327 26.06 -21.79 -35.33
N SER D 328 26.97 -21.15 -34.62
CA SER D 328 28.38 -21.08 -35.01
C SER D 328 29.19 -21.25 -33.73
N GLY D 329 29.54 -22.50 -33.40
CA GLY D 329 30.08 -22.77 -32.10
C GLY D 329 31.58 -22.58 -31.97
N ASN D 330 31.98 -21.41 -31.48
CA ASN D 330 33.36 -21.09 -31.14
C ASN D 330 33.35 -19.68 -30.57
N TRP D 331 34.51 -19.27 -30.05
CA TRP D 331 34.66 -17.94 -29.48
C TRP D 331 35.02 -16.89 -30.53
N GLU D 332 34.69 -17.16 -31.80
CA GLU D 332 35.05 -16.22 -32.85
C GLU D 332 34.23 -14.94 -32.76
N LEU D 333 32.99 -15.04 -32.28
CA LEU D 333 32.10 -13.88 -32.30
C LEU D 333 32.20 -13.08 -31.01
N GLU D 334 32.49 -13.73 -29.90
CA GLU D 334 32.51 -13.00 -28.59
C GLU D 334 33.92 -12.55 -28.22
N THR D 335 34.83 -12.46 -29.18
CA THR D 335 36.17 -11.99 -28.90
C THR D 335 36.60 -10.81 -29.74
N THR D 336 35.96 -10.56 -30.88
CA THR D 336 36.35 -9.46 -31.75
C THR D 336 36.01 -8.12 -31.13
N ARG D 337 36.68 -7.08 -31.59
CA ARG D 337 36.51 -5.75 -31.03
C ARG D 337 36.09 -4.77 -32.12
N ASN D 338 35.12 -3.92 -31.79
CA ASN D 338 34.71 -2.86 -32.71
C ASN D 338 35.69 -1.71 -32.58
N ASN D 339 35.38 -0.58 -33.21
CA ASN D 339 36.34 0.50 -33.33
C ASN D 339 36.62 1.23 -32.02
N ASP D 340 36.09 0.74 -30.90
CA ASP D 340 36.48 1.23 -29.59
C ASP D 340 37.26 0.20 -28.80
N GLY D 341 37.46 -0.99 -29.34
CA GLY D 341 38.13 -2.06 -28.64
C GLY D 341 37.27 -2.70 -27.57
N LEU D 342 36.02 -2.99 -27.89
CA LEU D 342 35.09 -3.59 -26.95
C LEU D 342 34.49 -4.86 -27.55
N THR D 343 34.25 -5.83 -26.71
CA THR D 343 33.58 -7.06 -27.08
C THR D 343 32.12 -6.99 -26.66
N PRO D 344 31.25 -7.86 -27.19
CA PRO D 344 29.85 -7.82 -26.78
C PRO D 344 29.64 -7.82 -25.28
N LEU D 345 30.58 -8.35 -24.52
CA LEU D 345 30.48 -8.29 -23.06
C LEU D 345 30.72 -6.88 -22.55
N GLN D 346 31.88 -6.30 -22.87
CA GLN D 346 32.15 -4.93 -22.45
C GLN D 346 31.19 -3.96 -23.10
N LEU D 347 30.66 -4.30 -24.28
CA LEU D 347 29.68 -3.42 -24.91
C LEU D 347 28.34 -3.48 -24.20
N ALA D 348 27.99 -4.64 -23.65
CA ALA D 348 26.78 -4.72 -22.84
C ALA D 348 26.98 -4.09 -21.48
N ALA D 349 28.22 -3.96 -21.03
CA ALA D 349 28.48 -3.33 -19.74
C ALA D 349 28.58 -1.80 -19.84
N LYS D 350 29.19 -1.28 -20.91
CA LYS D 350 29.28 0.17 -21.07
C LYS D 350 27.90 0.79 -21.16
N MET D 351 27.08 0.32 -22.09
CA MET D 351 25.67 0.64 -22.07
C MET D 351 25.01 -0.04 -20.88
N GLY D 352 23.78 0.33 -20.60
CA GLY D 352 23.17 -0.15 -19.39
C GLY D 352 22.45 -1.48 -19.49
N LYS D 353 22.68 -2.20 -20.60
CA LYS D 353 22.00 -3.47 -20.84
C LYS D 353 22.23 -4.41 -19.68
N ALA D 354 21.24 -4.58 -18.84
CA ALA D 354 21.40 -5.43 -17.67
C ALA D 354 20.74 -6.78 -17.79
N GLU D 355 20.00 -7.03 -18.87
CA GLU D 355 19.40 -8.35 -19.05
C GLU D 355 20.32 -9.26 -19.85
N ILE D 356 20.88 -8.73 -20.94
CA ILE D 356 21.86 -9.49 -21.70
C ILE D 356 23.11 -9.75 -20.89
N LEU D 357 23.47 -8.84 -19.99
CA LEU D 357 24.64 -9.10 -19.14
C LEU D 357 24.38 -10.24 -18.17
N LYS D 358 23.20 -10.26 -17.57
CA LYS D 358 22.83 -11.37 -16.70
C LYS D 358 22.77 -12.67 -17.47
N TYR D 359 22.38 -12.62 -18.73
CA TYR D 359 22.42 -13.84 -19.54
C TYR D 359 23.85 -14.30 -19.77
N ILE D 360 24.71 -13.40 -20.24
CA ILE D 360 26.04 -13.80 -20.69
C ILE D 360 26.91 -14.24 -19.54
N LEU D 361 26.83 -13.56 -18.39
CA LEU D 361 27.73 -13.88 -17.29
C LEU D 361 27.50 -15.28 -16.75
N SER D 362 26.25 -15.74 -16.78
CA SER D 362 25.89 -17.08 -16.33
C SER D 362 25.13 -17.77 -17.46
N ARG D 363 25.88 -18.35 -18.40
CA ARG D 363 25.31 -19.02 -19.56
C ARG D 363 25.72 -20.49 -19.49
N GLU D 364 24.75 -21.36 -19.22
CA GLU D 364 25.01 -22.78 -19.09
C GLU D 364 24.43 -23.53 -20.29
N ILE D 365 25.28 -24.30 -20.96
CA ILE D 365 24.88 -25.05 -22.14
C ILE D 365 24.96 -26.54 -21.81
N LYS D 366 23.87 -27.26 -22.05
CA LYS D 366 23.78 -28.64 -21.63
C LYS D 366 24.16 -29.65 -22.71
N GLU D 367 24.23 -29.22 -23.97
CA GLU D 367 24.59 -30.14 -25.04
C GLU D 367 26.01 -30.67 -24.82
N LYS D 368 26.37 -31.67 -25.62
CA LYS D 368 27.63 -32.36 -25.38
C LYS D 368 28.79 -31.71 -26.13
N ARG D 369 28.61 -31.41 -27.41
CA ARG D 369 29.69 -30.89 -28.23
C ARG D 369 29.94 -29.41 -28.02
N LEU D 370 28.95 -28.66 -27.52
CA LEU D 370 29.06 -27.22 -27.35
C LEU D 370 29.07 -26.83 -25.88
N ARG D 371 29.66 -27.67 -25.02
CA ARG D 371 29.76 -27.32 -23.62
C ARG D 371 30.90 -26.36 -23.34
N SER D 372 31.93 -26.36 -24.19
CA SER D 372 33.02 -25.42 -24.01
C SER D 372 32.66 -23.99 -24.37
N LEU D 373 31.39 -23.73 -24.65
CA LEU D 373 30.91 -22.40 -25.01
C LEU D 373 30.24 -21.69 -23.85
N SER D 374 30.24 -22.29 -22.67
CA SER D 374 29.48 -21.79 -21.54
C SER D 374 30.37 -20.99 -20.60
N ARG D 375 29.76 -20.47 -19.54
CA ARG D 375 30.48 -19.68 -18.56
C ARG D 375 30.07 -20.03 -17.14
N LYS D 376 29.37 -21.14 -16.94
CA LYS D 376 29.04 -21.63 -15.60
C LYS D 376 28.83 -23.12 -15.70
N PHE D 377 29.73 -23.90 -15.11
CA PHE D 377 29.67 -25.34 -15.17
C PHE D 377 29.35 -25.92 -13.80
N THR D 378 28.20 -26.57 -13.69
CA THR D 378 27.90 -27.33 -12.49
C THR D 378 28.89 -28.48 -12.39
N ASP D 379 29.49 -28.65 -11.22
CA ASP D 379 30.56 -29.63 -11.13
C ASP D 379 30.54 -30.50 -9.89
N TRP D 380 29.50 -30.46 -9.07
CA TRP D 380 29.58 -31.16 -7.81
C TRP D 380 28.26 -31.73 -7.31
N ALA D 381 27.16 -31.58 -8.06
CA ALA D 381 25.83 -31.71 -7.46
C ALA D 381 25.58 -33.09 -6.87
N TYR D 382 24.99 -33.12 -5.67
CA TYR D 382 24.61 -34.38 -5.06
C TYR D 382 23.12 -34.55 -4.86
N GLY D 383 22.49 -33.70 -4.08
CA GLY D 383 21.08 -33.85 -3.79
C GLY D 383 20.35 -32.59 -4.19
N PRO D 384 19.76 -31.91 -3.22
CA PRO D 384 19.36 -30.52 -3.45
C PRO D 384 20.52 -29.56 -3.41
N VAL D 385 21.67 -29.97 -2.88
CA VAL D 385 22.84 -29.11 -2.82
C VAL D 385 23.67 -29.28 -4.08
N SER D 386 24.28 -28.20 -4.55
CA SER D 386 25.11 -28.23 -5.75
C SER D 386 26.06 -27.06 -5.70
N SER D 387 27.12 -27.13 -6.50
CA SER D 387 28.21 -26.18 -6.43
C SER D 387 28.59 -25.72 -7.83
N SER D 388 27.96 -24.64 -8.30
CA SER D 388 28.25 -24.09 -9.60
C SER D 388 29.58 -23.36 -9.58
N LEU D 389 30.24 -23.33 -10.74
CA LEU D 389 31.62 -22.86 -10.84
C LEU D 389 31.68 -21.81 -11.95
N TYR D 390 31.52 -20.54 -11.58
CA TYR D 390 31.44 -19.47 -12.56
C TYR D 390 32.77 -19.27 -13.26
N ASP D 391 32.78 -18.35 -14.21
CA ASP D 391 33.99 -18.04 -14.96
C ASP D 391 34.35 -16.57 -14.78
N LEU D 392 35.65 -16.30 -14.76
CA LEU D 392 36.21 -15.00 -14.43
C LEU D 392 37.31 -14.63 -15.40
N THR D 393 37.11 -14.85 -16.69
CA THR D 393 38.19 -14.58 -17.63
C THR D 393 38.31 -13.09 -17.92
N ASN D 394 37.19 -12.40 -18.08
CA ASN D 394 37.21 -10.97 -18.36
C ASN D 394 36.28 -10.21 -17.41
N VAL D 395 36.27 -10.59 -16.14
CA VAL D 395 35.35 -10.00 -15.19
C VAL D 395 36.08 -9.60 -13.91
N ASP D 396 37.40 -9.70 -13.88
CA ASP D 396 38.12 -9.60 -12.62
C ASP D 396 39.29 -8.64 -12.69
N THR D 397 39.07 -7.44 -13.23
CA THR D 397 40.00 -6.31 -13.11
C THR D 397 41.47 -6.73 -13.20
N THR D 398 41.78 -7.62 -14.14
CA THR D 398 43.15 -8.03 -14.38
C THR D 398 43.61 -7.70 -15.79
N THR D 399 42.78 -6.99 -16.56
CA THR D 399 43.09 -6.60 -17.92
C THR D 399 42.88 -5.09 -18.05
N ASP D 400 42.90 -4.62 -19.30
CA ASP D 400 42.80 -3.18 -19.55
C ASP D 400 41.53 -2.60 -18.97
N ASN D 401 40.37 -3.02 -19.49
CA ASN D 401 39.08 -2.59 -18.96
C ASN D 401 38.20 -3.82 -18.84
N SER D 402 38.11 -4.35 -17.62
CA SER D 402 37.31 -5.52 -17.35
C SER D 402 35.82 -5.13 -17.34
N VAL D 403 34.96 -6.06 -16.93
CA VAL D 403 33.55 -5.72 -16.81
C VAL D 403 33.24 -5.17 -15.43
N LEU D 404 34.03 -5.52 -14.42
CA LEU D 404 33.78 -4.98 -13.09
C LEU D 404 34.10 -3.49 -13.04
N GLU D 405 35.27 -3.11 -13.55
CA GLU D 405 35.65 -1.70 -13.53
C GLU D 405 34.75 -0.87 -14.43
N ILE D 406 34.37 -1.41 -15.59
CA ILE D 406 33.46 -0.69 -16.49
C ILE D 406 32.10 -0.52 -15.84
N THR D 407 31.61 -1.55 -15.15
CA THR D 407 30.31 -1.44 -14.52
C THR D 407 30.32 -0.42 -13.39
N VAL D 408 31.40 -0.38 -12.61
CA VAL D 408 31.41 0.45 -11.42
C VAL D 408 31.70 1.91 -11.76
N TYR D 409 32.70 2.17 -12.60
CA TYR D 409 33.09 3.55 -12.87
C TYR D 409 32.24 4.22 -13.92
N ASN D 410 31.25 3.53 -14.49
CA ASN D 410 30.37 4.14 -15.48
C ASN D 410 29.42 5.12 -14.79
N THR D 411 29.46 6.38 -15.23
CA THR D 411 28.62 7.42 -14.65
C THR D 411 27.64 7.99 -15.66
N ASN D 412 27.14 7.18 -16.59
CA ASN D 412 26.28 7.66 -17.65
C ASN D 412 25.14 6.70 -17.97
N ILE D 413 24.72 5.86 -17.02
CA ILE D 413 23.67 4.88 -17.26
C ILE D 413 22.52 4.99 -16.27
N ASP D 414 22.82 5.18 -14.99
CA ASP D 414 21.80 5.28 -13.93
C ASP D 414 21.01 3.98 -13.78
N ASN D 415 21.52 2.89 -14.33
CA ASN D 415 20.93 1.58 -14.14
C ASN D 415 21.87 0.64 -13.38
N ARG D 416 22.87 1.19 -12.71
CA ARG D 416 23.81 0.40 -11.91
C ARG D 416 23.20 -0.16 -10.67
N HIS D 417 21.90 0.06 -10.50
CA HIS D 417 21.17 -0.59 -9.41
C HIS D 417 21.13 -2.09 -9.60
N GLU D 418 20.97 -2.53 -10.84
CA GLU D 418 20.75 -3.94 -11.14
C GLU D 418 21.95 -4.62 -11.75
N MET D 419 23.04 -3.89 -12.02
CA MET D 419 24.19 -4.50 -12.66
C MET D 419 25.28 -4.89 -11.68
N LEU D 420 25.25 -4.40 -10.45
CA LEU D 420 26.21 -4.81 -9.43
C LEU D 420 25.63 -5.81 -8.45
N THR D 421 24.58 -6.53 -8.85
CA THR D 421 24.01 -7.60 -8.04
C THR D 421 23.95 -8.91 -8.80
N LEU D 422 24.64 -9.02 -9.93
CA LEU D 422 24.58 -10.21 -10.75
C LEU D 422 25.43 -11.30 -10.14
N GLU D 423 25.66 -12.38 -10.91
CA GLU D 423 26.12 -13.61 -10.29
C GLU D 423 27.56 -13.52 -9.81
N PRO D 424 28.57 -13.27 -10.67
CA PRO D 424 29.95 -13.25 -10.16
C PRO D 424 30.39 -11.89 -9.64
N LEU D 425 29.74 -10.80 -10.08
CA LEU D 425 30.16 -9.48 -9.64
C LEU D 425 29.92 -9.29 -8.15
N HIS D 426 28.75 -9.71 -7.67
CA HIS D 426 28.44 -9.57 -6.25
C HIS D 426 29.47 -10.26 -5.39
N THR D 427 29.76 -11.53 -5.68
CA THR D 427 30.67 -12.26 -4.81
C THR D 427 32.11 -11.82 -5.02
N LEU D 428 32.46 -11.34 -6.21
CA LEU D 428 33.80 -10.78 -6.39
C LEU D 428 34.00 -9.58 -5.50
N LEU D 429 33.03 -8.67 -5.48
CA LEU D 429 33.15 -7.50 -4.62
C LEU D 429 33.20 -7.91 -3.16
N HIS D 430 32.33 -8.83 -2.74
CA HIS D 430 32.31 -9.24 -1.34
C HIS D 430 33.64 -9.87 -0.92
N MET D 431 34.23 -10.69 -1.78
CA MET D 431 35.49 -11.33 -1.43
C MET D 431 36.63 -10.33 -1.40
N LYS D 432 36.71 -9.43 -2.37
CA LYS D 432 37.75 -8.40 -2.31
C LYS D 432 37.63 -7.59 -1.04
N TRP D 433 36.40 -7.22 -0.67
CA TRP D 433 36.17 -6.42 0.52
C TRP D 433 36.70 -7.15 1.73
N LYS D 434 36.09 -8.28 2.08
CA LYS D 434 36.50 -8.99 3.28
C LYS D 434 37.90 -9.58 3.18
N LYS D 435 38.58 -9.46 2.05
CA LYS D 435 39.97 -9.90 2.02
C LYS D 435 40.95 -8.77 2.35
N PHE D 436 40.83 -7.60 1.72
CA PHE D 436 41.75 -6.53 2.09
C PHE D 436 41.12 -5.15 2.30
N ALA D 437 39.93 -4.88 1.79
CA ALA D 437 39.45 -3.51 1.87
C ALA D 437 39.02 -3.17 3.29
N LYS D 438 38.56 -4.17 4.05
CA LYS D 438 38.28 -3.94 5.46
C LYS D 438 39.51 -3.38 6.18
N HIS D 439 40.63 -4.08 6.06
CA HIS D 439 41.86 -3.64 6.72
C HIS D 439 42.27 -2.26 6.24
N MET D 440 42.33 -2.05 4.92
CA MET D 440 42.84 -0.77 4.45
C MET D 440 41.91 0.37 4.82
N PHE D 441 40.60 0.14 4.80
CA PHE D 441 39.66 1.19 5.18
C PHE D 441 39.80 1.56 6.64
N PHE D 442 39.84 0.57 7.54
CA PHE D 442 39.97 0.91 8.95
C PHE D 442 41.31 1.57 9.24
N LEU D 443 42.37 1.13 8.58
CA LEU D 443 43.67 1.74 8.79
C LEU D 443 43.67 3.22 8.38
N SER D 444 43.07 3.52 7.22
CA SER D 444 43.00 4.90 6.78
C SER D 444 42.13 5.74 7.72
N PHE D 445 41.05 5.16 8.23
CA PHE D 445 40.23 5.90 9.18
C PHE D 445 41.00 6.23 10.45
N CYS D 446 41.78 5.27 10.96
CA CYS D 446 42.56 5.54 12.15
C CYS D 446 43.60 6.63 11.91
N PHE D 447 44.28 6.57 10.77
CA PHE D 447 45.22 7.64 10.43
C PHE D 447 44.53 8.99 10.42
N TYR D 448 43.35 9.08 9.80
CA TYR D 448 42.66 10.36 9.75
C TYR D 448 42.24 10.83 11.13
N PHE D 449 41.78 9.91 11.97
CA PHE D 449 41.33 10.30 13.30
C PHE D 449 42.48 10.86 14.12
N PHE D 450 43.65 10.21 14.07
CA PHE D 450 44.77 10.75 14.83
C PHE D 450 45.27 12.05 14.26
N TYR D 451 45.28 12.19 12.93
CA TYR D 451 45.63 13.47 12.33
C TYR D 451 44.72 14.58 12.84
N ASN D 452 43.42 14.32 12.91
CA ASN D 452 42.50 15.36 13.34
C ASN D 452 42.62 15.66 14.82
N ILE D 453 42.86 14.65 15.65
CA ILE D 453 43.02 14.95 17.08
C ILE D 453 44.29 15.74 17.32
N THR D 454 45.37 15.40 16.61
CA THR D 454 46.58 16.20 16.75
C THR D 454 46.32 17.64 16.33
N LEU D 455 45.58 17.85 15.25
CA LEU D 455 45.23 19.20 14.84
C LEU D 455 44.46 19.93 15.93
N THR D 456 43.42 19.29 16.46
CA THR D 456 42.57 19.94 17.46
C THR D 456 43.36 20.32 18.70
N LEU D 457 44.21 19.41 19.17
CA LEU D 457 44.98 19.71 20.38
C LEU D 457 46.00 20.82 20.12
N VAL D 458 46.76 20.72 19.04
CA VAL D 458 47.76 21.75 18.77
C VAL D 458 47.11 23.09 18.44
N SER D 459 45.81 23.11 18.18
CA SER D 459 45.14 24.39 18.03
C SER D 459 44.61 24.92 19.36
N TYR D 460 43.95 24.07 20.15
CA TYR D 460 43.38 24.53 21.41
C TYR D 460 44.48 24.95 22.39
N TYR D 461 45.61 24.26 22.37
CA TYR D 461 46.73 24.60 23.26
C TYR D 461 47.71 25.57 22.63
N ARG D 462 47.24 26.44 21.74
CA ARG D 462 48.13 27.36 21.06
C ARG D 462 48.74 28.35 22.06
N PRO D 463 49.85 28.98 21.70
CA PRO D 463 50.49 29.96 22.61
C PRO D 463 49.86 31.34 22.56
N ARG D 464 49.42 31.81 23.72
CA ARG D 464 48.87 33.15 23.85
C ARG D 464 49.08 33.68 25.26
N GLY D 480 61.16 20.62 22.37
CA GLY D 480 60.42 19.43 22.74
C GLY D 480 60.71 18.24 21.85
N TRP D 481 60.48 17.04 22.37
CA TRP D 481 60.73 15.81 21.63
C TRP D 481 59.47 15.29 20.95
N LEU D 482 58.31 15.45 21.56
CA LEU D 482 57.07 14.92 21.00
C LEU D 482 56.31 15.94 20.15
N GLN D 483 56.32 17.21 20.53
CA GLN D 483 55.54 18.24 19.83
C GLN D 483 55.99 18.41 18.38
N LEU D 484 57.30 18.45 18.16
CA LEU D 484 57.81 18.56 16.80
C LEU D 484 57.35 17.38 15.95
N LEU D 485 57.24 16.20 16.55
CA LEU D 485 56.74 15.04 15.82
C LEU D 485 55.29 15.26 15.39
N GLY D 486 54.47 15.79 16.29
CA GLY D 486 53.09 16.08 15.93
C GLY D 486 52.99 17.09 14.80
N ARG D 487 53.81 18.14 14.85
CA ARG D 487 53.74 19.15 13.80
C ARG D 487 54.19 18.59 12.46
N MET D 488 55.29 17.82 12.44
CA MET D 488 55.71 17.22 11.18
C MET D 488 54.66 16.23 10.67
N PHE D 489 54.01 15.50 11.58
CA PHE D 489 52.94 14.58 11.18
C PHE D 489 51.82 15.34 10.48
N VAL D 490 51.34 16.41 11.10
CA VAL D 490 50.27 17.20 10.50
C VAL D 490 50.69 17.69 9.13
N LEU D 491 51.90 18.22 9.02
CA LEU D 491 52.35 18.77 7.74
C LEU D 491 52.42 17.69 6.66
N ILE D 492 53.10 16.58 6.95
CA ILE D 492 53.28 15.57 5.91
C ILE D 492 51.96 14.92 5.54
N TRP D 493 51.05 14.73 6.49
CA TRP D 493 49.79 14.10 6.12
C TRP D 493 48.91 15.04 5.34
N ALA D 494 48.95 16.34 5.66
CA ALA D 494 48.24 17.31 4.82
C ALA D 494 48.80 17.31 3.40
N MET D 495 50.12 17.25 3.28
CA MET D 495 50.74 17.20 1.96
C MET D 495 50.29 15.96 1.20
N CYS D 496 50.26 14.81 1.87
CA CYS D 496 49.88 13.57 1.21
C CYS D 496 48.43 13.59 0.76
N ILE D 497 47.52 14.02 1.64
CA ILE D 497 46.11 14.07 1.26
C ILE D 497 45.90 15.05 0.12
N SER D 498 46.57 16.20 0.15
CA SER D 498 46.42 17.17 -0.93
C SER D 498 46.92 16.59 -2.25
N VAL D 499 48.06 15.90 -2.22
CA VAL D 499 48.58 15.30 -3.44
C VAL D 499 47.62 14.26 -3.99
N LYS D 500 47.13 13.36 -3.13
CA LYS D 500 46.24 12.30 -3.59
C LYS D 500 44.95 12.87 -4.15
N GLU D 501 44.39 13.88 -3.48
CA GLU D 501 43.14 14.45 -3.97
C GLU D 501 43.35 15.24 -5.25
N GLY D 502 44.47 15.94 -5.40
CA GLY D 502 44.76 16.61 -6.64
C GLY D 502 44.93 15.63 -7.79
N ILE D 503 45.51 14.46 -7.50
CA ILE D 503 45.64 13.44 -8.53
C ILE D 503 44.27 12.90 -8.92
N ALA D 504 43.46 12.55 -7.93
CA ALA D 504 42.18 11.91 -8.21
C ALA D 504 41.11 12.89 -8.67
N ILE D 505 41.35 14.20 -8.58
CA ILE D 505 40.28 15.15 -8.86
C ILE D 505 40.26 15.52 -10.34
N PHE D 506 41.38 15.35 -11.02
CA PHE D 506 41.48 15.73 -12.43
C PHE D 506 40.68 14.83 -13.36
N LEU D 507 40.06 13.77 -12.85
CA LEU D 507 39.49 12.71 -13.68
C LEU D 507 37.96 12.70 -13.65
N LEU D 508 37.34 13.88 -13.67
CA LEU D 508 35.88 13.92 -13.74
C LEU D 508 35.41 14.95 -14.76
N SER D 518 26.97 15.16 -5.34
CA SER D 518 26.92 14.27 -6.50
C SER D 518 27.47 12.88 -6.17
N ASP D 519 28.69 12.62 -6.60
CA ASP D 519 29.36 11.35 -6.38
C ASP D 519 30.74 11.49 -5.76
N ALA D 520 31.49 12.53 -6.10
CA ALA D 520 32.87 12.68 -5.66
C ALA D 520 33.17 14.12 -5.26
N TRP D 521 32.29 14.72 -4.45
CA TRP D 521 32.60 16.02 -3.88
C TRP D 521 33.43 15.92 -2.61
N PHE D 522 33.42 14.76 -1.95
CA PHE D 522 34.24 14.59 -0.76
C PHE D 522 35.72 14.74 -1.09
N HIS D 523 36.10 14.48 -2.35
CA HIS D 523 37.45 14.82 -2.79
C HIS D 523 37.68 16.31 -2.67
N PHE D 524 36.69 17.12 -3.07
CA PHE D 524 36.82 18.56 -2.94
C PHE D 524 36.94 18.99 -1.49
N VAL D 525 36.16 18.36 -0.61
CA VAL D 525 36.21 18.74 0.80
C VAL D 525 37.57 18.38 1.40
N PHE D 526 38.05 17.16 1.14
CA PHE D 526 39.37 16.77 1.62
C PHE D 526 40.44 17.72 1.12
N PHE D 527 40.36 18.11 -0.15
CA PHE D 527 41.37 19.01 -0.72
C PHE D 527 41.34 20.37 -0.04
N ILE D 528 40.14 20.92 0.17
CA ILE D 528 40.05 22.24 0.78
C ILE D 528 40.59 22.20 2.20
N GLN D 529 40.27 21.14 2.96
CA GLN D 529 40.78 21.07 4.32
C GLN D 529 42.30 20.96 4.34
N ALA D 530 42.87 20.10 3.49
CA ALA D 530 44.33 19.97 3.47
C ALA D 530 44.99 21.28 3.07
N VAL D 531 44.43 21.97 2.08
CA VAL D 531 45.01 23.23 1.64
C VAL D 531 44.95 24.25 2.76
N LEU D 532 43.84 24.29 3.51
CA LEU D 532 43.75 25.22 4.63
C LEU D 532 44.82 24.93 5.67
N VAL D 533 45.03 23.66 6.02
CA VAL D 533 46.04 23.35 7.03
C VAL D 533 47.41 23.77 6.57
N ILE D 534 47.78 23.41 5.34
CA ILE D 534 49.13 23.71 4.89
C ILE D 534 49.34 25.21 4.73
N LEU D 535 48.32 25.93 4.27
CA LEU D 535 48.40 27.39 4.15
C LEU D 535 48.56 28.03 5.52
N SER D 536 47.84 27.51 6.52
CA SER D 536 47.96 28.06 7.86
C SER D 536 49.35 27.86 8.42
N VAL D 537 49.90 26.66 8.27
CA VAL D 537 51.23 26.42 8.83
C VAL D 537 52.28 27.23 8.08
N PHE D 538 52.08 27.44 6.77
CA PHE D 538 52.98 28.33 6.04
C PHE D 538 52.93 29.74 6.60
N LEU D 539 51.72 30.31 6.73
CA LEU D 539 51.59 31.67 7.24
C LEU D 539 52.05 31.79 8.68
N TYR D 540 52.05 30.68 9.43
CA TYR D 540 52.55 30.71 10.81
C TYR D 540 54.07 30.73 10.85
N LEU D 541 54.71 29.97 9.96
CA LEU D 541 56.16 30.00 9.90
C LEU D 541 56.67 31.37 9.43
N PHE D 542 55.78 32.20 8.91
CA PHE D 542 56.13 33.56 8.50
C PHE D 542 55.91 34.53 9.66
N ALA D 543 55.95 35.82 9.36
CA ALA D 543 55.67 36.86 10.34
C ALA D 543 54.21 37.30 10.29
N TYR D 544 53.31 36.35 10.52
CA TYR D 544 51.88 36.60 10.46
C TYR D 544 51.20 36.01 11.70
N LYS D 545 50.07 36.60 12.07
CA LYS D 545 49.26 36.09 13.17
C LYS D 545 47.85 35.71 12.74
N GLU D 546 47.51 35.86 11.47
CA GLU D 546 46.20 35.51 10.95
C GLU D 546 46.11 34.05 10.54
N TYR D 547 46.99 33.21 11.07
CA TYR D 547 46.89 31.78 10.85
C TYR D 547 45.76 31.14 11.63
N LEU D 548 45.28 31.78 12.69
CA LEU D 548 44.25 31.18 13.54
C LEU D 548 42.97 30.92 12.76
N ALA D 549 42.61 31.84 11.86
CA ALA D 549 41.40 31.65 11.07
C ALA D 549 41.47 30.38 10.26
N CYS D 550 42.55 30.21 9.48
CA CYS D 550 42.70 29.03 8.66
C CYS D 550 42.77 27.77 9.51
N LEU D 551 43.48 27.84 10.65
CA LEU D 551 43.61 26.64 11.48
C LEU D 551 42.26 26.19 12.02
N VAL D 552 41.49 27.10 12.62
CA VAL D 552 40.24 26.66 13.24
C VAL D 552 39.21 26.29 12.17
N LEU D 553 39.21 26.98 11.04
CA LEU D 553 38.33 26.58 9.96
C LEU D 553 38.65 25.17 9.49
N ALA D 554 39.94 24.84 9.38
CA ALA D 554 40.33 23.50 8.96
C ALA D 554 39.95 22.46 9.99
N MET D 555 40.10 22.80 11.26
CA MET D 555 39.74 21.88 12.33
C MET D 555 38.26 21.53 12.24
N ALA D 556 37.42 22.56 12.23
CA ALA D 556 35.98 22.35 12.16
C ALA D 556 35.60 21.58 10.90
N LEU D 557 36.28 21.84 9.79
CA LEU D 557 35.99 21.11 8.57
C LEU D 557 36.33 19.64 8.71
N GLY D 558 37.42 19.31 9.42
CA GLY D 558 37.75 17.91 9.62
C GLY D 558 36.73 17.18 10.48
N TRP D 559 36.35 17.80 11.60
CA TRP D 559 35.37 17.15 12.46
C TRP D 559 34.04 16.98 11.75
N ALA D 560 33.64 17.94 10.92
CA ALA D 560 32.45 17.74 10.12
C ALA D 560 32.69 16.83 8.93
N ASN D 561 33.94 16.48 8.66
CA ASN D 561 34.29 15.64 7.53
C ASN D 561 34.31 14.16 7.86
N MET D 562 34.33 13.82 9.14
CA MET D 562 34.35 12.41 9.55
C MET D 562 33.16 11.64 9.01
N LEU D 563 32.16 12.32 8.50
CA LEU D 563 30.97 11.64 8.01
C LEU D 563 31.25 10.85 6.74
N TYR D 564 32.42 11.04 6.13
CA TYR D 564 32.75 10.20 4.99
C TYR D 564 33.30 8.86 5.43
N TYR D 565 34.04 8.82 6.53
CA TYR D 565 34.44 7.53 7.09
C TYR D 565 33.32 6.86 7.84
N THR D 566 32.21 7.55 8.02
CA THR D 566 31.12 6.70 8.55
C THR D 566 30.45 5.84 7.47
N ARG D 567 30.98 5.51 6.29
CA ARG D 567 30.28 4.66 5.34
C ARG D 567 30.72 3.20 5.41
N GLY D 568 31.63 2.85 6.31
CA GLY D 568 32.08 1.48 6.39
C GLY D 568 31.12 0.53 7.05
N PHE D 569 30.13 1.05 7.75
CA PHE D 569 29.13 0.25 8.44
C PHE D 569 27.78 0.39 7.74
N GLN D 570 27.16 -0.75 7.44
CA GLN D 570 25.98 -0.77 6.61
C GLN D 570 24.90 0.16 7.14
N SER D 571 24.54 0.02 8.42
CA SER D 571 23.56 0.91 9.00
C SER D 571 24.03 2.36 8.94
N MET D 572 25.27 2.61 9.37
CA MET D 572 25.78 3.97 9.34
C MET D 572 25.98 4.47 7.92
N GLY D 573 26.28 3.56 6.99
CA GLY D 573 26.40 3.97 5.61
C GLY D 573 25.08 4.45 5.04
N MET D 574 24.02 3.67 5.23
CA MET D 574 22.70 4.13 4.84
C MET D 574 22.35 5.45 5.52
N TYR D 575 22.74 5.61 6.79
CA TYR D 575 22.48 6.84 7.51
C TYR D 575 23.10 8.04 6.81
N SER D 576 24.39 7.97 6.50
CA SER D 576 25.05 9.09 5.84
C SER D 576 24.48 9.33 4.46
N VAL D 577 24.13 8.26 3.74
CA VAL D 577 23.59 8.45 2.40
C VAL D 577 22.25 9.17 2.47
N MET D 578 21.41 8.84 3.45
CA MET D 578 20.13 9.54 3.50
C MET D 578 20.29 10.96 4.03
N ILE D 579 21.30 11.21 4.85
CA ILE D 579 21.59 12.61 5.21
C ILE D 579 21.90 13.43 3.97
N GLN D 580 22.77 12.91 3.11
CA GLN D 580 23.12 13.65 1.90
C GLN D 580 21.92 13.78 0.97
N LYS D 581 21.13 12.72 0.85
CA LYS D 581 19.92 12.79 0.03
C LYS D 581 18.97 13.86 0.54
N VAL D 582 18.88 14.02 1.86
CA VAL D 582 17.99 15.03 2.44
C VAL D 582 18.51 16.43 2.14
N ILE D 583 19.79 16.66 2.38
CA ILE D 583 20.36 17.99 2.16
C ILE D 583 20.25 18.37 0.69
N LEU D 584 20.30 17.38 -0.20
CA LEU D 584 20.10 17.67 -1.61
C LEU D 584 18.64 17.95 -1.92
N HIS D 585 17.74 17.14 -1.38
CA HIS D 585 16.33 17.25 -1.74
C HIS D 585 15.73 18.57 -1.27
N ASP D 586 15.75 18.81 0.04
CA ASP D 586 14.86 19.80 0.62
C ASP D 586 15.54 21.01 1.24
N VAL D 587 16.52 20.79 2.11
CA VAL D 587 17.07 21.89 2.89
C VAL D 587 17.55 23.03 2.00
N LEU D 588 17.94 22.74 0.76
CA LEU D 588 18.42 23.80 -0.12
C LEU D 588 17.27 24.71 -0.57
N LYS D 589 16.18 24.13 -1.05
CA LYS D 589 15.00 24.93 -1.39
C LYS D 589 14.52 25.73 -0.18
N PHE D 590 14.34 25.04 0.95
CA PHE D 590 13.85 25.72 2.14
C PHE D 590 14.76 26.87 2.54
N LEU D 591 16.08 26.68 2.44
CA LEU D 591 17.00 27.73 2.84
C LEU D 591 16.95 28.90 1.88
N PHE D 592 16.81 28.64 0.59
CA PHE D 592 16.65 29.73 -0.38
C PHE D 592 15.45 30.60 -0.02
N VAL D 593 14.27 29.96 0.08
CA VAL D 593 13.05 30.70 0.39
C VAL D 593 13.19 31.46 1.71
N TYR D 594 13.70 30.77 2.74
CA TYR D 594 13.77 31.39 4.06
C TYR D 594 14.73 32.56 4.09
N ILE D 595 15.83 32.49 3.34
CA ILE D 595 16.74 33.63 3.30
C ILE D 595 16.09 34.81 2.61
N VAL D 596 15.31 34.53 1.55
CA VAL D 596 14.56 35.62 0.91
C VAL D 596 13.68 36.32 1.93
N PHE D 597 12.88 35.55 2.68
CA PHE D 597 11.96 36.16 3.64
C PHE D 597 12.73 36.92 4.72
N LEU D 598 13.78 36.30 5.25
CA LEU D 598 14.54 36.92 6.32
C LEU D 598 15.09 38.27 5.91
N LEU D 599 15.70 38.34 4.73
CA LEU D 599 16.32 39.60 4.31
C LEU D 599 15.27 40.64 3.97
N GLY D 600 14.18 40.24 3.32
CA GLY D 600 13.13 41.19 3.03
C GLY D 600 12.56 41.84 4.27
N PHE D 601 12.08 41.02 5.21
CA PHE D 601 11.50 41.60 6.41
C PHE D 601 12.55 42.30 7.25
N GLY D 602 13.81 41.89 7.15
CA GLY D 602 14.85 42.62 7.85
C GLY D 602 14.97 44.05 7.37
N VAL D 603 15.03 44.25 6.05
CA VAL D 603 15.15 45.62 5.56
C VAL D 603 13.88 46.40 5.84
N ALA D 604 12.71 45.74 5.80
CA ALA D 604 11.47 46.45 6.13
C ALA D 604 11.49 46.98 7.56
N LEU D 605 11.72 46.09 8.53
CA LEU D 605 11.73 46.51 9.93
C LEU D 605 12.81 47.54 10.18
N ALA D 606 14.00 47.35 9.59
CA ALA D 606 15.05 48.33 9.83
C ALA D 606 14.74 49.68 9.19
N SER D 607 13.88 49.72 8.19
CA SER D 607 13.46 51.01 7.66
C SER D 607 12.42 51.67 8.54
N LEU D 608 11.53 50.88 9.14
CA LEU D 608 10.45 51.46 9.93
C LEU D 608 10.95 52.15 11.20
N ILE D 609 12.24 51.94 11.52
CA ILE D 609 12.86 52.54 12.73
C ILE D 609 13.60 53.82 12.31
N GLU D 610 13.43 54.90 13.09
CA GLU D 610 14.11 56.19 12.80
C GLU D 610 15.27 56.39 13.78
N LYS D 611 16.43 56.89 13.29
CA LYS D 611 17.67 57.18 14.08
C LYS D 611 17.34 57.70 15.48
N CYS D 612 17.83 56.99 16.51
CA CYS D 612 17.57 57.31 17.94
C CYS D 612 18.33 58.56 18.38
N PRO D 613 17.89 59.24 19.47
CA PRO D 613 18.56 60.45 19.96
C PRO D 613 19.71 60.11 20.91
N ASN D 616 21.37 56.07 18.66
CA ASN D 616 22.80 56.08 19.06
C ASN D 616 22.99 55.17 20.28
N LYS D 617 22.37 55.52 21.41
CA LYS D 617 22.51 54.70 22.64
C LYS D 617 21.14 54.15 23.05
N ASP D 618 21.04 52.82 23.20
CA ASP D 618 19.79 52.15 23.62
C ASP D 618 18.64 52.54 22.69
N CYS D 619 17.55 53.03 23.28
CA CYS D 619 16.31 53.47 22.57
C CYS D 619 15.66 52.29 21.86
N SER D 620 16.17 51.90 20.68
CA SER D 620 15.52 50.78 19.96
C SER D 620 16.55 49.72 19.58
N SER D 621 16.11 48.46 19.48
CA SER D 621 16.98 47.29 19.18
C SER D 621 17.35 47.18 17.70
N TYR D 622 16.41 47.36 16.76
CA TYR D 622 16.74 47.25 15.31
C TYR D 622 17.28 48.59 14.77
N GLY D 623 18.44 49.03 15.26
CA GLY D 623 19.04 50.30 14.82
C GLY D 623 19.49 50.31 13.37
N SER D 624 20.15 49.24 12.91
CA SER D 624 20.68 49.19 11.53
C SER D 624 20.03 48.02 10.78
N PHE D 625 20.70 47.53 9.74
CA PHE D 625 20.16 46.37 9.02
C PHE D 625 20.66 45.07 9.65
N SER D 626 21.92 45.05 10.08
CA SER D 626 22.48 43.85 10.68
C SER D 626 21.72 43.45 11.93
N ASP D 627 21.46 44.41 12.81
CA ASP D 627 20.74 44.09 14.04
C ASP D 627 19.35 43.57 13.74
N ALA D 628 18.70 44.12 12.72
CA ALA D 628 17.35 43.66 12.38
C ALA D 628 17.37 42.22 11.90
N VAL D 629 18.25 41.89 10.95
CA VAL D 629 18.27 40.52 10.46
C VAL D 629 18.69 39.56 11.58
N LEU D 630 19.56 40.01 12.49
CA LEU D 630 19.96 39.12 13.57
C LEU D 630 18.82 38.86 14.54
N GLU D 631 18.06 39.89 14.90
CA GLU D 631 16.93 39.68 15.79
C GLU D 631 15.90 38.77 15.15
N LEU D 632 15.71 38.89 13.84
CA LEU D 632 14.78 37.97 13.19
C LEU D 632 15.30 36.54 13.25
N PHE D 633 16.60 36.33 13.05
CA PHE D 633 17.13 34.97 13.13
C PHE D 633 16.94 34.39 14.52
N LYS D 634 17.34 35.13 15.55
CA LYS D 634 17.15 34.65 16.91
C LYS D 634 15.69 34.30 17.16
N LEU D 635 14.78 35.22 16.85
CA LEU D 635 13.36 34.95 17.09
C LEU D 635 12.86 33.77 16.26
N THR D 636 13.60 33.38 15.22
CA THR D 636 13.23 32.16 14.50
C THR D 636 13.67 30.92 15.26
N ILE D 637 14.89 30.91 15.78
CA ILE D 637 15.32 29.70 16.50
C ILE D 637 14.90 29.75 17.96
N GLY D 638 14.08 30.74 18.33
CA GLY D 638 13.43 30.75 19.62
C GLY D 638 14.27 31.10 20.82
N LEU D 639 15.16 32.08 20.70
CA LEU D 639 16.03 32.47 21.80
C LEU D 639 15.78 33.88 22.31
N GLY D 640 15.25 34.76 21.48
CA GLY D 640 15.32 36.18 21.77
C GLY D 640 14.33 36.67 22.79
N ASP D 641 13.75 37.84 22.53
CA ASP D 641 12.65 38.37 23.31
C ASP D 641 11.86 39.33 22.44
N LEU D 642 10.56 39.14 22.41
CA LEU D 642 9.67 39.92 21.55
C LEU D 642 9.04 41.01 22.39
N ASN D 643 9.52 42.24 22.23
CA ASN D 643 8.92 43.40 22.87
C ASN D 643 8.37 44.32 21.78
N ILE D 644 7.49 45.24 22.18
CA ILE D 644 6.78 46.07 21.21
C ILE D 644 7.22 47.52 21.24
N GLN D 645 7.64 48.04 22.39
CA GLN D 645 8.03 49.46 22.49
C GLN D 645 9.39 49.58 21.81
N GLN D 646 9.37 49.65 20.49
CA GLN D 646 10.59 49.61 19.71
C GLN D 646 10.94 50.95 19.08
N ASN D 647 10.44 52.05 19.65
CA ASN D 647 10.81 53.40 19.22
C ASN D 647 10.38 53.68 17.78
N SER D 648 9.45 52.87 17.26
CA SER D 648 9.00 53.04 15.89
C SER D 648 8.09 54.25 15.80
N LYS D 649 7.58 54.52 14.60
CA LYS D 649 6.57 55.54 14.41
C LYS D 649 5.19 54.98 14.14
N TYR D 650 5.11 53.72 13.73
CA TYR D 650 3.84 53.04 13.46
C TYR D 650 3.89 51.69 14.13
N PRO D 651 3.82 51.67 15.47
CA PRO D 651 4.14 50.42 16.19
C PRO D 651 3.17 49.29 15.90
N ILE D 652 1.93 49.58 15.56
CA ILE D 652 1.01 48.50 15.23
C ILE D 652 1.41 47.85 13.92
N LEU D 653 1.93 48.64 12.97
CA LEU D 653 2.44 48.06 11.74
C LEU D 653 3.66 47.19 12.02
N PHE D 654 4.55 47.68 12.88
CA PHE D 654 5.68 46.87 13.33
C PHE D 654 5.22 45.53 13.85
N LEU D 655 4.21 45.55 14.72
CA LEU D 655 3.72 44.31 15.30
C LEU D 655 3.12 43.41 14.23
N PHE D 656 2.41 43.98 13.27
CA PHE D 656 1.81 43.17 12.21
C PHE D 656 2.89 42.48 11.40
N LEU D 657 3.95 43.21 11.07
CA LEU D 657 5.04 42.61 10.29
C LEU D 657 5.72 41.50 11.06
N LEU D 658 5.99 41.73 12.34
CA LEU D 658 6.68 40.71 13.13
C LEU D 658 5.82 39.46 13.29
N ILE D 659 4.53 39.64 13.58
CA ILE D 659 3.65 38.50 13.75
C ILE D 659 3.50 37.74 12.44
N THR D 660 3.44 38.44 11.30
CA THR D 660 3.26 37.71 10.04
C THR D 660 4.55 36.99 9.63
N TYR D 661 5.71 37.54 9.99
CA TYR D 661 6.95 36.81 9.74
C TYR D 661 7.01 35.54 10.58
N VAL D 662 6.67 35.67 11.87
CA VAL D 662 6.65 34.49 12.75
C VAL D 662 5.72 33.43 12.20
N ILE D 663 4.52 33.84 11.77
CA ILE D 663 3.61 32.87 11.16
C ILE D 663 4.27 32.21 9.96
N LEU D 664 4.60 33.03 8.94
CA LEU D 664 5.14 32.52 7.68
C LEU D 664 6.20 31.46 7.89
N THR D 665 7.19 31.74 8.72
CA THR D 665 8.19 30.70 8.88
C THR D 665 7.70 29.60 9.82
N PHE D 666 7.50 29.94 11.10
CA PHE D 666 7.43 28.94 12.15
C PHE D 666 6.23 28.01 11.97
N VAL D 667 5.08 28.54 11.58
CA VAL D 667 3.94 27.63 11.51
C VAL D 667 3.90 26.94 10.15
N LEU D 668 4.36 27.60 9.09
CA LEU D 668 4.14 27.11 7.74
C LEU D 668 5.32 26.29 7.21
N LEU D 669 6.49 26.92 7.08
CA LEU D 669 7.55 26.29 6.28
C LEU D 669 8.18 25.12 7.00
N LEU D 670 8.42 25.24 8.31
CA LEU D 670 9.03 24.15 9.04
C LEU D 670 8.16 22.90 9.00
N ASN D 671 6.86 23.06 9.27
CA ASN D 671 5.97 21.91 9.26
C ASN D 671 5.82 21.34 7.86
N MET D 672 5.77 22.22 6.86
CA MET D 672 5.66 21.75 5.49
C MET D 672 6.87 20.88 5.16
N LEU D 673 8.06 21.41 5.40
CA LEU D 673 9.28 20.67 5.09
C LEU D 673 9.34 19.37 5.88
N ILE D 674 8.84 19.35 7.11
CA ILE D 674 8.85 18.10 7.87
C ILE D 674 7.96 17.07 7.18
N ALA D 675 6.80 17.51 6.68
CA ALA D 675 5.94 16.57 5.96
C ALA D 675 6.60 16.09 4.67
N LEU D 676 7.27 16.98 3.95
CA LEU D 676 7.94 16.58 2.71
C LEU D 676 9.04 15.57 2.98
N MET D 677 9.86 15.82 4.01
CA MET D 677 10.91 14.88 4.35
C MET D 677 10.35 13.61 4.96
N GLY D 678 9.09 13.65 5.39
CA GLY D 678 8.40 12.40 5.69
C GLY D 678 8.06 11.64 4.43
N GLU D 679 7.75 12.38 3.35
CA GLU D 679 7.46 11.74 2.07
C GLU D 679 8.73 11.15 1.44
N THR D 680 9.85 11.86 1.53
CA THR D 680 11.08 11.39 0.88
C THR D 680 11.60 10.12 1.54
N VAL D 681 11.56 10.05 2.87
CA VAL D 681 12.15 8.92 3.57
C VAL D 681 11.42 7.63 3.24
N GLU D 682 10.10 7.70 3.08
CA GLU D 682 9.35 6.50 2.71
C GLU D 682 9.72 6.02 1.31
N ASN D 683 10.36 6.87 0.52
CA ASN D 683 10.73 6.49 -0.84
C ASN D 683 12.23 6.28 -1.03
N VAL D 684 13.05 6.72 -0.08
CA VAL D 684 14.50 6.60 -0.22
C VAL D 684 15.03 5.34 0.45
N SER D 685 14.43 4.91 1.57
CA SER D 685 14.96 3.79 2.33
C SER D 685 15.10 2.52 1.50
N LYS D 686 14.35 2.40 0.40
CA LYS D 686 14.42 1.22 -0.46
C LYS D 686 15.59 1.26 -1.42
N GLU D 687 16.11 2.44 -1.75
CA GLU D 687 17.29 2.56 -2.59
C GLU D 687 18.53 2.93 -1.79
N SER D 688 18.40 3.18 -0.49
CA SER D 688 19.57 3.48 0.33
C SER D 688 20.59 2.36 0.23
N GLU D 689 20.15 1.11 0.36
CA GLU D 689 21.09 0.00 0.31
C GLU D 689 21.79 -0.07 -1.04
N ARG D 690 21.06 0.20 -2.12
CA ARG D 690 21.66 0.15 -3.44
C ARG D 690 22.74 1.21 -3.58
N ILE D 691 22.41 2.45 -3.22
CA ILE D 691 23.39 3.52 -3.41
C ILE D 691 24.59 3.30 -2.50
N TRP D 692 24.35 2.82 -1.28
CA TRP D 692 25.47 2.54 -0.39
C TRP D 692 26.35 1.43 -0.95
N ARG D 693 25.74 0.39 -1.51
CA ARG D 693 26.50 -0.72 -2.08
C ARG D 693 27.35 -0.24 -3.24
N LEU D 694 26.80 0.65 -4.06
CA LEU D 694 27.57 1.19 -5.18
C LEU D 694 28.73 2.04 -4.69
N GLN D 695 28.53 2.79 -3.60
CA GLN D 695 29.64 3.59 -3.07
C GLN D 695 30.73 2.70 -2.50
N ARG D 696 30.35 1.66 -1.77
CA ARG D 696 31.34 0.73 -1.24
C ARG D 696 32.08 0.02 -2.37
N ALA D 697 31.41 -0.25 -3.49
CA ALA D 697 32.11 -0.84 -4.62
C ALA D 697 33.13 0.13 -5.20
N ARG D 698 32.75 1.40 -5.32
CA ARG D 698 33.72 2.40 -5.76
C ARG D 698 34.94 2.41 -4.84
N THR D 699 34.71 2.37 -3.53
CA THR D 699 35.83 2.41 -2.58
C THR D 699 36.72 1.18 -2.71
N ILE D 700 36.12 0.00 -2.82
CA ILE D 700 36.90 -1.23 -2.95
C ILE D 700 37.81 -1.15 -4.17
N LEU D 701 37.23 -0.80 -5.32
CA LEU D 701 38.04 -0.74 -6.52
C LEU D 701 39.04 0.40 -6.49
N GLU D 702 38.78 1.44 -5.71
CA GLU D 702 39.77 2.50 -5.56
C GLU D 702 40.96 2.02 -4.75
N PHE D 703 40.70 1.23 -3.70
CA PHE D 703 41.79 0.72 -2.88
C PHE D 703 42.62 -0.30 -3.66
N GLU D 704 41.97 -1.11 -4.48
CA GLU D 704 42.71 -2.18 -5.17
C GLU D 704 43.80 -1.64 -6.09
N LYS D 705 43.78 -0.36 -6.42
CA LYS D 705 44.79 0.19 -7.33
C LYS D 705 46.01 0.73 -6.59
N MET D 706 45.90 0.97 -5.29
CA MET D 706 47.04 1.49 -4.55
C MET D 706 48.10 0.42 -4.30
N LEU D 707 47.68 -0.84 -4.21
CA LEU D 707 48.61 -1.91 -3.91
C LEU D 707 49.64 -2.04 -5.04
N PRO D 708 50.83 -2.54 -4.74
CA PRO D 708 51.82 -2.77 -5.79
C PRO D 708 51.52 -4.04 -6.57
N GLU D 709 52.40 -4.36 -7.51
CA GLU D 709 52.14 -5.46 -8.42
C GLU D 709 52.09 -6.80 -7.70
N TRP D 710 53.12 -7.11 -6.90
CA TRP D 710 53.25 -8.45 -6.36
C TRP D 710 52.12 -8.79 -5.39
N LEU D 711 51.62 -7.82 -4.64
CA LEU D 711 50.48 -8.08 -3.76
C LEU D 711 49.23 -8.45 -4.56
N ARG D 712 48.96 -7.69 -5.61
CA ARG D 712 47.80 -8.00 -6.46
C ARG D 712 47.95 -9.37 -7.09
N SER D 713 49.17 -9.74 -7.48
CA SER D 713 49.38 -11.10 -7.97
C SER D 713 49.25 -12.11 -6.85
N ARG D 714 49.38 -11.67 -5.61
CA ARG D 714 49.31 -12.61 -4.48
C ARG D 714 47.88 -12.89 -4.07
N PHE D 715 46.97 -11.93 -4.23
CA PHE D 715 45.60 -12.20 -3.78
C PHE D 715 44.82 -13.03 -4.79
N ARG D 716 44.56 -12.50 -5.98
CA ARG D 716 44.14 -13.29 -7.14
C ARG D 716 42.96 -14.20 -6.82
N MET D 717 41.81 -13.58 -6.57
CA MET D 717 40.59 -14.32 -6.26
C MET D 717 40.32 -15.42 -7.29
N GLY D 718 39.89 -16.57 -6.81
CA GLY D 718 39.50 -17.66 -7.69
C GLY D 718 40.68 -18.51 -8.13
N GLU D 719 40.41 -19.79 -8.37
CA GLU D 719 41.45 -20.77 -8.68
C GLU D 719 41.13 -21.50 -9.96
N LEU D 720 42.16 -22.01 -10.62
CA LEU D 720 42.00 -22.68 -11.90
C LEU D 720 41.11 -23.91 -11.78
N CYS D 721 40.59 -24.36 -12.92
CA CYS D 721 39.75 -25.55 -12.96
C CYS D 721 39.69 -26.06 -14.38
N LYS D 722 40.30 -27.21 -14.64
CA LYS D 722 40.27 -27.79 -15.98
C LYS D 722 38.84 -28.09 -16.38
N VAL D 723 38.35 -27.39 -17.39
CA VAL D 723 36.94 -27.44 -17.76
C VAL D 723 36.66 -28.37 -18.92
N ALA D 724 37.59 -28.56 -19.85
CA ALA D 724 37.33 -29.34 -21.05
C ALA D 724 38.61 -30.08 -21.41
N GLU D 725 38.72 -30.51 -22.66
CA GLU D 725 39.93 -31.16 -23.14
C GLU D 725 41.18 -30.42 -22.68
N ASP D 726 41.30 -29.14 -23.05
CA ASP D 726 42.35 -28.29 -22.52
C ASP D 726 41.82 -26.86 -22.50
N ASP D 727 41.20 -26.47 -21.37
CA ASP D 727 40.66 -25.13 -21.25
C ASP D 727 41.36 -24.33 -20.15
N PHE D 728 41.36 -24.82 -18.91
CA PHE D 728 42.09 -24.19 -17.81
C PHE D 728 41.75 -22.71 -17.66
N ARG D 729 40.49 -22.47 -17.30
CA ARG D 729 40.02 -21.12 -17.04
C ARG D 729 39.89 -20.88 -15.55
N LEU D 730 40.27 -19.67 -15.13
CA LEU D 730 40.04 -19.26 -13.75
C LEU D 730 38.55 -19.30 -13.44
N CYS D 731 38.22 -19.47 -12.17
CA CYS D 731 36.84 -19.72 -11.81
C CYS D 731 36.59 -19.25 -10.39
N LEU D 732 35.32 -19.21 -10.00
CA LEU D 732 34.90 -18.75 -8.67
C LEU D 732 33.72 -19.57 -8.21
N ARG D 733 33.93 -20.47 -7.26
CA ARG D 733 32.91 -21.44 -6.88
C ARG D 733 31.84 -20.79 -6.00
N ILE D 734 30.57 -21.12 -6.28
CA ILE D 734 29.44 -20.58 -5.53
C ILE D 734 28.44 -21.69 -5.30
N ASN D 735 28.39 -22.22 -4.07
CA ASN D 735 27.49 -23.31 -3.75
C ASN D 735 26.05 -22.83 -3.66
N GLU D 736 25.11 -23.76 -3.78
CA GLU D 736 23.69 -23.42 -3.84
C GLU D 736 22.86 -24.60 -3.38
N VAL D 737 21.63 -24.31 -2.96
CA VAL D 737 20.68 -25.31 -2.48
C VAL D 737 19.30 -24.99 -3.02
N LYS D 738 18.68 -25.95 -3.72
CA LYS D 738 17.39 -25.72 -4.34
C LYS D 738 16.50 -26.94 -4.15
N TRP D 739 15.37 -26.75 -3.47
CA TRP D 739 14.47 -27.83 -3.08
C TRP D 739 13.25 -27.98 -3.96
N THR D 740 13.24 -27.44 -5.18
CA THR D 740 12.01 -27.48 -5.98
C THR D 740 12.19 -28.14 -7.33
N GLU D 741 13.31 -27.91 -7.99
CA GLU D 741 13.56 -28.46 -9.32
C GLU D 741 14.34 -29.76 -9.17
N TRP D 742 13.63 -30.87 -9.03
CA TRP D 742 14.24 -32.18 -8.91
C TRP D 742 14.55 -32.70 -10.31
N LYS D 743 15.76 -33.23 -10.50
CA LYS D 743 16.18 -33.71 -11.81
C LYS D 743 17.33 -34.68 -11.65
N THR D 744 17.43 -35.61 -12.60
CA THR D 744 18.58 -36.51 -12.62
C THR D 744 19.79 -35.77 -13.16
N HIS D 745 20.89 -35.81 -12.42
CA HIS D 745 22.07 -35.01 -12.76
C HIS D 745 22.88 -35.72 -13.83
N VAL D 746 23.13 -35.03 -14.94
CA VAL D 746 23.86 -35.58 -16.07
C VAL D 746 25.15 -34.83 -16.33
N SER D 747 25.15 -33.51 -16.19
CA SER D 747 26.30 -32.67 -16.51
C SER D 747 27.02 -32.27 -15.23
N PHE D 748 28.28 -32.67 -15.12
CA PHE D 748 29.11 -32.31 -13.97
C PHE D 748 30.55 -32.62 -14.33
N LEU D 749 31.47 -31.89 -13.70
CA LEU D 749 32.89 -32.06 -13.98
C LEU D 749 33.46 -33.26 -13.23
N ASN D 750 33.42 -33.21 -11.90
CA ASN D 750 33.92 -34.28 -11.06
C ASN D 750 32.75 -35.11 -10.57
N GLU D 751 32.85 -36.43 -10.75
CA GLU D 751 31.78 -37.40 -10.40
C GLU D 751 31.49 -37.40 -8.90
N ASP D 752 32.48 -37.76 -8.08
CA ASP D 752 32.26 -37.83 -6.61
C ASP D 752 32.32 -36.43 -5.99
N PRO D 753 31.25 -35.96 -5.34
CA PRO D 753 31.21 -34.62 -4.74
C PRO D 753 32.21 -34.45 -3.61
N GLY D 754 32.83 -33.27 -3.48
CA GLY D 754 33.81 -33.04 -2.40
C GLY D 754 33.40 -31.89 -1.48
C36 6OU E . 1.50 27.69 44.81
C37 6OU E . 2.79 27.11 44.26
C38 6OU E . 2.50 25.76 43.59
C39 6OU E . 3.63 25.44 42.62
C40 6OU E . 3.31 24.17 41.85
C41 6OU E . 3.75 23.99 40.62
C42 6OU E . 3.41 22.70 39.88
C43 6OU E . 3.29 22.96 38.38
C44 6OU E . 3.46 21.62 37.66
C45 6OU E . 2.78 21.67 36.30
C46 6OU E . 2.26 20.28 35.96
C47 6OU E . 2.48 20.01 34.49
C48 6OU E . 1.41 19.06 33.96
C49 6OU E . 1.76 18.68 32.53
C39 6OU F . 3.39 23.00 48.20
C40 6OU F . 2.96 21.74 47.46
C41 6OU F . 3.43 21.48 46.26
C42 6OU F . 2.99 20.22 45.51
C43 6OU F . 3.33 20.36 44.04
C44 6OU F . 2.22 19.75 43.19
C45 6OU F . 2.66 19.69 41.73
C46 6OU F . 1.45 19.49 40.83
C47 6OU F . 1.07 18.01 40.79
C48 6OU F . 0.44 17.71 39.43
C49 6OU F . -0.07 16.27 39.42
C36 6OU G . -18.94 49.85 30.64
C37 6OU G . -20.16 49.20 29.98
C38 6OU G . -20.36 47.79 30.55
C39 6OU G . -20.89 46.90 29.43
C40 6OU G . -21.54 45.64 29.99
C41 6OU G . -22.36 44.97 29.20
C42 6OU G . -23.05 43.70 29.68
C43 6OU G . -24.23 43.40 28.76
C44 6OU G . -23.72 43.29 27.32
C45 6OU G . -24.77 43.88 26.38
C46 6OU G . -24.75 43.15 25.04
C47 6OU G . -25.91 42.17 24.98
C48 6OU G . -25.96 41.51 23.61
C49 6OU G . -27.19 40.61 23.52
C36 6OU H . -0.87 23.66 40.41
C37 6OU H . -1.39 22.30 39.93
C38 6OU H . -2.07 22.49 38.57
C39 6OU H . -2.05 21.15 37.82
C40 6OU H . -2.85 21.27 36.53
C41 6OU H . -2.99 20.24 35.73
C42 6OU H . -3.81 20.38 34.46
C43 6OU H . -3.90 19.03 33.75
C38 6OU I . -6.52 49.20 22.74
C39 6OU I . -6.23 47.77 23.20
C40 6OU I . -6.84 46.77 22.22
C41 6OU I . -6.48 45.51 22.29
C42 6OU I . -7.08 44.48 21.33
C43 6OU I . -6.00 43.48 20.95
C44 6OU I . -6.49 42.55 19.86
C45 6OU I . -5.30 41.80 19.28
C46 6OU I . -5.75 40.44 18.74
C47 6OU I . -6.32 40.57 17.34
C48 6OU I . -6.60 39.18 16.79
C49 6OU I . -7.40 39.29 15.50
C37 6OU J . -1.24 47.59 20.68
C38 6OU J . -2.02 46.28 20.51
C39 6OU J . -1.25 45.15 21.19
C40 6OU J . -1.92 43.81 20.85
C41 6OU J . -1.18 42.73 20.71
C42 6OU J . -1.87 41.41 20.37
C43 6OU J . -0.98 40.55 19.46
C44 6OU J . -1.71 39.24 19.19
C45 6OU J . -1.03 38.49 18.05
C46 6OU J . -2.08 37.63 17.35
C47 6OU J . -1.45 36.30 16.94
C48 6OU J . -2.14 35.77 15.69
C49 6OU J . -1.63 34.35 15.43
C36 6OU K . 24.10 56.45 -0.85
C37 6OU K . 23.54 56.17 -2.25
C38 6OU K . 22.04 56.50 -2.29
C39 6OU K . 21.38 55.58 -3.32
C40 6OU K . 19.86 55.73 -3.25
C41 6OU K . 19.13 55.29 -4.26
C42 6OU K . 19.81 54.68 -5.47
C43 6OU K . 18.85 53.76 -6.23
C44 6OU K . 19.50 53.40 -7.57
C45 6OU K . 19.09 51.99 -7.98
C46 6OU K . 19.80 51.62 -9.28
C47 6OU K . 19.02 50.49 -9.95
C48 6OU K . 19.68 50.13 -11.29
C49 6OU K . 18.67 49.39 -12.16
C36 6OU L . 8.21 13.72 59.04
C37 6OU L . 8.81 12.37 59.47
C38 6OU L . 9.49 11.70 58.28
C39 6OU L . 8.48 10.78 57.60
C40 6OU L . 9.18 9.54 57.05
C41 6OU L . 8.44 8.48 56.77
C42 6OU L . 9.08 7.22 56.21
C43 6OU L . 8.12 6.06 56.45
C44 6OU L . 7.04 6.04 55.36
C45 6OU L . 5.66 6.04 56.01
C46 6OU L . 5.11 4.62 56.06
C47 6OU L . 5.07 4.02 54.66
C48 6OU L . 4.05 2.87 54.65
C49 6OU L . 4.52 1.79 53.68
C36 6OU M . 24.06 15.17 25.46
C37 6OU M . 25.30 15.49 26.29
C38 6OU M . 25.37 17.00 26.52
C39 6OU M . 26.55 17.36 27.40
C40 6OU M . 26.17 18.58 28.23
C41 6OU M . 27.03 19.16 29.02
C42 6OU M . 28.46 18.63 29.11
C43 6OU M . 29.12 19.11 30.40
C44 6OU M . 29.12 20.64 30.49
C45 6OU M . 30.36 21.09 31.23
C46 6OU M . 30.39 20.44 32.61
C47 6OU M . 31.28 21.25 33.55
C48 6OU M . 31.59 20.44 34.80
C49 6OU M . 31.85 21.39 35.97
C38 6OU N . 29.69 13.26 26.61
C39 6OU N . 31.03 13.74 27.16
C40 6OU N . 30.82 15.10 27.83
C41 6OU N . 31.86 15.71 28.36
C42 6OU N . 31.67 17.06 29.02
C43 6OU N . 32.88 17.94 28.76
C44 6OU N . 33.84 17.86 29.95
C45 6OU N . 34.82 19.02 29.88
C46 6OU N . 35.94 18.81 30.91
C47 6OU N . 35.91 19.94 31.93
C48 6OU N . 37.22 19.94 32.72
C49 6OU N . 37.10 20.91 33.89
C36 6OU O . 27.76 36.63 8.91
C37 6OU O . 27.33 35.87 7.67
C38 6OU O . 27.42 34.37 7.94
C39 6OU O . 26.48 33.63 7.00
C40 6OU O . 26.66 32.13 7.15
C41 6OU O . 25.97 31.30 6.42
C42 6OU O . 26.17 29.79 6.59
C43 6OU O . 25.32 29.04 5.57
C36 6OU P . 29.08 42.15 11.28
C37 6OU P . 28.16 41.14 10.58
C38 6OU P . 26.86 41.04 11.37
C39 6OU P . 25.91 40.08 10.68
C40 6OU P . 24.60 40.06 11.46
C41 6OU P . 23.68 39.14 11.25
C42 6OU P . 23.89 38.07 10.19
C43 6OU P . 23.06 36.84 10.56
C44 6OU P . 22.92 35.96 9.33
C45 6OU P . 21.93 34.83 9.60
C46 6OU P . 22.05 33.82 8.46
C47 6OU P . 20.88 32.84 8.51
C48 6OU P . 21.21 31.63 7.65
C49 6OU P . 20.12 30.59 7.86
C01 6OU Q . -1.97 44.77 17.14
C02 6OU Q . -2.67 44.17 15.93
C03 6OU Q . -2.05 42.82 15.59
C04 6OU Q . -2.53 42.37 14.22
C05 6OU Q . -2.24 40.88 14.05
C06 6OU Q . -2.43 40.51 12.58
C07 6OU Q . -2.43 38.99 12.44
C08 6OU Q . -2.06 38.64 10.99
C09 6OU Q . -2.53 37.23 10.67
C36 6OU R . 28.85 46.79 7.95
C37 6OU R . 27.49 46.14 8.22
C38 6OU R . 27.08 45.31 7.00
C39 6OU R . 25.79 44.56 7.31
C40 6OU R . 25.63 43.39 6.35
C41 6OU R . 24.84 42.39 6.66
C42 6OU R . 24.69 41.23 5.69
C43 6OU R . 24.04 40.03 6.39
C44 6OU R . 24.26 38.78 5.55
C45 6OU R . 23.10 37.82 5.76
C46 6OU R . 23.46 36.44 5.25
C47 6OU R . 23.59 36.47 3.73
C48 6OU R . 23.39 35.05 3.20
C49 6OU R . 24.31 34.81 2.02
#